data_6PRB
# 
_entry.id   6PRB 
# 
_audit_conform.dict_name       mmcif_pdbx.dic 
_audit_conform.dict_version    5.380 
_audit_conform.dict_location   http://mmcif.pdb.org/dictionaries/ascii/mmcif_pdbx.dic 
# 
loop_
_database_2.database_id 
_database_2.database_code 
_database_2.pdbx_database_accession 
_database_2.pdbx_DOI 
PDB   6PRB         pdb_00006prb 10.2210/pdb6prb/pdb 
WWPDB D_1000242901 ?            ?                   
# 
_pdbx_database_status.status_code                     REL 
_pdbx_database_status.status_code_sf                  REL 
_pdbx_database_status.status_code_mr                  ? 
_pdbx_database_status.entry_id                        6PRB 
_pdbx_database_status.recvd_initial_deposition_date   2019-07-10 
_pdbx_database_status.SG_entry                        N 
_pdbx_database_status.deposit_site                    RCSB 
_pdbx_database_status.process_site                    RCSB 
_pdbx_database_status.status_code_cs                  ? 
_pdbx_database_status.status_code_nmr_data            ? 
_pdbx_database_status.methods_development_category    ? 
_pdbx_database_status.pdb_format_compatible           Y 
# 
loop_
_audit_author.name 
_audit_author.pdbx_ordinal 
_audit_author.identifier_ORCID 
'Bourne, C.R.' 1 ? 
'Thomas, L.M.' 2 ? 
# 
_citation.abstract                  ? 
_citation.abstract_id_CAS           ? 
_citation.book_id_ISBN              ? 
_citation.book_publisher            ? 
_citation.book_publisher_city       ? 
_citation.book_title                ? 
_citation.coordinate_linkage        ? 
_citation.country                   FR 
_citation.database_id_Medline       ? 
_citation.details                   ? 
_citation.id                        primary 
_citation.journal_abbrev            Eur.J.Med.Chem. 
_citation.journal_id_ASTM           EJMCA5 
_citation.journal_id_CSD            0493 
_citation.journal_id_ISSN           0223-5234 
_citation.journal_full              ? 
_citation.journal_issue             ? 
_citation.journal_volume            200 
_citation.language                  ? 
_citation.page_first                112412 
_citation.page_last                 112412 
_citation.title                     
'Inhibitor design to target a unique feature in the folate pocket of Staphylococcus aureus dihydrofolate reductase.' 
_citation.year                      2020 
_citation.database_id_CSD           ? 
_citation.pdbx_database_id_DOI      10.1016/j.ejmech.2020.112412 
_citation.pdbx_database_id_PubMed   32502861 
_citation.unpublished_flag          ? 
# 
loop_
_citation_author.citation_id 
_citation_author.name 
_citation_author.ordinal 
_citation_author.identifier_ORCID 
primary 'Muddala, N.P.' 1 ? 
primary 'White, J.C.'   2 ? 
primary 'Nammalwar, B.' 3 ? 
primary 'Pratt, I.'     4 ? 
primary 'Thomas, L.M.'  5 ? 
primary 'Bunce, R.A.'   6 ? 
primary 'Berlin, K.D.'  7 ? 
primary 'Bourne, C.R.'  8 ? 
# 
_cell.entry_id           6PRB 
_cell.length_a           79.090 
_cell.length_b           79.090 
_cell.length_c           105.652 
_cell.angle_alpha        90.00 
_cell.angle_beta         90.00 
_cell.angle_gamma        120.00 
_cell.Z_PDB              12 
_cell.pdbx_unique_axis   ? 
# 
_symmetry.entry_id                         6PRB 
_symmetry.space_group_name_H-M             'P 61 2 2' 
_symmetry.pdbx_full_space_group_name_H-M   ? 
_symmetry.cell_setting                     ? 
_symmetry.Int_Tables_number                178 
# 
loop_
_entity.id 
_entity.type 
_entity.src_method 
_entity.pdbx_description 
_entity.formula_weight 
_entity.pdbx_number_of_molecules 
_entity.pdbx_ec 
_entity.pdbx_mutation 
_entity.pdbx_fragment 
_entity.details 
1 polymer     man 'Dihydrofolate reductase' 18611.336 1   1.5.1.3 ? ? ? 
2 non-polymer syn 
;(2E)-1-[(1S)-1-cyclopropyl-6,7-dimethoxy-3,4-dihydrophthalazin-2(1H)-yl]-3-{5-[(2,4-diaminopyrimidin-5-yl)methyl]-2,3-dimethoxyphenyl}prop-2-en-1-one
;
544.602   1   ?       ? ? ? 
3 non-polymer syn 
;(2E)-1-[(1R)-1-cyclopropyl-6,7-dimethoxyphthalazin-2(1H)-yl]-3-{5-[(2,4-diaminopyrimidin-5-yl)methyl]-2,3-dimethoxyphenyl}prop-2-en-1-one
;
544.602   1   ?       ? ? ? 
4 non-polymer syn GLYCEROL 92.094    1   ?       ? ? ? 
5 non-polymer syn 'NADP NICOTINAMIDE-ADENINE-DINUCLEOTIDE PHOSPHATE' 743.405   1   ?       ? ? ? 
6 water       nat water 18.015    128 ?       ? ? ? 
# 
_entity_name_com.entity_id   1 
_entity_name_com.name        DHFR 
# 
_entity_poly.entity_id                      1 
_entity_poly.type                           'polypeptide(L)' 
_entity_poly.nstd_linkage                   no 
_entity_poly.nstd_monomer                   no 
_entity_poly.pdbx_seq_one_letter_code       
;TLSILVAHDLQRVIGFENQLPWHLPNDLKHVKKLSTGHTLVMGRKTFESIGKPLPNRRNVVLTSDTSFNVEGVDVIHSIE
DIYQLPGHVFIFGGQTLFEEMIDKVDDMYITVIEGKFRGDTFFPPYTFEDWEVASSVEGKLDEKNTIPHTFLHLIRKKLV
PR
;
_entity_poly.pdbx_seq_one_letter_code_can   
;TLSILVAHDLQRVIGFENQLPWHLPNDLKHVKKLSTGHTLVMGRKTFESIGKPLPNRRNVVLTSDTSFNVEGVDVIHSIE
DIYQLPGHVFIFGGQTLFEEMIDKVDDMYITVIEGKFRGDTFFPPYTFEDWEVASSVEGKLDEKNTIPHTFLHLIRKKLV
PR
;
_entity_poly.pdbx_strand_id                 A 
_entity_poly.pdbx_target_identifier         ? 
# 
loop_
_entity_poly_seq.entity_id 
_entity_poly_seq.num 
_entity_poly_seq.mon_id 
_entity_poly_seq.hetero 
1 1   THR n 
1 2   LEU n 
1 3   SER n 
1 4   ILE n 
1 5   LEU n 
1 6   VAL n 
1 7   ALA n 
1 8   HIS n 
1 9   ASP n 
1 10  LEU n 
1 11  GLN n 
1 12  ARG n 
1 13  VAL n 
1 14  ILE n 
1 15  GLY n 
1 16  PHE n 
1 17  GLU n 
1 18  ASN n 
1 19  GLN n 
1 20  LEU n 
1 21  PRO n 
1 22  TRP n 
1 23  HIS n 
1 24  LEU n 
1 25  PRO n 
1 26  ASN n 
1 27  ASP n 
1 28  LEU n 
1 29  LYS n 
1 30  HIS n 
1 31  VAL n 
1 32  LYS n 
1 33  LYS n 
1 34  LEU n 
1 35  SER n 
1 36  THR n 
1 37  GLY n 
1 38  HIS n 
1 39  THR n 
1 40  LEU n 
1 41  VAL n 
1 42  MET n 
1 43  GLY n 
1 44  ARG n 
1 45  LYS n 
1 46  THR n 
1 47  PHE n 
1 48  GLU n 
1 49  SER n 
1 50  ILE n 
1 51  GLY n 
1 52  LYS n 
1 53  PRO n 
1 54  LEU n 
1 55  PRO n 
1 56  ASN n 
1 57  ARG n 
1 58  ARG n 
1 59  ASN n 
1 60  VAL n 
1 61  VAL n 
1 62  LEU n 
1 63  THR n 
1 64  SER n 
1 65  ASP n 
1 66  THR n 
1 67  SER n 
1 68  PHE n 
1 69  ASN n 
1 70  VAL n 
1 71  GLU n 
1 72  GLY n 
1 73  VAL n 
1 74  ASP n 
1 75  VAL n 
1 76  ILE n 
1 77  HIS n 
1 78  SER n 
1 79  ILE n 
1 80  GLU n 
1 81  ASP n 
1 82  ILE n 
1 83  TYR n 
1 84  GLN n 
1 85  LEU n 
1 86  PRO n 
1 87  GLY n 
1 88  HIS n 
1 89  VAL n 
1 90  PHE n 
1 91  ILE n 
1 92  PHE n 
1 93  GLY n 
1 94  GLY n 
1 95  GLN n 
1 96  THR n 
1 97  LEU n 
1 98  PHE n 
1 99  GLU n 
1 100 GLU n 
1 101 MET n 
1 102 ILE n 
1 103 ASP n 
1 104 LYS n 
1 105 VAL n 
1 106 ASP n 
1 107 ASP n 
1 108 MET n 
1 109 TYR n 
1 110 ILE n 
1 111 THR n 
1 112 VAL n 
1 113 ILE n 
1 114 GLU n 
1 115 GLY n 
1 116 LYS n 
1 117 PHE n 
1 118 ARG n 
1 119 GLY n 
1 120 ASP n 
1 121 THR n 
1 122 PHE n 
1 123 PHE n 
1 124 PRO n 
1 125 PRO n 
1 126 TYR n 
1 127 THR n 
1 128 PHE n 
1 129 GLU n 
1 130 ASP n 
1 131 TRP n 
1 132 GLU n 
1 133 VAL n 
1 134 ALA n 
1 135 SER n 
1 136 SER n 
1 137 VAL n 
1 138 GLU n 
1 139 GLY n 
1 140 LYS n 
1 141 LEU n 
1 142 ASP n 
1 143 GLU n 
1 144 LYS n 
1 145 ASN n 
1 146 THR n 
1 147 ILE n 
1 148 PRO n 
1 149 HIS n 
1 150 THR n 
1 151 PHE n 
1 152 LEU n 
1 153 HIS n 
1 154 LEU n 
1 155 ILE n 
1 156 ARG n 
1 157 LYS n 
1 158 LYS n 
1 159 LEU n 
1 160 VAL n 
1 161 PRO n 
1 162 ARG n 
# 
_entity_src_gen.entity_id                          1 
_entity_src_gen.pdbx_src_id                        1 
_entity_src_gen.pdbx_alt_source_flag               sample 
_entity_src_gen.pdbx_seq_type                      'Biological sequence' 
_entity_src_gen.pdbx_beg_seq_num                   1 
_entity_src_gen.pdbx_end_seq_num                   162 
_entity_src_gen.gene_src_common_name               ? 
_entity_src_gen.gene_src_genus                     ? 
_entity_src_gen.pdbx_gene_src_gene                 folA 
_entity_src_gen.gene_src_species                   ? 
_entity_src_gen.gene_src_strain                    ? 
_entity_src_gen.gene_src_tissue                    ? 
_entity_src_gen.gene_src_tissue_fraction           ? 
_entity_src_gen.gene_src_details                   ? 
_entity_src_gen.pdbx_gene_src_fragment             ? 
_entity_src_gen.pdbx_gene_src_scientific_name      'Staphylococcus aureus' 
_entity_src_gen.pdbx_gene_src_ncbi_taxonomy_id     1280 
_entity_src_gen.pdbx_gene_src_variant              ? 
_entity_src_gen.pdbx_gene_src_cell_line            ? 
_entity_src_gen.pdbx_gene_src_atcc                 ? 
_entity_src_gen.pdbx_gene_src_organ                ? 
_entity_src_gen.pdbx_gene_src_organelle            ? 
_entity_src_gen.pdbx_gene_src_cell                 ? 
_entity_src_gen.pdbx_gene_src_cellular_location    ? 
_entity_src_gen.host_org_common_name               ? 
_entity_src_gen.pdbx_host_org_scientific_name      'Escherichia coli' 
_entity_src_gen.pdbx_host_org_ncbi_taxonomy_id     562 
_entity_src_gen.host_org_genus                     ? 
_entity_src_gen.pdbx_host_org_gene                 ? 
_entity_src_gen.pdbx_host_org_organ                ? 
_entity_src_gen.host_org_species                   ? 
_entity_src_gen.pdbx_host_org_tissue               ? 
_entity_src_gen.pdbx_host_org_tissue_fraction      ? 
_entity_src_gen.pdbx_host_org_strain               ? 
_entity_src_gen.pdbx_host_org_variant              ? 
_entity_src_gen.pdbx_host_org_cell_line            ? 
_entity_src_gen.pdbx_host_org_atcc                 ? 
_entity_src_gen.pdbx_host_org_culture_collection   ? 
_entity_src_gen.pdbx_host_org_cell                 ? 
_entity_src_gen.pdbx_host_org_organelle            ? 
_entity_src_gen.pdbx_host_org_cellular_location    ? 
_entity_src_gen.pdbx_host_org_vector_type          ? 
_entity_src_gen.pdbx_host_org_vector               ? 
_entity_src_gen.host_org_details                   ? 
_entity_src_gen.expression_system_id               ? 
_entity_src_gen.plasmid_name                       ? 
_entity_src_gen.plasmid_details                    ? 
_entity_src_gen.pdbx_description                   ? 
# 
_struct_ref.id                         1 
_struct_ref.db_name                    UNP 
_struct_ref.db_code                    DYR_STAAU 
_struct_ref.pdbx_db_accession          P0A017 
_struct_ref.pdbx_db_isoform            ? 
_struct_ref.entity_id                  1 
_struct_ref.pdbx_seq_one_letter_code   
;TLSILVAHDLQRVIGFENQLPWHLPNDLKHVKKLSTGHTLVMGRKTFESIGKPLPNRRNVVLTSDTSFNVEGVDVIHSIE
DIYQLPGHVFIFGGQTLFEEMIDKVDDMYITVIEGKFRGDTFFPPYTFEDWEVASSVEGKLDEKNTIPHTFLHLIRKK
;
_struct_ref.pdbx_align_begin           2 
# 
_struct_ref_seq.align_id                      1 
_struct_ref_seq.ref_id                        1 
_struct_ref_seq.pdbx_PDB_id_code              6PRB 
_struct_ref_seq.pdbx_strand_id                A 
_struct_ref_seq.seq_align_beg                 1 
_struct_ref_seq.pdbx_seq_align_beg_ins_code   ? 
_struct_ref_seq.seq_align_end                 158 
_struct_ref_seq.pdbx_seq_align_end_ins_code   ? 
_struct_ref_seq.pdbx_db_accession             P0A017 
_struct_ref_seq.db_align_beg                  2 
_struct_ref_seq.pdbx_db_align_beg_ins_code    ? 
_struct_ref_seq.db_align_end                  159 
_struct_ref_seq.pdbx_db_align_end_ins_code    ? 
_struct_ref_seq.pdbx_auth_seq_align_beg       1 
_struct_ref_seq.pdbx_auth_seq_align_end       158 
# 
loop_
_struct_ref_seq_dif.align_id 
_struct_ref_seq_dif.pdbx_pdb_id_code 
_struct_ref_seq_dif.mon_id 
_struct_ref_seq_dif.pdbx_pdb_strand_id 
_struct_ref_seq_dif.seq_num 
_struct_ref_seq_dif.pdbx_pdb_ins_code 
_struct_ref_seq_dif.pdbx_seq_db_name 
_struct_ref_seq_dif.pdbx_seq_db_accession_code 
_struct_ref_seq_dif.db_mon_id 
_struct_ref_seq_dif.pdbx_seq_db_seq_num 
_struct_ref_seq_dif.details 
_struct_ref_seq_dif.pdbx_auth_seq_num 
_struct_ref_seq_dif.pdbx_ordinal 
1 6PRB LEU A 159 ? UNP P0A017 ? ? 'expression tag' 159 1 
1 6PRB VAL A 160 ? UNP P0A017 ? ? 'expression tag' 160 2 
1 6PRB PRO A 161 ? UNP P0A017 ? ? 'expression tag' 161 3 
1 6PRB ARG A 162 ? UNP P0A017 ? ? 'expression tag' 162 4 
# 
loop_
_chem_comp.id 
_chem_comp.type 
_chem_comp.mon_nstd_flag 
_chem_comp.name 
_chem_comp.pdbx_synonyms 
_chem_comp.formula 
_chem_comp.formula_weight 
ALA 'L-peptide linking' y ALANINE ?                                            'C3 H7 N O2'        89.093  
ARG 'L-peptide linking' y ARGININE ?                                            'C6 H15 N4 O2 1'    175.209 
ASN 'L-peptide linking' y ASPARAGINE ?                                            'C4 H8 N2 O3'       132.118 
ASP 'L-peptide linking' y 'ASPARTIC ACID' ?                                            'C4 H7 N O4'        133.103 
GLN 'L-peptide linking' y GLUTAMINE ?                                            'C5 H10 N2 O3'      146.144 
GLU 'L-peptide linking' y 'GLUTAMIC ACID' ?                                            'C5 H9 N O4'        147.129 
GLY 'peptide linking'   y GLYCINE ?                                            'C2 H5 N O2'        75.067  
GOL non-polymer         . GLYCEROL 'GLYCERIN; PROPANE-1,2,3-TRIOL'              'C3 H8 O3'          92.094  
HIS 'L-peptide linking' y HISTIDINE ?                                            'C6 H10 N3 O2 1'    156.162 
HOH non-polymer         . WATER ?                                            'H2 O'              18.015  
ILE 'L-peptide linking' y ISOLEUCINE ?                                            'C6 H13 N O2'       131.173 
LEU 'L-peptide linking' y LEUCINE ?                                            'C6 H13 N O2'       131.173 
LYS 'L-peptide linking' y LYSINE ?                                            'C6 H15 N2 O2 1'    147.195 
MET 'L-peptide linking' y METHIONINE ?                                            'C5 H11 N O2 S'     149.211 
NAP non-polymer         . 'NADP NICOTINAMIDE-ADENINE-DINUCLEOTIDE PHOSPHATE' 
;2'-MONOPHOSPHOADENOSINE 5'-DIPHOSPHORIBOSE
;
'C21 H28 N7 O17 P3' 743.405 
OWM non-polymer         . 
;(2E)-1-[(1R)-1-cyclopropyl-6,7-dimethoxyphthalazin-2(1H)-yl]-3-{5-[(2,4-diaminopyrimidin-5-yl)methyl]-2,3-dimethoxyphenyl}prop-2-en-1-one
;
?                                            'C29 H32 N6 O5'     544.602 
PHE 'L-peptide linking' y PHENYLALANINE ?                                            'C9 H11 N O2'       165.189 
PRO 'L-peptide linking' y PROLINE ?                                            'C5 H9 N O2'        115.130 
R0Y non-polymer         . 
;(2E)-1-[(1S)-1-cyclopropyl-6,7-dimethoxy-3,4-dihydrophthalazin-2(1H)-yl]-3-{5-[(2,4-diaminopyrimidin-5-yl)methyl]-2,3-dimethoxyphenyl}prop-2-en-1-one
;
?                                            'C29 H32 N6 O5'     544.602 
SER 'L-peptide linking' y SERINE ?                                            'C3 H7 N O3'        105.093 
THR 'L-peptide linking' y THREONINE ?                                            'C4 H9 N O3'        119.119 
TRP 'L-peptide linking' y TRYPTOPHAN ?                                            'C11 H12 N2 O2'     204.225 
TYR 'L-peptide linking' y TYROSINE ?                                            'C9 H11 N O3'       181.189 
VAL 'L-peptide linking' y VALINE ?                                            'C5 H11 N O2'       117.146 
# 
_exptl.absorpt_coefficient_mu     ? 
_exptl.absorpt_correction_T_max   ? 
_exptl.absorpt_correction_T_min   ? 
_exptl.absorpt_correction_type    ? 
_exptl.absorpt_process_details    ? 
_exptl.entry_id                   6PRB 
_exptl.crystals_number            1 
_exptl.details                    ? 
_exptl.method                     'X-RAY DIFFRACTION' 
_exptl.method_details             ? 
# 
_exptl_crystal.colour                      ? 
_exptl_crystal.density_diffrn              ? 
_exptl_crystal.density_Matthews            2.56 
_exptl_crystal.density_method              ? 
_exptl_crystal.density_percent_sol         52.00 
_exptl_crystal.description                 ? 
_exptl_crystal.F_000                       ? 
_exptl_crystal.id                          1 
_exptl_crystal.preparation                 ? 
_exptl_crystal.size_max                    ? 
_exptl_crystal.size_mid                    ? 
_exptl_crystal.size_min                    ? 
_exptl_crystal.size_rad                    ? 
_exptl_crystal.colour_lustre               ? 
_exptl_crystal.colour_modifier             ? 
_exptl_crystal.colour_primary              ? 
_exptl_crystal.density_meas                ? 
_exptl_crystal.density_meas_esd            ? 
_exptl_crystal.density_meas_gt             ? 
_exptl_crystal.density_meas_lt             ? 
_exptl_crystal.density_meas_temp           ? 
_exptl_crystal.density_meas_temp_esd       ? 
_exptl_crystal.density_meas_temp_gt        ? 
_exptl_crystal.density_meas_temp_lt        ? 
_exptl_crystal.pdbx_crystal_image_url      ? 
_exptl_crystal.pdbx_crystal_image_format   ? 
_exptl_crystal.pdbx_mosaicity              ? 
_exptl_crystal.pdbx_mosaicity_esd          ? 
# 
_exptl_crystal_grow.apparatus       ? 
_exptl_crystal_grow.atmosphere      ? 
_exptl_crystal_grow.crystal_id      1 
_exptl_crystal_grow.details         ? 
_exptl_crystal_grow.method          'VAPOR DIFFUSION' 
_exptl_crystal_grow.method_ref      ? 
_exptl_crystal_grow.pH              ? 
_exptl_crystal_grow.pressure        ? 
_exptl_crystal_grow.pressure_esd    ? 
_exptl_crystal_grow.seeding         ? 
_exptl_crystal_grow.seeding_ref     ? 
_exptl_crystal_grow.temp            293 
_exptl_crystal_grow.temp_details    ? 
_exptl_crystal_grow.temp_esd        ? 
_exptl_crystal_grow.time            ? 
_exptl_crystal_grow.pdbx_details    '20% PEG6000, 0.1M MES, 0.15M Na Acetate' 
_exptl_crystal_grow.pdbx_pH_range   ? 
# 
_diffrn.ambient_environment              ? 
_diffrn.ambient_temp                     100 
_diffrn.ambient_temp_details             ? 
_diffrn.ambient_temp_esd                 ? 
_diffrn.crystal_id                       1 
_diffrn.crystal_support                  ? 
_diffrn.crystal_treatment                ? 
_diffrn.details                          ? 
_diffrn.id                               1 
_diffrn.ambient_pressure                 ? 
_diffrn.ambient_pressure_esd             ? 
_diffrn.ambient_pressure_gt              ? 
_diffrn.ambient_pressure_lt              ? 
_diffrn.ambient_temp_gt                  ? 
_diffrn.ambient_temp_lt                  ? 
_diffrn.pdbx_serial_crystal_experiment   N 
# 
_diffrn_detector.details                      ? 
_diffrn_detector.detector                     PIXEL 
_diffrn_detector.diffrn_id                    1 
_diffrn_detector.type                         'DECTRIS PILATUS 200K' 
_diffrn_detector.area_resol_mean              ? 
_diffrn_detector.dtime                        ? 
_diffrn_detector.pdbx_frames_total            ? 
_diffrn_detector.pdbx_collection_time_total   ? 
_diffrn_detector.pdbx_collection_date         2015-02-20 
_diffrn_detector.pdbx_frequency               ? 
# 
_diffrn_radiation.collimation                      ? 
_diffrn_radiation.diffrn_id                        1 
_diffrn_radiation.filter_edge                      ? 
_diffrn_radiation.inhomogeneity                    ? 
_diffrn_radiation.monochromator                    Mirrors 
_diffrn_radiation.polarisn_norm                    ? 
_diffrn_radiation.polarisn_ratio                   ? 
_diffrn_radiation.probe                            ? 
_diffrn_radiation.type                             ? 
_diffrn_radiation.xray_symbol                      ? 
_diffrn_radiation.wavelength_id                    1 
_diffrn_radiation.pdbx_monochromatic_or_laue_m_l   M 
_diffrn_radiation.pdbx_wavelength_list             ? 
_diffrn_radiation.pdbx_wavelength                  ? 
_diffrn_radiation.pdbx_diffrn_protocol             'SINGLE WAVELENGTH' 
_diffrn_radiation.pdbx_analyzer                    ? 
_diffrn_radiation.pdbx_scattering_type             x-ray 
# 
_diffrn_radiation_wavelength.id           1 
_diffrn_radiation_wavelength.wavelength   1.5418 
_diffrn_radiation_wavelength.wt           1.0 
# 
_diffrn_source.current                     ? 
_diffrn_source.details                     ? 
_diffrn_source.diffrn_id                   1 
_diffrn_source.power                       ? 
_diffrn_source.size                        ? 
_diffrn_source.source                      'ROTATING ANODE' 
_diffrn_source.target                      ? 
_diffrn_source.type                        'RIGAKU MICROMAX-007 HF' 
_diffrn_source.voltage                     ? 
_diffrn_source.take-off_angle              ? 
_diffrn_source.pdbx_wavelength_list        1.5418 
_diffrn_source.pdbx_wavelength             ? 
_diffrn_source.pdbx_synchrotron_beamline   ? 
_diffrn_source.pdbx_synchrotron_site       ? 
# 
_reflns.B_iso_Wilson_estimate            27.30 
_reflns.entry_id                         6PRB 
_reflns.data_reduction_details           ? 
_reflns.data_reduction_method            ? 
_reflns.d_resolution_high                2.00 
_reflns.d_resolution_low                 41.9 
_reflns.details                          ? 
_reflns.limit_h_max                      ? 
_reflns.limit_h_min                      ? 
_reflns.limit_k_max                      ? 
_reflns.limit_k_min                      ? 
_reflns.limit_l_max                      ? 
_reflns.limit_l_min                      ? 
_reflns.number_all                       ? 
_reflns.number_obs                       13803 
_reflns.observed_criterion               ? 
_reflns.observed_criterion_F_max         ? 
_reflns.observed_criterion_F_min         ? 
_reflns.observed_criterion_I_max         ? 
_reflns.observed_criterion_I_min         ? 
_reflns.observed_criterion_sigma_F       ? 
_reflns.observed_criterion_sigma_I       ? 
_reflns.percent_possible_obs             96.9 
_reflns.R_free_details                   ? 
_reflns.Rmerge_F_all                     ? 
_reflns.Rmerge_F_obs                     ? 
_reflns.Friedel_coverage                 ? 
_reflns.number_gt                        ? 
_reflns.threshold_expression             ? 
_reflns.pdbx_redundancy                  14.4 
_reflns.pdbx_Rmerge_I_obs                0.084 
_reflns.pdbx_Rmerge_I_all                ? 
_reflns.pdbx_Rsym_value                  ? 
_reflns.pdbx_netI_over_av_sigmaI         ? 
_reflns.pdbx_netI_over_sigmaI            37.2 
_reflns.pdbx_res_netI_over_av_sigmaI_2   ? 
_reflns.pdbx_res_netI_over_sigmaI_2      ? 
_reflns.pdbx_chi_squared                 ? 
_reflns.pdbx_scaling_rejects             ? 
_reflns.pdbx_d_res_high_opt              ? 
_reflns.pdbx_d_res_low_opt               ? 
_reflns.pdbx_d_res_opt_method            ? 
_reflns.phase_calculation_details        ? 
_reflns.pdbx_Rrim_I_all                  ? 
_reflns.pdbx_Rpim_I_all                  ? 
_reflns.pdbx_d_opt                       ? 
_reflns.pdbx_number_measured_all         ? 
_reflns.pdbx_diffrn_id                   1 
_reflns.pdbx_ordinal                     1 
_reflns.pdbx_CC_half                     0.999 
_reflns.pdbx_CC_star                     ? 
_reflns.pdbx_R_split                     ? 
# 
_reflns_shell.d_res_high                  2.0 
_reflns_shell.d_res_low                   2.03 
_reflns_shell.meanI_over_sigI_all         ? 
_reflns_shell.meanI_over_sigI_obs         ? 
_reflns_shell.number_measured_all         ? 
_reflns_shell.number_measured_obs         ? 
_reflns_shell.number_possible             ? 
_reflns_shell.number_unique_all           ? 
_reflns_shell.number_unique_obs           675 
_reflns_shell.percent_possible_all        ? 
_reflns_shell.percent_possible_obs        ? 
_reflns_shell.Rmerge_F_all                ? 
_reflns_shell.Rmerge_F_obs                ? 
_reflns_shell.Rmerge_I_all                ? 
_reflns_shell.Rmerge_I_obs                0.482 
_reflns_shell.meanI_over_sigI_gt          ? 
_reflns_shell.meanI_over_uI_all           ? 
_reflns_shell.meanI_over_uI_gt            ? 
_reflns_shell.number_measured_gt          ? 
_reflns_shell.number_unique_gt            ? 
_reflns_shell.percent_possible_gt         ? 
_reflns_shell.Rmerge_F_gt                 ? 
_reflns_shell.Rmerge_I_gt                 ? 
_reflns_shell.pdbx_redundancy             ? 
_reflns_shell.pdbx_Rsym_value             ? 
_reflns_shell.pdbx_chi_squared            ? 
_reflns_shell.pdbx_netI_over_sigmaI_all   ? 
_reflns_shell.pdbx_netI_over_sigmaI_obs   ? 
_reflns_shell.pdbx_Rrim_I_all             ? 
_reflns_shell.pdbx_Rpim_I_all             ? 
_reflns_shell.pdbx_rejects                ? 
_reflns_shell.pdbx_ordinal                1 
_reflns_shell.pdbx_diffrn_id              1 
_reflns_shell.pdbx_CC_half                0.973 
_reflns_shell.pdbx_CC_star                ? 
_reflns_shell.pdbx_R_split                ? 
# 
_refine.pdbx_refine_id                           'X-RAY DIFFRACTION' 
_refine.entry_id                                 6PRB 
_refine.pdbx_diffrn_id                           1 
_refine.pdbx_TLS_residual_ADP_flag               ? 
_refine.ls_number_reflns_obs                     13354 
_refine.ls_number_reflns_all                     ? 
_refine.pdbx_ls_sigma_I                          ? 
_refine.pdbx_ls_sigma_F                          1.33 
_refine.pdbx_data_cutoff_high_absF               ? 
_refine.pdbx_data_cutoff_low_absF                ? 
_refine.pdbx_data_cutoff_high_rms_absF           ? 
_refine.ls_d_res_low                             41.830 
_refine.ls_d_res_high                            2.000 
_refine.ls_percent_reflns_obs                    96.99 
_refine.ls_R_factor_obs                          0.1924 
_refine.ls_R_factor_all                          ? 
_refine.ls_R_factor_R_work                       0.1873 
_refine.ls_R_factor_R_free                       0.2376 
_refine.ls_R_factor_R_free_error                 ? 
_refine.ls_R_factor_R_free_error_details         ? 
_refine.ls_percent_reflns_R_free                 10.00 
_refine.ls_number_reflns_R_free                  1336 
_refine.ls_number_parameters                     ? 
_refine.ls_number_restraints                     ? 
_refine.occupancy_min                            ? 
_refine.occupancy_max                            ? 
_refine.correlation_coeff_Fo_to_Fc               ? 
_refine.correlation_coeff_Fo_to_Fc_free          ? 
_refine.B_iso_mean                               ? 
_refine.aniso_B[1][1]                            ? 
_refine.aniso_B[2][2]                            ? 
_refine.aniso_B[3][3]                            ? 
_refine.aniso_B[1][2]                            ? 
_refine.aniso_B[1][3]                            ? 
_refine.aniso_B[2][3]                            ? 
_refine.solvent_model_details                    'FLAT BULK SOLVENT MODEL' 
_refine.solvent_model_param_ksol                 ? 
_refine.solvent_model_param_bsol                 ? 
_refine.pdbx_solvent_vdw_probe_radii             1.11 
_refine.pdbx_solvent_ion_probe_radii             ? 
_refine.pdbx_solvent_shrinkage_radii             0.90 
_refine.pdbx_ls_cross_valid_method               THROUGHOUT 
_refine.details                                  ? 
_refine.pdbx_starting_model                      3M08 
_refine.pdbx_method_to_determine_struct          'MOLECULAR REPLACEMENT' 
_refine.pdbx_isotropic_thermal_model             ? 
_refine.pdbx_stereochemistry_target_values       ML 
_refine.pdbx_stereochem_target_val_spec_case     ? 
_refine.pdbx_R_Free_selection_details            ? 
_refine.pdbx_overall_ESU_R                       ? 
_refine.pdbx_overall_ESU_R_Free                  ? 
_refine.overall_SU_ML                            0.24 
_refine.pdbx_overall_phase_error                 24.40 
_refine.overall_SU_B                             ? 
_refine.overall_SU_R_Cruickshank_DPI             ? 
_refine.pdbx_overall_SU_R_free_Cruickshank_DPI   ? 
_refine.pdbx_overall_SU_R_Blow_DPI               ? 
_refine.pdbx_overall_SU_R_free_Blow_DPI          ? 
# 
_refine_hist.pdbx_refine_id                   'X-RAY DIFFRACTION' 
_refine_hist.cycle_id                         LAST 
_refine_hist.pdbx_number_atoms_protein        1314 
_refine_hist.pdbx_number_atoms_nucleic_acid   0 
_refine_hist.pdbx_number_atoms_ligand         134 
_refine_hist.number_atoms_solvent             128 
_refine_hist.number_atoms_total               1576 
_refine_hist.d_res_high                       2.000 
_refine_hist.d_res_low                        41.830 
# 
loop_
_refine_ls_restr.type 
_refine_ls_restr.dev_ideal 
_refine_ls_restr.dev_ideal_target 
_refine_ls_restr.weight 
_refine_ls_restr.number 
_refine_ls_restr.pdbx_refine_id 
_refine_ls_restr.pdbx_restraint_function 
f_bond_d           0.014  ? ? 1477 'X-RAY DIFFRACTION' ? 
f_angle_d          1.763  ? ? 2021 'X-RAY DIFFRACTION' ? 
f_dihedral_angle_d 25.076 ? ? 591  'X-RAY DIFFRACTION' ? 
f_chiral_restr     0.235  ? ? 222  'X-RAY DIFFRACTION' ? 
f_plane_restr      0.005  ? ? 247  'X-RAY DIFFRACTION' ? 
# 
loop_
_refine_ls_shell.pdbx_refine_id 
_refine_ls_shell.pdbx_total_number_of_bins_used 
_refine_ls_shell.d_res_high 
_refine_ls_shell.d_res_low 
_refine_ls_shell.number_reflns_R_work 
_refine_ls_shell.R_factor_R_work 
_refine_ls_shell.percent_reflns_obs 
_refine_ls_shell.R_factor_R_free 
_refine_ls_shell.R_factor_R_free_error 
_refine_ls_shell.percent_reflns_R_free 
_refine_ls_shell.number_reflns_R_free 
_refine_ls_shell.number_reflns_all 
_refine_ls_shell.R_factor_all 
_refine_ls_shell.R_factor_obs 
_refine_ls_shell.number_reflns_obs 
'X-RAY DIFFRACTION' . 2.0001 2.0716  1197 0.2124 99.00  0.3137 . . 132 . . . . 
'X-RAY DIFFRACTION' . 2.0716 2.1546  1197 0.1794 100.00 0.2416 . . 133 . . . . 
'X-RAY DIFFRACTION' . 2.1546 2.2526  1222 0.1904 100.00 0.2521 . . 135 . . . . 
'X-RAY DIFFRACTION' . 2.2526 2.3714  1200 0.2051 99.00  0.2782 . . 135 . . . . 
'X-RAY DIFFRACTION' . 2.3714 2.5199  1184 0.2082 97.00  0.3496 . . 129 . . . . 
'X-RAY DIFFRACTION' . 2.5199 2.7145  1125 0.2297 91.00  0.3078 . . 121 . . . . 
'X-RAY DIFFRACTION' . 2.7145 2.9876  1077 0.2201 88.00  0.2730 . . 127 . . . . 
'X-RAY DIFFRACTION' . 2.9876 3.4197  1205 0.1891 96.00  0.2240 . . 131 . . . . 
'X-RAY DIFFRACTION' . 3.4197 4.3078  1264 0.1444 100.00 0.1703 . . 140 . . . . 
'X-RAY DIFFRACTION' . 4.3078 41.8394 1347 0.1900 98.00  0.2283 . . 153 . . . . 
# 
_struct.entry_id                     6PRB 
_struct.title                        
'S. aureus dihydrofolate reductase co-crystallized with cyclopropyl-dimethyoxydihydropthalazine inhibitor and NADP(H)' 
_struct.pdbx_model_details           ? 
_struct.pdbx_formula_weight          ? 
_struct.pdbx_formula_weight_method   ? 
_struct.pdbx_model_type_details      ? 
_struct.pdbx_CASP_flag               N 
# 
_struct_keywords.entry_id        6PRB 
_struct_keywords.text            'DIHYDROFOLATE REDUCTASE, OXIDOREDUCTASE-INHIBITOR COMPLEX' 
_struct_keywords.pdbx_keywords   OXIDOREDUCTASE/INHIBITOR 
# 
loop_
_struct_asym.id 
_struct_asym.pdbx_blank_PDB_chainid_flag 
_struct_asym.pdbx_modified 
_struct_asym.entity_id 
_struct_asym.details 
A N N 1 ? 
B N N 2 ? 
C N N 3 ? 
D N N 4 ? 
E N N 5 ? 
F N N 6 ? 
# 
loop_
_struct_conf.conf_type_id 
_struct_conf.id 
_struct_conf.pdbx_PDB_helix_id 
_struct_conf.beg_label_comp_id 
_struct_conf.beg_label_asym_id 
_struct_conf.beg_label_seq_id 
_struct_conf.pdbx_beg_PDB_ins_code 
_struct_conf.end_label_comp_id 
_struct_conf.end_label_asym_id 
_struct_conf.end_label_seq_id 
_struct_conf.pdbx_end_PDB_ins_code 
_struct_conf.beg_auth_comp_id 
_struct_conf.beg_auth_asym_id 
_struct_conf.beg_auth_seq_id 
_struct_conf.end_auth_comp_id 
_struct_conf.end_auth_asym_id 
_struct_conf.end_auth_seq_id 
_struct_conf.pdbx_PDB_helix_class 
_struct_conf.details 
_struct_conf.pdbx_PDB_helix_length 
HELX_P HELX_P1 AA1 LEU A 24 ? THR A 36  ? LEU A 24 THR A 36  1 ? 13 
HELX_P HELX_P2 AA2 ARG A 44 ? GLY A 51  ? ARG A 44 GLY A 51  1 ? 8  
HELX_P HELX_P3 AA3 SER A 78 ? LEU A 85  ? SER A 78 LEU A 85  5 ? 8  
HELX_P HELX_P4 AA4 GLY A 94 ? ILE A 102 ? GLY A 94 ILE A 102 1 ? 9  
# 
_struct_conf_type.id          HELX_P 
_struct_conf_type.criteria    ? 
_struct_conf_type.reference   ? 
# 
_struct_mon_prot_cis.pdbx_id                1 
_struct_mon_prot_cis.label_comp_id          GLY 
_struct_mon_prot_cis.label_seq_id           93 
_struct_mon_prot_cis.label_asym_id          A 
_struct_mon_prot_cis.label_alt_id           . 
_struct_mon_prot_cis.pdbx_PDB_ins_code      ? 
_struct_mon_prot_cis.auth_comp_id           GLY 
_struct_mon_prot_cis.auth_seq_id            93 
_struct_mon_prot_cis.auth_asym_id           A 
_struct_mon_prot_cis.pdbx_label_comp_id_2   GLY 
_struct_mon_prot_cis.pdbx_label_seq_id_2    94 
_struct_mon_prot_cis.pdbx_label_asym_id_2   A 
_struct_mon_prot_cis.pdbx_PDB_ins_code_2    ? 
_struct_mon_prot_cis.pdbx_auth_comp_id_2    GLY 
_struct_mon_prot_cis.pdbx_auth_seq_id_2     94 
_struct_mon_prot_cis.pdbx_auth_asym_id_2    A 
_struct_mon_prot_cis.pdbx_PDB_model_num     1 
_struct_mon_prot_cis.pdbx_omega_angle       -2.95 
# 
loop_
_struct_sheet.id 
_struct_sheet.type 
_struct_sheet.number_strands 
_struct_sheet.details 
AA1 ? 8 ? 
AA2 ? 2 ? 
# 
loop_
_struct_sheet_order.sheet_id 
_struct_sheet_order.range_id_1 
_struct_sheet_order.range_id_2 
_struct_sheet_order.offset 
_struct_sheet_order.sense 
AA1 1 2 ? parallel      
AA1 2 3 ? parallel      
AA1 3 4 ? parallel      
AA1 4 5 ? parallel      
AA1 5 6 ? parallel      
AA1 6 7 ? anti-parallel 
AA1 7 8 ? anti-parallel 
AA2 1 2 ? anti-parallel 
# 
loop_
_struct_sheet_range.sheet_id 
_struct_sheet_range.id 
_struct_sheet_range.beg_label_comp_id 
_struct_sheet_range.beg_label_asym_id 
_struct_sheet_range.beg_label_seq_id 
_struct_sheet_range.pdbx_beg_PDB_ins_code 
_struct_sheet_range.end_label_comp_id 
_struct_sheet_range.end_label_asym_id 
_struct_sheet_range.end_label_seq_id 
_struct_sheet_range.pdbx_end_PDB_ins_code 
_struct_sheet_range.beg_auth_comp_id 
_struct_sheet_range.beg_auth_asym_id 
_struct_sheet_range.beg_auth_seq_id 
_struct_sheet_range.end_auth_comp_id 
_struct_sheet_range.end_auth_asym_id 
_struct_sheet_range.end_auth_seq_id 
AA1 1 ASP A 74  ? ILE A 76  ? ASP A 74  ILE A 76  
AA1 2 ARG A 58  ? LEU A 62  ? ARG A 58  LEU A 62  
AA1 3 THR A 39  ? GLY A 43  ? THR A 39  GLY A 43  
AA1 4 VAL A 89  ? GLY A 93  ? VAL A 89  GLY A 93  
AA1 5 LEU A 2   ? ASP A 9   ? LEU A 2   ASP A 9   
AA1 6 ASP A 107 ? ILE A 113 ? ASP A 107 ILE A 113 
AA1 7 HIS A 149 ? ARG A 156 ? HIS A 149 ARG A 156 
AA1 8 TRP A 131 ? GLU A 138 ? TRP A 131 GLU A 138 
AA2 1 VAL A 13  ? GLY A 15  ? VAL A 13  GLY A 15  
AA2 2 THR A 121 ? PHE A 122 ? THR A 121 PHE A 122 
# 
loop_
_pdbx_struct_sheet_hbond.sheet_id 
_pdbx_struct_sheet_hbond.range_id_1 
_pdbx_struct_sheet_hbond.range_id_2 
_pdbx_struct_sheet_hbond.range_1_label_atom_id 
_pdbx_struct_sheet_hbond.range_1_label_comp_id 
_pdbx_struct_sheet_hbond.range_1_label_asym_id 
_pdbx_struct_sheet_hbond.range_1_label_seq_id 
_pdbx_struct_sheet_hbond.range_1_PDB_ins_code 
_pdbx_struct_sheet_hbond.range_1_auth_atom_id 
_pdbx_struct_sheet_hbond.range_1_auth_comp_id 
_pdbx_struct_sheet_hbond.range_1_auth_asym_id 
_pdbx_struct_sheet_hbond.range_1_auth_seq_id 
_pdbx_struct_sheet_hbond.range_2_label_atom_id 
_pdbx_struct_sheet_hbond.range_2_label_comp_id 
_pdbx_struct_sheet_hbond.range_2_label_asym_id 
_pdbx_struct_sheet_hbond.range_2_label_seq_id 
_pdbx_struct_sheet_hbond.range_2_PDB_ins_code 
_pdbx_struct_sheet_hbond.range_2_auth_atom_id 
_pdbx_struct_sheet_hbond.range_2_auth_comp_id 
_pdbx_struct_sheet_hbond.range_2_auth_asym_id 
_pdbx_struct_sheet_hbond.range_2_auth_seq_id 
AA1 1 2 O ASP A 74  ? O ASP A 74  N ASN A 59  ? N ASN A 59  
AA1 2 3 O VAL A 60  ? O VAL A 60  N LEU A 40  ? N LEU A 40  
AA1 3 4 N VAL A 41  ? N VAL A 41  O PHE A 92  ? O PHE A 92  
AA1 4 5 O ILE A 91  ? O ILE A 91  N SER A 3   ? N SER A 3   
AA1 5 6 N ILE A 4   ? N ILE A 4   O TYR A 109 ? O TYR A 109 
AA1 6 7 N ILE A 110 ? N ILE A 110 O LEU A 152 ? O LEU A 152 
AA1 7 8 O ILE A 155 ? O ILE A 155 N GLU A 132 ? N GLU A 132 
AA2 1 2 N ILE A 14  ? N ILE A 14  O THR A 121 ? O THR A 121 
# 
loop_
_struct_site.id 
_struct_site.pdbx_evidence_code 
_struct_site.pdbx_auth_asym_id 
_struct_site.pdbx_auth_comp_id 
_struct_site.pdbx_auth_seq_id 
_struct_site.pdbx_auth_ins_code 
_struct_site.pdbx_num_residues 
_struct_site.details 
AC1 Software A R0Y 301 ? 17 'binding site for residue R0Y A 301' 
AC2 Software A OWM 302 ? 17 'binding site for residue OWM A 302' 
AC3 Software A GOL 303 ? 6  'binding site for residue GOL A 303' 
AC4 Software A NAP 304 ? 29 'binding site for residue NAP A 304' 
# 
loop_
_struct_site_gen.id 
_struct_site_gen.site_id 
_struct_site_gen.pdbx_num_res 
_struct_site_gen.label_comp_id 
_struct_site_gen.label_asym_id 
_struct_site_gen.label_seq_id 
_struct_site_gen.pdbx_auth_ins_code 
_struct_site_gen.auth_comp_id 
_struct_site_gen.auth_asym_id 
_struct_site_gen.auth_seq_id 
_struct_site_gen.label_atom_id 
_struct_site_gen.label_alt_id 
_struct_site_gen.symmetry 
_struct_site_gen.details 
1  AC1 17 LEU A 5   ? LEU A 5   . ? 1_555 ? 
2  AC1 17 VAL A 6   ? VAL A 6   . ? 1_555 ? 
3  AC1 17 ALA A 7   ? ALA A 7   . ? 1_555 ? 
4  AC1 17 ASP A 27  ? ASP A 27  . ? 1_555 ? 
5  AC1 17 LEU A 28  ? LEU A 28  . ? 1_555 ? 
6  AC1 17 VAL A 31  ? VAL A 31  . ? 1_555 ? 
7  AC1 17 SER A 49  ? SER A 49  . ? 1_555 ? 
8  AC1 17 ILE A 50  ? ILE A 50  . ? 1_555 ? 
9  AC1 17 LYS A 52  ? LYS A 52  . ? 1_555 ? 
10 AC1 17 PRO A 53  ? PRO A 53  . ? 1_555 ? 
11 AC1 17 PRO A 55  ? PRO A 55  . ? 1_555 ? 
12 AC1 17 PHE A 92  ? PHE A 92  . ? 1_555 ? 
13 AC1 17 THR A 111 ? THR A 111 . ? 1_555 ? 
14 AC1 17 OWM C .   ? OWM A 302 . ? 1_555 ? 
15 AC1 17 NAP E .   ? NAP A 304 . ? 1_555 ? 
16 AC1 17 HOH F .   ? HOH A 404 . ? 1_555 ? 
17 AC1 17 HOH F .   ? HOH A 441 . ? 1_555 ? 
18 AC2 17 LEU A 5   ? LEU A 5   . ? 1_555 ? 
19 AC2 17 VAL A 6   ? VAL A 6   . ? 1_555 ? 
20 AC2 17 ALA A 7   ? ALA A 7   . ? 1_555 ? 
21 AC2 17 ASP A 27  ? ASP A 27  . ? 1_555 ? 
22 AC2 17 LEU A 28  ? LEU A 28  . ? 1_555 ? 
23 AC2 17 VAL A 31  ? VAL A 31  . ? 1_555 ? 
24 AC2 17 SER A 49  ? SER A 49  . ? 1_555 ? 
25 AC2 17 ILE A 50  ? ILE A 50  . ? 1_555 ? 
26 AC2 17 LYS A 52  ? LYS A 52  . ? 1_555 ? 
27 AC2 17 PRO A 53  ? PRO A 53  . ? 1_555 ? 
28 AC2 17 PRO A 55  ? PRO A 55  . ? 1_555 ? 
29 AC2 17 PHE A 92  ? PHE A 92  . ? 1_555 ? 
30 AC2 17 THR A 111 ? THR A 111 . ? 1_555 ? 
31 AC2 17 R0Y B .   ? R0Y A 301 . ? 1_555 ? 
32 AC2 17 NAP E .   ? NAP A 304 . ? 1_555 ? 
33 AC2 17 HOH F .   ? HOH A 404 . ? 1_555 ? 
34 AC2 17 HOH F .   ? HOH A 441 . ? 1_555 ? 
35 AC3 6  ARG A 12  ? ARG A 12  . ? 1_555 ? 
36 AC3 6  PRO A 125 ? PRO A 125 . ? 1_555 ? 
37 AC3 6  TYR A 126 ? TYR A 126 . ? 1_555 ? 
38 AC3 6  GLU A 132 ? GLU A 132 . ? 5_554 ? 
39 AC3 6  HOH F .   ? HOH A 464 . ? 1_555 ? 
40 AC3 6  HOH F .   ? HOH A 487 . ? 1_555 ? 
41 AC4 29 VAL A 6   ? VAL A 6   . ? 1_555 ? 
42 AC4 29 ALA A 7   ? ALA A 7   . ? 1_555 ? 
43 AC4 29 ILE A 14  ? ILE A 14  . ? 1_555 ? 
44 AC4 29 GLY A 15  ? GLY A 15  . ? 1_555 ? 
45 AC4 29 ASN A 18  ? ASN A 18  . ? 1_555 ? 
46 AC4 29 GLN A 19  ? GLN A 19  . ? 1_555 ? 
47 AC4 29 LEU A 20  ? LEU A 20  . ? 1_555 ? 
48 AC4 29 GLY A 43  ? GLY A 43  . ? 1_555 ? 
49 AC4 29 ARG A 44  ? ARG A 44  . ? 1_555 ? 
50 AC4 29 LYS A 45  ? LYS A 45  . ? 1_555 ? 
51 AC4 29 THR A 46  ? THR A 46  . ? 1_555 ? 
52 AC4 29 LEU A 62  ? LEU A 62  . ? 1_555 ? 
53 AC4 29 THR A 63  ? THR A 63  . ? 1_555 ? 
54 AC4 29 SER A 64  ? SER A 64  . ? 1_555 ? 
55 AC4 29 PHE A 92  ? PHE A 92  . ? 1_555 ? 
56 AC4 29 GLY A 93  ? GLY A 93  . ? 1_555 ? 
57 AC4 29 GLY A 94  ? GLY A 94  . ? 1_555 ? 
58 AC4 29 GLN A 95  ? GLN A 95  . ? 1_555 ? 
59 AC4 29 THR A 96  ? THR A 96  . ? 1_555 ? 
60 AC4 29 LEU A 97  ? LEU A 97  . ? 1_555 ? 
61 AC4 29 GLU A 100 ? GLU A 100 . ? 1_555 ? 
62 AC4 29 THR A 121 ? THR A 121 . ? 1_555 ? 
63 AC4 29 R0Y B .   ? R0Y A 301 . ? 1_555 ? 
64 AC4 29 OWM C .   ? OWM A 302 . ? 1_555 ? 
65 AC4 29 HOH F .   ? HOH A 407 . ? 1_555 ? 
66 AC4 29 HOH F .   ? HOH A 426 . ? 1_555 ? 
67 AC4 29 HOH F .   ? HOH A 446 . ? 1_555 ? 
68 AC4 29 HOH F .   ? HOH A 448 . ? 1_555 ? 
69 AC4 29 HOH F .   ? HOH A 454 . ? 1_555 ? 
# 
_atom_sites.entry_id                    6PRB 
_atom_sites.fract_transf_matrix[1][1]   -0.00250862 
_atom_sites.fract_transf_matrix[1][2]   -0.01369674 
_atom_sites.fract_transf_matrix[1][3]   0.00438940 
_atom_sites.fract_transf_matrix[2][1]   -0.00942459 
_atom_sites.fract_transf_matrix[2][2]   -0.00257867 
_atom_sites.fract_transf_matrix[2][3]   0.01084839 
_atom_sites.fract_transf_matrix[3][1]   -0.00703809 
_atom_sites.fract_transf_matrix[3][2]   -0.00072570 
_atom_sites.fract_transf_matrix[3][3]   -0.00628688 
_atom_sites.fract_transf_vector[1]      0.170230 
_atom_sites.fract_transf_vector[2]      0.391669 
_atom_sites.fract_transf_vector[3]      -0.018304 
# 
loop_
_atom_type.symbol 
_atom_type.scat_dispersion_real 
_atom_type.scat_dispersion_imag 
_atom_type.scat_Cromer_Mann_a1 
_atom_type.scat_Cromer_Mann_a2 
_atom_type.scat_Cromer_Mann_a3 
_atom_type.scat_Cromer_Mann_a4 
_atom_type.scat_Cromer_Mann_b1 
_atom_type.scat_Cromer_Mann_b2 
_atom_type.scat_Cromer_Mann_b3 
_atom_type.scat_Cromer_Mann_b4 
_atom_type.scat_Cromer_Mann_c 
_atom_type.scat_source 
_atom_type.scat_dispersion_source 
C  ? ? 3.54356 2.42580 ? ? 25.62398 1.50364  ? ? 0.0 
;2-Gaussian fit: Grosse-Kunstleve RW, Sauter NK, Adams PD: Newsletter of the IUCr Commission on Crystallographic Computing 2004, 3, 22-31.
;
? 
N  ? ? 4.01032 2.96436 ? ? 19.97189 1.75589  ? ? 0.0 
;2-Gaussian fit: Grosse-Kunstleve RW, Sauter NK, Adams PD: Newsletter of the IUCr Commission on Crystallographic Computing 2004, 3, 22-31.
;
? 
NA ? ? 9.38062 1.54875 ? ? 3.38349  72.32734 ? ? 0.0 
;2-Gaussian fit: Grosse-Kunstleve RW, Sauter NK, Adams PD: Newsletter of the IUCr Commission on Crystallographic Computing 2004, 3, 22-31.
;
? 
O  ? ? 4.49882 3.47563 ? ? 15.80542 1.70748  ? ? 0.0 
;2-Gaussian fit: Grosse-Kunstleve RW, Sauter NK, Adams PD: Newsletter of the IUCr Commission on Crystallographic Computing 2004, 3, 22-31.
;
? 
P  ? ? 9.51135 5.44231 ? ? 1.42069  35.72801 ? ? 0.0 
;2-Gaussian fit: Grosse-Kunstleve RW, Sauter NK, Adams PD: Newsletter of the IUCr Commission on Crystallographic Computing 2004, 3, 22-31.
;
? 
S  ? ? 9.55732 6.39887 ? ? 1.23737  29.19336 ? ? 0.0 
;2-Gaussian fit: Grosse-Kunstleve RW, Sauter NK, Adams PD: Newsletter of the IUCr Commission on Crystallographic Computing 2004, 3, 22-31.
;
? 
# 
loop_
_atom_site.group_PDB 
_atom_site.id 
_atom_site.type_symbol 
_atom_site.label_atom_id 
_atom_site.label_alt_id 
_atom_site.label_comp_id 
_atom_site.label_asym_id 
_atom_site.label_entity_id 
_atom_site.label_seq_id 
_atom_site.pdbx_PDB_ins_code 
_atom_site.Cartn_x 
_atom_site.Cartn_y 
_atom_site.Cartn_z 
_atom_site.occupancy 
_atom_site.B_iso_or_equiv 
_atom_site.pdbx_formal_charge 
_atom_site.auth_seq_id 
_atom_site.auth_comp_id 
_atom_site.auth_asym_id 
_atom_site.auth_atom_id 
_atom_site.pdbx_PDB_model_num 
ATOM   1    N N   . THR A 1 1   ? -9.962  -1.966  -11.810 1.00 58.10 ? 1   THR A N   1 
ATOM   2    C CA  . THR A 1 1   ? -8.612  -1.447  -11.651 1.00 39.56 ? 1   THR A CA  1 
ATOM   3    C C   . THR A 1 1   ? -7.965  -1.979  -10.368 1.00 48.41 ? 1   THR A C   1 
ATOM   4    O O   . THR A 1 1   ? -8.566  -1.965  -9.289  1.00 38.46 ? 1   THR A O   1 
ATOM   5    C CB  . THR A 1 1   ? -8.606  0.087   -11.634 1.00 42.68 ? 1   THR A CB  1 
ATOM   6    O OG1 . THR A 1 1   ? -9.390  0.574   -12.726 1.00 57.87 ? 1   THR A OG1 1 
ATOM   7    C CG2 . THR A 1 1   ? -7.168  0.640   -11.737 1.00 39.72 ? 1   THR A CG2 1 
ATOM   8    N N   . LEU A 1 2   ? -6.735  -2.455  -10.502 1.00 38.31 ? 2   LEU A N   1 
ATOM   9    C CA  . LEU A 1 2   ? -5.983  -2.984  -9.377  1.00 32.97 ? 2   LEU A CA  1 
ATOM   10   C C   . LEU A 1 2   ? -4.736  -2.128  -9.161  1.00 24.73 ? 2   LEU A C   1 
ATOM   11   O O   . LEU A 1 2   ? -3.898  -2.013  -10.060 1.00 25.17 ? 2   LEU A O   1 
ATOM   12   C CB  . LEU A 1 2   ? -5.620  -4.443  -9.645  1.00 28.74 ? 2   LEU A CB  1 
ATOM   13   C CG  . LEU A 1 2   ? -4.962  -5.314  -8.578  1.00 35.49 ? 2   LEU A CG  1 
ATOM   14   C CD1 . LEU A 1 2   ? -5.836  -5.446  -7.351  1.00 30.15 ? 2   LEU A CD1 1 
ATOM   15   C CD2 . LEU A 1 2   ? -4.660  -6.692  -9.170  1.00 36.93 ? 2   LEU A CD2 1 
ATOM   16   N N   . SER A 1 3   ? -4.620  -1.521  -7.982  1.00 19.95 ? 3   SER A N   1 
ATOM   17   C CA  . SER A 1 3   ? -3.503  -0.612  -7.689  1.00 15.75 ? 3   SER A CA  1 
ATOM   18   C C   . SER A 1 3   ? -2.741  -1.026  -6.430  1.00 24.47 ? 3   SER A C   1 
ATOM   19   O O   . SER A 1 3   ? -3.317  -1.611  -5.517  1.00 21.37 ? 3   SER A O   1 
ATOM   20   C CB  . SER A 1 3   ? -4.001  0.818   -7.500  1.00 17.80 ? 3   SER A CB  1 
ATOM   21   O OG  . SER A 1 3   ? -4.840  1.229   -8.554  1.00 24.29 ? 3   SER A OG  1 
ATOM   22   N N   . ILE A 1 4   ? -1.457  -0.700  -6.377  1.00 19.64 ? 4   ILE A N   1 
ATOM   23   C CA  . ILE A 1 4   ? -0.717  -0.764  -5.121  1.00 19.33 ? 4   ILE A CA  1 
ATOM   24   C C   . ILE A 1 4   ? -0.819  0.579   -4.390  1.00 15.17 ? 4   ILE A C   1 
ATOM   25   O O   . ILE A 1 4   ? -0.819  1.634   -5.015  1.00 17.13 ? 4   ILE A O   1 
ATOM   26   C CB  . ILE A 1 4   ? 0.749   -1.155  -5.370  1.00 16.99 ? 4   ILE A CB  1 
ATOM   27   C CG1 . ILE A 1 4   ? 0.875   -2.682  -5.356  1.00 16.88 ? 4   ILE A CG1 1 
ATOM   28   C CG2 . ILE A 1 4   ? 1.710   -0.515  -4.347  1.00 16.37 ? 4   ILE A CG2 1 
ATOM   29   C CD1 . ILE A 1 4   ? 2.286   -3.192  -5.608  1.00 16.95 ? 4   ILE A CD1 1 
ATOM   30   N N   . LEU A 1 5   ? -0.975  0.532   -3.067  1.00 22.91 ? 5   LEU A N   1 
ATOM   31   C CA  . LEU A 1 5   ? -0.913  1.738   -2.241  1.00 14.04 ? 5   LEU A CA  1 
ATOM   32   C C   . LEU A 1 5   ? 0.109   1.502   -1.128  1.00 20.94 ? 5   LEU A C   1 
ATOM   33   O O   . LEU A 1 5   ? -0.045  0.569   -0.338  1.00 15.97 ? 5   LEU A O   1 
ATOM   34   C CB  . LEU A 1 5   ? -2.301  2.072   -1.661  1.00 15.23 ? 5   LEU A CB  1 
ATOM   35   C CG  . LEU A 1 5   ? -2.462  3.291   -0.748  1.00 19.15 ? 5   LEU A CG  1 
ATOM   36   C CD1 . LEU A 1 5   ? -1.994  4.569   -1.437  1.00 20.54 ? 5   LEU A CD1 1 
ATOM   37   C CD2 . LEU A 1 5   ? -3.938  3.445   -0.276  1.00 16.65 ? 5   LEU A CD2 1 
ATOM   38   N N   . VAL A 1 6   ? 1.159   2.317   -1.082  1.00 17.21 ? 6   VAL A N   1 
ATOM   39   C CA  . VAL A 1 6   ? 2.299   2.042   -0.208  1.00 13.98 ? 6   VAL A CA  1 
ATOM   40   C C   . VAL A 1 6   ? 3.033   3.327   0.147   1.00 20.02 ? 6   VAL A C   1 
ATOM   41   O O   . VAL A 1 6   ? 3.034   4.259   -0.633  1.00 18.47 ? 6   VAL A O   1 
ATOM   42   C CB  . VAL A 1 6   ? 3.317   1.055   -0.870  1.00 18.72 ? 6   VAL A CB  1 
ATOM   43   C CG1 . VAL A 1 6   ? 4.009   1.696   -2.087  1.00 13.01 ? 6   VAL A CG1 1 
ATOM   44   C CG2 . VAL A 1 6   ? 4.374   0.578   0.138   1.00 18.40 ? 6   VAL A CG2 1 
ATOM   45   N N   . ALA A 1 7   ? 3.637   3.362   1.332   1.00 16.97 ? 7   ALA A N   1 
ATOM   46   C CA  . ALA A 1 7   ? 4.653   4.354   1.677   1.00 13.76 ? 7   ALA A CA  1 
ATOM   47   C C   . ALA A 1 7   ? 5.977   3.626   1.903   1.00 23.86 ? 7   ALA A C   1 
ATOM   48   O O   . ALA A 1 7   ? 6.024   2.652   2.661   1.00 16.71 ? 7   ALA A O   1 
ATOM   49   C CB  . ALA A 1 7   ? 4.257   5.131   2.918   1.00 19.26 ? 7   ALA A CB  1 
ATOM   50   N N   . HIS A 1 8   ? 7.045   4.070   1.253   1.00 15.91 ? 8   HIS A N   1 
ATOM   51   C CA  . HIS A 1 8   ? 8.350   3.464   1.518   1.00 17.40 ? 8   HIS A CA  1 
ATOM   52   C C   . HIS A 1 8   ? 9.427   4.539   1.547   1.00 22.31 ? 8   HIS A C   1 
ATOM   53   O O   . HIS A 1 8   ? 9.259   5.598   0.927   1.00 19.02 ? 8   HIS A O   1 
ATOM   54   C CB  . HIS A 1 8   ? 8.666   2.368   0.490   1.00 16.25 ? 8   HIS A CB  1 
ATOM   55   C CG  . HIS A 1 8   ? 9.043   2.867   -0.877  1.00 21.30 ? 8   HIS A CG  1 
ATOM   56   N ND1 . HIS A 1 8   ? 10.146  3.667   -1.111  1.00 19.21 ? 8   HIS A ND1 1 
ATOM   57   C CD2 . HIS A 1 8   ? 8.497   2.631   -2.094  1.00 16.79 ? 8   HIS A CD2 1 
ATOM   58   C CE1 . HIS A 1 8   ? 10.246  3.919   -2.402  1.00 20.53 ? 8   HIS A CE1 1 
ATOM   59   N NE2 . HIS A 1 8   ? 9.253   3.301   -3.026  1.00 17.81 ? 8   HIS A NE2 1 
ATOM   60   N N   . ASP A 1 9   ? 10.522  4.283   2.272   1.00 17.61 ? 9   ASP A N   1 
ATOM   61   C CA  . ASP A 1 9   ? 11.542  5.309   2.454   1.00 12.31 ? 9   ASP A CA  1 
ATOM   62   C C   . ASP A 1 9   ? 12.596  5.220   1.344   1.00 17.64 ? 9   ASP A C   1 
ATOM   63   O O   . ASP A 1 9   ? 12.402  4.503   0.371   1.00 15.82 ? 9   ASP A O   1 
ATOM   64   C CB  . ASP A 1 9   ? 12.159  5.232   3.873   1.00 17.85 ? 9   ASP A CB  1 
ATOM   65   C CG  . ASP A 1 9   ? 13.185  4.087   4.057   1.00 16.59 ? 9   ASP A CG  1 
ATOM   66   O OD1 . ASP A 1 9   ? 13.424  3.293   3.132   1.00 17.45 ? 9   ASP A OD1 1 
ATOM   67   O OD2 . ASP A 1 9   ? 13.761  4.003   5.163   1.00 18.41 ? 9   ASP A OD2 1 
ATOM   68   N N   . LEU A 1 10  ? 13.695  5.955   1.488   1.00 19.11 ? 10  LEU A N   1 
ATOM   69   C CA  . LEU A 1 10  ? 14.719  6.006   0.458   1.00 18.08 ? 10  LEU A CA  1 
ATOM   70   C C   . LEU A 1 10  ? 15.347  4.628   0.187   1.00 23.04 ? 10  LEU A C   1 
ATOM   71   O O   . LEU A 1 10  ? 15.945  4.415   -0.859  1.00 21.66 ? 10  LEU A O   1 
ATOM   72   C CB  . LEU A 1 10  ? 15.800  7.013   0.851   1.00 16.87 ? 10  LEU A CB  1 
ATOM   73   C CG  . LEU A 1 10  ? 15.259  8.445   0.944   1.00 20.99 ? 10  LEU A CG  1 
ATOM   74   C CD1 . LEU A 1 10  ? 16.277  9.378   1.557   1.00 20.55 ? 10  LEU A CD1 1 
ATOM   75   C CD2 . LEU A 1 10  ? 14.812  8.922   -0.432  1.00 20.19 ? 10  LEU A CD2 1 
ATOM   76   N N   . GLN A 1 11  ? 15.205  3.698   1.128   1.00 17.02 ? 11  GLN A N   1 
ATOM   77   C CA  . GLN A 1 11  ? 15.785  2.364   0.957   1.00 20.89 ? 11  GLN A CA  1 
ATOM   78   C C   . GLN A 1 11  ? 14.704  1.300   0.773   1.00 18.65 ? 11  GLN A C   1 
ATOM   79   O O   . GLN A 1 11  ? 14.978  0.096   0.827   1.00 16.50 ? 11  GLN A O   1 
ATOM   80   C CB  . GLN A 1 11  ? 16.698  2.045   2.144   1.00 28.41 ? 11  GLN A CB  1 
ATOM   81   C CG  . GLN A 1 11  ? 17.888  3.005   2.188   1.00 39.29 ? 11  GLN A CG  1 
ATOM   82   C CD  . GLN A 1 11  ? 18.843  2.762   3.341   1.00 49.49 ? 11  GLN A CD  1 
ATOM   83   O OE1 . GLN A 1 11  ? 20.063  2.759   3.153   1.00 59.84 ? 11  GLN A OE1 1 
ATOM   84   N NE2 . GLN A 1 11  ? 18.301  2.585   4.543   1.00 32.61 ? 11  GLN A NE2 1 
ATOM   85   N N   . ARG A 1 12  ? 13.487  1.777   0.515   1.00 17.54 ? 12  ARG A N   1 
ATOM   86   C CA  . ARG A 1 12  ? 12.271  0.967   0.352   1.00 16.04 ? 12  ARG A CA  1 
ATOM   87   C C   . ARG A 1 12  ? 11.787  0.261   1.628   1.00 20.02 ? 12  ARG A C   1 
ATOM   88   O O   . ARG A 1 12  ? 11.005  -0.677  1.547   1.00 17.80 ? 12  ARG A O   1 
ATOM   89   C CB  . ARG A 1 12  ? 12.440  -0.073  -0.758  1.00 14.24 ? 12  ARG A CB  1 
ATOM   90   C CG  . ARG A 1 12  ? 12.116  0.465   -2.156  1.00 23.51 ? 12  ARG A CG  1 
ATOM   91   C CD  . ARG A 1 12  ? 12.412  -0.592  -3.219  1.00 20.64 ? 12  ARG A CD  1 
ATOM   92   N NE  . ARG A 1 12  ? 13.845  -0.865  -3.277  1.00 18.79 ? 12  ARG A NE  1 
ATOM   93   C CZ  . ARG A 1 12  ? 14.450  -1.893  -2.684  1.00 26.55 ? 12  ARG A CZ  1 
ATOM   94   N NH1 . ARG A 1 12  ? 13.746  -2.803  -2.004  1.00 16.10 ? 12  ARG A NH1 1 
ATOM   95   N NH2 . ARG A 1 12  ? 15.769  -2.021  -2.793  1.00 25.89 ? 12  ARG A NH2 1 
ATOM   96   N N   . VAL A 1 13  ? 12.219  0.734   2.789   1.00 20.47 ? 13  VAL A N   1 
ATOM   97   C CA  . VAL A 1 13  ? 11.650  0.254   4.038   1.00 21.76 ? 13  VAL A CA  1 
ATOM   98   C C   . VAL A 1 13  ? 10.175  0.627   4.089   1.00 23.15 ? 13  VAL A C   1 
ATOM   99   O O   . VAL A 1 13  ? 9.830   1.766   3.776   1.00 16.02 ? 13  VAL A O   1 
ATOM   100  C CB  . VAL A 1 13  ? 12.345  0.853   5.277   1.00 23.10 ? 13  VAL A CB  1 
ATOM   101  C CG1 . VAL A 1 13  ? 11.469  0.664   6.525   1.00 17.65 ? 13  VAL A CG1 1 
ATOM   102  C CG2 . VAL A 1 13  ? 13.735  0.248   5.479   1.00 16.07 ? 13  VAL A CG2 1 
ATOM   103  N N   . ILE A 1 14  ? 9.322   -0.320  4.488   1.00 13.53 ? 14  ILE A N   1 
ATOM   104  C CA  . ILE A 1 14  ? 7.907   -0.022  4.732   1.00 12.77 ? 14  ILE A CA  1 
ATOM   105  C C   . ILE A 1 14  ? 7.432   -0.301  6.170   1.00 20.54 ? 14  ILE A C   1 
ATOM   106  O O   . ILE A 1 14  ? 6.357   0.152   6.571   1.00 20.47 ? 14  ILE A O   1 
ATOM   107  C CB  . ILE A 1 14  ? 6.982   -0.828  3.794   1.00 14.69 ? 14  ILE A CB  1 
ATOM   108  C CG1 . ILE A 1 14  ? 7.117   -2.336  4.064   1.00 18.82 ? 14  ILE A CG1 1 
ATOM   109  C CG2 . ILE A 1 14  ? 7.251   -0.484  2.317   1.00 16.15 ? 14  ILE A CG2 1 
ATOM   110  C CD1 . ILE A 1 14  ? 6.077   -3.198  3.305   1.00 17.09 ? 14  ILE A CD1 1 
ATOM   111  N N   . GLY A 1 15  ? 8.193   -1.072  6.940   1.00 25.79 ? 15  GLY A N   1 
ATOM   112  C CA  . GLY A 1 15  ? 7.716   -1.449  8.266   1.00 23.05 ? 15  GLY A CA  1 
ATOM   113  C C   . GLY A 1 15  ? 8.848   -1.726  9.229   1.00 19.54 ? 15  GLY A C   1 
ATOM   114  O O   . GLY A 1 15  ? 9.968   -2.029  8.813   1.00 15.01 ? 15  GLY A O   1 
ATOM   115  N N   . PHE A 1 16  ? 8.561   -1.602  10.522  1.00 15.41 ? 16  PHE A N   1 
ATOM   116  C CA  . PHE A 1 16  ? 9.478   -2.092  11.541  1.00 17.41 ? 16  PHE A CA  1 
ATOM   117  C C   . PHE A 1 16  ? 8.663   -2.618  12.714  1.00 23.87 ? 16  PHE A C   1 
ATOM   118  O O   . PHE A 1 16  ? 7.809   -1.921  13.229  1.00 21.44 ? 16  PHE A O   1 
ATOM   119  C CB  . PHE A 1 16  ? 10.458  -1.005  12.003  1.00 16.02 ? 16  PHE A CB  1 
ATOM   120  C CG  . PHE A 1 16  ? 11.463  -1.492  13.016  1.00 23.15 ? 16  PHE A CG  1 
ATOM   121  C CD1 . PHE A 1 16  ? 12.388  -2.483  12.679  1.00 21.18 ? 16  PHE A CD1 1 
ATOM   122  C CD2 . PHE A 1 16  ? 11.476  -0.977  14.305  1.00 23.01 ? 16  PHE A CD2 1 
ATOM   123  C CE1 . PHE A 1 16  ? 13.311  -2.945  13.620  1.00 22.56 ? 16  PHE A CE1 1 
ATOM   124  C CE2 . PHE A 1 16  ? 12.389  -1.431  15.251  1.00 22.96 ? 16  PHE A CE2 1 
ATOM   125  C CZ  . PHE A 1 16  ? 13.314  -2.409  14.907  1.00 31.57 ? 16  PHE A CZ  1 
ATOM   126  N N   . GLU A 1 17  ? 8.935   -3.858  13.105  1.00 21.95 ? 17  GLU A N   1 
ATOM   127  C CA  . GLU A 1 17  ? 8.200   -4.520  14.180  1.00 21.56 ? 17  GLU A CA  1 
ATOM   128  C C   . GLU A 1 17  ? 6.691   -4.330  14.049  1.00 20.45 ? 17  GLU A C   1 
ATOM   129  O O   . GLU A 1 17  ? 6.030   -3.864  14.973  1.00 24.56 ? 17  GLU A O   1 
ATOM   130  C CB  . GLU A 1 17  ? 8.705   -4.021  15.530  1.00 21.65 ? 17  GLU A CB  1 
ATOM   131  C CG  . GLU A 1 17  ? 10.144  -4.457  15.772  1.00 29.16 ? 17  GLU A CG  1 
ATOM   132  C CD  . GLU A 1 17  ? 10.729  -3.974  17.088  1.00 41.12 ? 17  GLU A CD  1 
ATOM   133  O OE1 . GLU A 1 17  ? 10.141  -3.079  17.738  1.00 32.60 ? 17  GLU A OE1 1 
ATOM   134  O OE2 . GLU A 1 17  ? 11.801  -4.491  17.462  1.00 33.75 ? 17  GLU A OE2 1 
ATOM   135  N N   . ASN A 1 18  ? 6.177   -4.664  12.867  1.00 23.97 ? 18  ASN A N   1 
ATOM   136  C CA  . ASN A 1 18  ? 4.743   -4.663  12.569  1.00 30.83 ? 18  ASN A CA  1 
ATOM   137  C C   . ASN A 1 18  ? 4.061   -3.302  12.733  1.00 34.15 ? 18  ASN A C   1 
ATOM   138  O O   . ASN A 1 18  ? 2.857   -3.234  12.983  1.00 28.14 ? 18  ASN A O   1 
ATOM   139  C CB  . ASN A 1 18  ? 4.030   -5.724  13.431  1.00 22.83 ? 18  ASN A CB  1 
ATOM   140  C CG  . ASN A 1 18  ? 4.444   -7.144  13.060  1.00 56.12 ? 18  ASN A CG  1 
ATOM   141  O OD1 . ASN A 1 18  ? 4.607   -7.470  11.881  1.00 49.75 ? 18  ASN A OD1 1 
ATOM   142  N ND2 . ASN A 1 18  ? 4.643   -7.988  14.069  1.00 47.59 ? 18  ASN A ND2 1 
ATOM   143  N N   . GLN A 1 19  ? 4.836   -2.227  12.584  1.00 24.77 ? 19  GLN A N   1 
ATOM   144  C CA  . GLN A 1 19  ? 4.308   -0.857  12.547  1.00 24.63 ? 19  GLN A CA  1 
ATOM   145  C C   . GLN A 1 19  ? 4.975   -0.006  11.456  1.00 19.37 ? 19  GLN A C   1 
ATOM   146  O O   . GLN A 1 19  ? 6.034   -0.370  10.939  1.00 18.16 ? 19  GLN A O   1 
ATOM   147  C CB  . GLN A 1 19  ? 4.517   -0.170  13.894  1.00 25.43 ? 19  GLN A CB  1 
ATOM   148  C CG  . GLN A 1 19  ? 3.903   -0.914  15.060  1.00 39.91 ? 19  GLN A CG  1 
ATOM   149  C CD  . GLN A 1 19  ? 4.440   -0.428  16.378  1.00 41.26 ? 19  GLN A CD  1 
ATOM   150  O OE1 . GLN A 1 19  ? 4.274   0.740   16.733  1.00 62.09 ? 19  GLN A OE1 1 
ATOM   151  N NE2 . GLN A 1 19  ? 5.098   -1.319  17.114  1.00 79.34 ? 19  GLN A NE2 1 
ATOM   152  N N   . LEU A 1 20  ? 4.375   1.138   11.131  1.00 20.54 ? 20  LEU A N   1 
ATOM   153  C CA  . LEU A 1 20  ? 5.052   2.138   10.291  1.00 21.70 ? 20  LEU A CA  1 
ATOM   154  C C   . LEU A 1 20  ? 6.252   2.716   11.040  1.00 21.18 ? 20  LEU A C   1 
ATOM   155  O O   . LEU A 1 20  ? 6.121   3.091   12.203  1.00 22.20 ? 20  LEU A O   1 
ATOM   156  C CB  . LEU A 1 20  ? 4.087   3.268   9.900   1.00 22.27 ? 20  LEU A CB  1 
ATOM   157  C CG  . LEU A 1 20  ? 2.867   2.854   9.071   1.00 18.32 ? 20  LEU A CG  1 
ATOM   158  C CD1 . LEU A 1 20  ? 1.925   4.047   8.816   1.00 16.72 ? 20  LEU A CD1 1 
ATOM   159  C CD2 . LEU A 1 20  ? 3.328   2.236   7.767   1.00 20.01 ? 20  LEU A CD2 1 
ATOM   160  N N   . PRO A 1 21  ? 7.429   2.784   10.388  1.00 22.86 ? 21  PRO A N   1 
ATOM   161  C CA  . PRO A 1 21  ? 8.607   3.344   11.067  1.00 20.88 ? 21  PRO A CA  1 
ATOM   162  C C   . PRO A 1 21  ? 8.478   4.836   11.340  1.00 24.29 ? 21  PRO A C   1 
ATOM   163  O O   . PRO A 1 21  ? 9.177   5.355   12.218  1.00 24.33 ? 21  PRO A O   1 
ATOM   164  C CB  . PRO A 1 21  ? 9.759   3.089   10.071  1.00 19.10 ? 21  PRO A CB  1 
ATOM   165  C CG  . PRO A 1 21  ? 9.257   1.981   9.169   1.00 20.94 ? 21  PRO A CG  1 
ATOM   166  C CD  . PRO A 1 21  ? 7.766   2.220   9.068   1.00 23.72 ? 21  PRO A CD  1 
ATOM   167  N N   . TRP A 1 22  ? 7.614   5.518   10.590  1.00 22.00 ? 22  TRP A N   1 
ATOM   168  C CA  . TRP A 1 22  ? 7.474   6.970   10.691  1.00 19.14 ? 22  TRP A CA  1 
ATOM   169  C C   . TRP A 1 22  ? 6.143   7.377   11.279  1.00 23.91 ? 22  TRP A C   1 
ATOM   170  O O   . TRP A 1 22  ? 5.165   6.641   11.224  1.00 19.68 ? 22  TRP A O   1 
ATOM   171  C CB  . TRP A 1 22  ? 7.605   7.638   9.317   1.00 15.77 ? 22  TRP A CB  1 
ATOM   172  C CG  . TRP A 1 22  ? 6.898   6.851   8.265   1.00 20.51 ? 22  TRP A CG  1 
ATOM   173  C CD1 . TRP A 1 22  ? 5.562   6.888   7.942   1.00 17.53 ? 22  TRP A CD1 1 
ATOM   174  C CD2 . TRP A 1 22  ? 7.489   5.861   7.418   1.00 17.08 ? 22  TRP A CD2 1 
ATOM   175  N NE1 . TRP A 1 22  ? 5.300   5.980   6.936   1.00 18.82 ? 22  TRP A NE1 1 
ATOM   176  C CE2 . TRP A 1 22  ? 6.468   5.344   6.597   1.00 18.08 ? 22  TRP A CE2 1 
ATOM   177  C CE3 . TRP A 1 22  ? 8.797   5.382   7.258   1.00 16.97 ? 22  TRP A CE3 1 
ATOM   178  C CZ2 . TRP A 1 22  ? 6.713   4.366   5.636   1.00 18.41 ? 22  TRP A CZ2 1 
ATOM   179  C CZ3 . TRP A 1 22  ? 9.036   4.408   6.309   1.00 16.82 ? 22  TRP A CZ3 1 
ATOM   180  C CH2 . TRP A 1 22  ? 8.002   3.910   5.512   1.00 19.56 ? 22  TRP A CH2 1 
ATOM   181  N N   . HIS A 1 23  ? 6.115   8.582   11.816  1.00 24.11 ? 23  HIS A N   1 
ATOM   182  C CA  . HIS A 1 23  ? 4.857   9.193   12.198  1.00 25.83 ? 23  HIS A CA  1 
ATOM   183  C C   . HIS A 1 23  ? 4.578   10.337  11.233  1.00 27.97 ? 23  HIS A C   1 
ATOM   184  O O   . HIS A 1 23  ? 5.248   11.373  11.270  1.00 22.71 ? 23  HIS A O   1 
ATOM   185  C CB  . HIS A 1 23  ? 4.910   9.688   13.632  1.00 28.52 ? 23  HIS A CB  1 
ATOM   186  C CG  . HIS A 1 23  ? 3.649   10.354  14.064  1.00 46.83 ? 23  HIS A CG  1 
ATOM   187  N ND1 . HIS A 1 23  ? 2.534   9.647   14.447  1.00 42.05 ? 23  HIS A ND1 1 
ATOM   188  C CD2 . HIS A 1 23  ? 3.309   11.666  14.131  1.00 51.96 ? 23  HIS A CD2 1 
ATOM   189  C CE1 . HIS A 1 23  ? 1.564   10.489  14.758  1.00 59.40 ? 23  HIS A CE1 1 
ATOM   190  N NE2 . HIS A 1 23  ? 2.008   11.719  14.568  1.00 45.33 ? 23  HIS A NE2 1 
ATOM   191  N N   . LEU A 1 24  ? 3.617   10.148  10.337  1.00 16.37 ? 24  LEU A N   1 
ATOM   192  C CA  . LEU A 1 24  ? 3.375   11.167  9.324   1.00 19.23 ? 24  LEU A CA  1 
ATOM   193  C C   . LEU A 1 24  ? 1.894   11.258  8.986   1.00 22.26 ? 24  LEU A C   1 
ATOM   194  O O   . LEU A 1 24  ? 1.431   10.615  8.053   1.00 19.80 ? 24  LEU A O   1 
ATOM   195  C CB  . LEU A 1 24  ? 4.206   10.873  8.061   1.00 17.70 ? 24  LEU A CB  1 
ATOM   196  C CG  . LEU A 1 24  ? 4.179   11.911  6.932   1.00 21.41 ? 24  LEU A CG  1 
ATOM   197  C CD1 . LEU A 1 24  ? 4.685   13.264  7.421   1.00 22.72 ? 24  LEU A CD1 1 
ATOM   198  C CD2 . LEU A 1 24  ? 4.981   11.424  5.716   1.00 22.32 ? 24  LEU A CD2 1 
ATOM   199  N N   . PRO A 1 25  ? 1.144   12.062  9.761   1.00 31.13 ? 25  PRO A N   1 
ATOM   200  C CA  . PRO A 1 25  ? -0.303  12.260  9.606   1.00 31.38 ? 25  PRO A CA  1 
ATOM   201  C C   . PRO A 1 25  ? -0.752  12.532  8.165   1.00 20.50 ? 25  PRO A C   1 
ATOM   202  O O   . PRO A 1 25  ? -1.758  11.976  7.734   1.00 22.94 ? 25  PRO A O   1 
ATOM   203  C CB  . PRO A 1 25  ? -0.581  13.484  10.494  1.00 23.31 ? 25  PRO A CB  1 
ATOM   204  C CG  . PRO A 1 25  ? 0.431   13.371  11.578  1.00 40.02 ? 25  PRO A CG  1 
ATOM   205  C CD  . PRO A 1 25  ? 1.685   12.846  10.889  1.00 31.20 ? 25  PRO A CD  1 
ATOM   206  N N   . ASN A 1 26  ? -0.021  13.366  7.435   1.00 19.62 ? 26  ASN A N   1 
ATOM   207  C CA  A ASN A 1 26  ? -0.462  13.714  6.092   0.46 25.18 ? 26  ASN A CA  1 
ATOM   208  C CA  B ASN A 1 26  ? -0.357  13.719  6.058   0.54 25.16 ? 26  ASN A CA  1 
ATOM   209  C C   . ASN A 1 26  ? -0.509  12.490  5.168   1.00 26.20 ? 26  ASN A C   1 
ATOM   210  O O   . ASN A 1 26  ? -1.300  12.461  4.224   1.00 22.61 ? 26  ASN A O   1 
ATOM   211  C CB  A ASN A 1 26  ? 0.426   14.815  5.495   0.46 22.78 ? 26  ASN A CB  1 
ATOM   212  C CB  B ASN A 1 26  ? 0.724   14.638  5.476   0.54 21.67 ? 26  ASN A CB  1 
ATOM   213  C CG  A ASN A 1 26  ? 0.062   16.211  6.014   0.46 21.55 ? 26  ASN A CG  1 
ATOM   214  C CG  B ASN A 1 26  ? 0.209   15.504  4.351   0.54 20.65 ? 26  ASN A CG  1 
ATOM   215  O OD1 A ASN A 1 26  ? -0.851  16.369  6.830   0.46 31.10 ? 26  ASN A OD1 1 
ATOM   216  O OD1 B ASN A 1 26  ? -0.919  15.990  4.397   0.54 26.23 ? 26  ASN A OD1 1 
ATOM   217  N ND2 A ASN A 1 26  ? 0.779   17.223  5.544   0.46 15.44 ? 26  ASN A ND2 1 
ATOM   218  N ND2 B ASN A 1 26  ? 1.036   15.708  3.329   0.54 13.11 ? 26  ASN A ND2 1 
ATOM   219  N N   . ASP A 1 27  ? 0.291   11.470  5.448   1.00 19.63 ? 27  ASP A N   1 
ATOM   220  C CA  . ASP A 1 27  ? 0.267   10.310  4.574   1.00 21.58 ? 27  ASP A CA  1 
ATOM   221  C C   . ASP A 1 27  ? -0.950  9.449   4.841   1.00 15.50 ? 27  ASP A C   1 
ATOM   222  O O   . ASP A 1 27  ? -1.475  8.823   3.928   1.00 22.56 ? 27  ASP A O   1 
ATOM   223  C CB  . ASP A 1 27  ? 1.525   9.453   4.714   1.00 15.75 ? 27  ASP A CB  1 
ATOM   224  C CG  . ASP A 1 27  ? 1.592   8.378   3.644   1.00 30.58 ? 27  ASP A CG  1 
ATOM   225  O OD1 . ASP A 1 27  ? 1.363   8.713   2.464   1.00 30.32 ? 27  ASP A OD1 1 
ATOM   226  O OD2 . ASP A 1 27  ? 1.831   7.206   3.977   1.00 32.08 ? 27  ASP A OD2 1 
ATOM   227  N N   . LEU A 1 28  ? -1.385  9.408   6.097   1.00 21.32 ? 28  LEU A N   1 
ATOM   228  C CA  . LEU A 1 28  ? -2.568  8.644   6.436   1.00 23.69 ? 28  LEU A CA  1 
ATOM   229  C C   . LEU A 1 28  ? -3.783  9.374   5.858   1.00 25.45 ? 28  LEU A C   1 
ATOM   230  O O   . LEU A 1 28  ? -4.758  8.745   5.458   1.00 24.60 ? 28  LEU A O   1 
ATOM   231  C CB  . LEU A 1 28  ? -2.680  8.455   7.951   1.00 19.79 ? 28  LEU A CB  1 
ATOM   232  C CG  . LEU A 1 28  ? -1.474  7.738   8.581   1.00 26.87 ? 28  LEU A CG  1 
ATOM   233  C CD1 . LEU A 1 28  ? -1.686  7.512   10.068  1.00 30.05 ? 28  LEU A CD1 1 
ATOM   234  C CD2 . LEU A 1 28  ? -1.157  6.414   7.879   1.00 21.82 ? 28  LEU A CD2 1 
ATOM   235  N N   . LYS A 1 29  ? -3.703  10.703  5.801   1.00 24.70 ? 29  LYS A N   1 
ATOM   236  C CA  . LYS A 1 29  ? -4.712  11.522  5.111   1.00 23.54 ? 29  LYS A CA  1 
ATOM   237  C C   . LYS A 1 29  ? -4.779  11.185  3.621   1.00 24.68 ? 29  LYS A C   1 
ATOM   238  O O   . LYS A 1 29  ? -5.856  11.026  3.045   1.00 26.06 ? 29  LYS A O   1 
ATOM   239  C CB  . LYS A 1 29  ? -4.397  13.013  5.275   1.00 28.77 ? 29  LYS A CB  1 
ATOM   240  C CG  . LYS A 1 29  ? -4.648  13.584  6.661   1.00 42.22 ? 29  LYS A CG  1 
ATOM   241  C CD  . LYS A 1 29  ? -5.878  12.981  7.326   1.00 58.82 ? 29  LYS A CD  1 
ATOM   242  C CE  . LYS A 1 29  ? -6.639  14.051  8.099   1.00 71.14 ? 29  LYS A CE  1 
ATOM   243  N NZ  . LYS A 1 29  ? -5.708  14.911  8.891   1.00 65.68 ? 29  LYS A NZ  1 
ATOM   244  N N   . HIS A 1 30  ? -3.609  11.118  3.003   1.00 21.50 ? 30  HIS A N   1 
ATOM   245  C CA  . HIS A 1 30  ? -3.463  10.686  1.617   1.00 27.71 ? 30  HIS A CA  1 
ATOM   246  C C   . HIS A 1 30  ? -4.171  9.347   1.400   1.00 22.20 ? 30  HIS A C   1 
ATOM   247  O O   . HIS A 1 30  ? -4.984  9.184   0.476   1.00 24.17 ? 30  HIS A O   1 
ATOM   248  C CB  . HIS A 1 30  ? -1.968  10.584  1.278   1.00 22.78 ? 30  HIS A CB  1 
ATOM   249  C CG  . HIS A 1 30  ? -1.678  10.157  -0.128  1.00 26.05 ? 30  HIS A CG  1 
ATOM   250  N ND1 . HIS A 1 30  ? -2.022  10.921  -1.226  1.00 26.61 ? 30  HIS A ND1 1 
ATOM   251  C CD2 . HIS A 1 30  ? -1.031  9.072   -0.613  1.00 23.27 ? 30  HIS A CD2 1 
ATOM   252  C CE1 . HIS A 1 30  ? -1.619  10.311  -2.327  1.00 23.99 ? 30  HIS A CE1 1 
ATOM   253  N NE2 . HIS A 1 30  ? -1.008  9.192   -1.985  1.00 26.74 ? 30  HIS A NE2 1 
ATOM   254  N N   . VAL A 1 31  ? -3.869  8.396   2.270   1.00 19.96 ? 31  VAL A N   1 
ATOM   255  C CA  . VAL A 1 31  ? -4.478  7.077   2.206   1.00 18.14 ? 31  VAL A CA  1 
ATOM   256  C C   . VAL A 1 31  ? -5.998  7.175   2.297   1.00 26.47 ? 31  VAL A C   1 
ATOM   257  O O   . VAL A 1 31  ? -6.716  6.565   1.502   1.00 21.84 ? 31  VAL A O   1 
ATOM   258  C CB  . VAL A 1 31  ? -3.929  6.157   3.329   1.00 21.16 ? 31  VAL A CB  1 
ATOM   259  C CG1 . VAL A 1 31  ? -4.780  4.900   3.479   1.00 20.76 ? 31  VAL A CG1 1 
ATOM   260  C CG2 . VAL A 1 31  ? -2.475  5.789   3.036   1.00 22.12 ? 31  VAL A CG2 1 
ATOM   261  N N   . LYS A 1 32  ? -6.484  7.950   3.263   1.00 29.11 ? 32  LYS A N   1 
ATOM   262  C CA  . LYS A 1 32  ? -7.918  8.154   3.419   1.00 22.93 ? 32  LYS A CA  1 
ATOM   263  C C   . LYS A 1 32  ? -8.559  8.722   2.152   1.00 22.56 ? 32  LYS A C   1 
ATOM   264  O O   . LYS A 1 32  ? -9.587  8.223   1.687   1.00 26.05 ? 32  LYS A O   1 
ATOM   265  C CB  . LYS A 1 32  ? -8.193  9.078   4.609   1.00 32.54 ? 32  LYS A CB  1 
ATOM   266  C CG  . LYS A 1 32  ? -9.673  9.265   4.927   1.00 27.06 ? 32  LYS A CG  1 
ATOM   267  C CD  . LYS A 1 32  ? -9.850  10.431  5.877   1.00 36.45 ? 32  LYS A CD  1 
ATOM   268  C CE  . LYS A 1 32  ? -11.274 10.966  5.865   1.00 57.94 ? 32  LYS A CE  1 
ATOM   269  N NZ  . LYS A 1 32  ? -11.346 12.360  6.389   1.00 43.62 ? 32  LYS A NZ  1 
ATOM   270  N N   . LYS A 1 33  ? -7.945  9.755   1.586   1.00 30.85 ? 33  LYS A N   1 
ATOM   271  C CA  . LYS A 1 33  ? -8.484  10.372  0.375   1.00 30.10 ? 33  LYS A CA  1 
ATOM   272  C C   . LYS A 1 33  ? -8.531  9.401   -0.808  1.00 28.26 ? 33  LYS A C   1 
ATOM   273  O O   . LYS A 1 33  ? -9.543  9.313   -1.491  1.00 24.68 ? 33  LYS A O   1 
ATOM   274  C CB  . LYS A 1 33  ? -7.676  11.620  0.009   1.00 28.79 ? 33  LYS A CB  1 
ATOM   275  C CG  . LYS A 1 33  ? -7.850  12.754  1.008   1.00 46.38 ? 33  LYS A CG  1 
ATOM   276  C CD  . LYS A 1 33  ? -7.055  13.990  0.609   1.00 47.55 ? 33  LYS A CD  1 
ATOM   277  C CE  . LYS A 1 33  ? -6.999  14.994  1.756   1.00 75.56 ? 33  LYS A CE  1 
ATOM   278  N NZ  . LYS A 1 33  ? -6.958  16.411  1.280   1.00 72.51 ? 33  LYS A NZ  1 
ATOM   279  N N   . LEU A 1 34  ? -7.446  8.668   -1.040  1.00 25.87 ? 34  LEU A N   1 
ATOM   280  C CA  . LEU A 1 34  ? -7.386  7.736   -2.166  1.00 26.92 ? 34  LEU A CA  1 
ATOM   281  C C   . LEU A 1 34  ? -8.320  6.537   -2.052  1.00 25.44 ? 34  LEU A C   1 
ATOM   282  O O   . LEU A 1 34  ? -8.903  6.111   -3.055  1.00 22.69 ? 34  LEU A O   1 
ATOM   283  C CB  . LEU A 1 34  ? -5.966  7.209   -2.342  1.00 24.06 ? 34  LEU A CB  1 
ATOM   284  C CG  . LEU A 1 34  ? -4.948  8.107   -3.034  1.00 35.16 ? 34  LEU A CG  1 
ATOM   285  C CD1 . LEU A 1 34  ? -3.620  7.377   -3.091  1.00 29.65 ? 34  LEU A CD1 1 
ATOM   286  C CD2 . LEU A 1 34  ? -5.441  8.440   -4.432  1.00 32.41 ? 34  LEU A CD2 1 
ATOM   287  N N   . SER A 1 35  ? -8.448  5.976   -0.851  1.00 18.95 ? 35  SER A N   1 
ATOM   288  C CA  . SER A 1 35  ? -9.086  4.669   -0.719  1.00 21.89 ? 35  SER A CA  1 
ATOM   289  C C   . SER A 1 35  ? -10.527 4.710   -0.205  1.00 28.38 ? 35  SER A C   1 
ATOM   290  O O   . SER A 1 35  ? -11.226 3.696   -0.267  1.00 23.36 ? 35  SER A O   1 
ATOM   291  C CB  . SER A 1 35  ? -8.254  3.759   0.192   1.00 30.70 ? 35  SER A CB  1 
ATOM   292  O OG  . SER A 1 35  ? -8.202  4.263   1.522   1.00 29.63 ? 35  SER A OG  1 
ATOM   293  N N   . THR A 1 36  ? -10.979 5.852   0.311   1.00 38.49 ? 36  THR A N   1 
ATOM   294  C CA  . THR A 1 36  ? -12.362 5.926   0.796   1.00 33.29 ? 36  THR A CA  1 
ATOM   295  C C   . THR A 1 36  ? -13.325 5.640   -0.360  1.00 29.06 ? 36  THR A C   1 
ATOM   296  O O   . THR A 1 36  ? -13.153 6.146   -1.468  1.00 32.04 ? 36  THR A O   1 
ATOM   297  C CB  . THR A 1 36  ? -12.696 7.296   1.432   1.00 42.67 ? 36  THR A CB  1 
ATOM   298  O OG1 . THR A 1 36  ? -11.790 7.571   2.511   1.00 40.46 ? 36  THR A OG1 1 
ATOM   299  C CG2 . THR A 1 36  ? -14.115 7.297   1.981   1.00 35.49 ? 36  THR A CG2 1 
ATOM   300  N N   . GLY A 1 37  ? -14.314 4.789   -0.098  1.00 27.89 ? 37  GLY A N   1 
ATOM   301  C CA  . GLY A 1 37  ? -15.273 4.390   -1.111  1.00 27.24 ? 37  GLY A CA  1 
ATOM   302  C C   . GLY A 1 37  ? -14.781 3.249   -1.983  1.00 45.76 ? 37  GLY A C   1 
ATOM   303  O O   . GLY A 1 37  ? -15.474 2.829   -2.905  1.00 29.87 ? 37  GLY A O   1 
ATOM   304  N N   . HIS A 1 38  ? -13.588 2.730   -1.697  1.00 28.09 ? 38  HIS A N   1 
ATOM   305  C CA  . HIS A 1 38  ? -13.045 1.640   -2.512  1.00 25.86 ? 38  HIS A CA  1 
ATOM   306  C C   . HIS A 1 38  ? -12.712 0.423   -1.662  1.00 23.72 ? 38  HIS A C   1 
ATOM   307  O O   . HIS A 1 38  ? -13.230 0.286   -0.557  1.00 33.24 ? 38  HIS A O   1 
ATOM   308  C CB  . HIS A 1 38  ? -11.832 2.140   -3.286  1.00 21.21 ? 38  HIS A CB  1 
ATOM   309  C CG  . HIS A 1 38  ? -12.145 3.334   -4.129  1.00 30.23 ? 38  HIS A CG  1 
ATOM   310  N ND1 . HIS A 1 38  ? -12.947 3.262   -5.248  1.00 28.37 ? 38  HIS A ND1 1 
ATOM   311  C CD2 . HIS A 1 38  ? -11.825 4.643   -3.978  1.00 30.27 ? 38  HIS A CD2 1 
ATOM   312  C CE1 . HIS A 1 38  ? -13.077 4.468   -5.772  1.00 29.15 ? 38  HIS A CE1 1 
ATOM   313  N NE2 . HIS A 1 38  ? -12.404 5.323   -5.021  1.00 32.74 ? 38  HIS A NE2 1 
ATOM   314  N N   . THR A 1 39  ? -11.868 -0.462  -2.179  1.00 24.93 ? 39  THR A N   1 
ATOM   315  C CA  . THR A 1 39  ? -11.563 -1.705  -1.484  1.00 33.81 ? 39  THR A CA  1 
ATOM   316  C C   . THR A 1 39  ? -10.083 -1.801  -1.134  1.00 33.46 ? 39  THR A C   1 
ATOM   317  O O   . THR A 1 39  ? -9.223  -1.505  -1.967  1.00 28.82 ? 39  THR A O   1 
ATOM   318  C CB  . THR A 1 39  ? -11.973 -2.929  -2.334  1.00 36.83 ? 39  THR A CB  1 
ATOM   319  O OG1 . THR A 1 39  ? -13.388 -2.911  -2.549  1.00 30.76 ? 39  THR A OG1 1 
ATOM   320  C CG2 . THR A 1 39  ? -11.606 -4.220  -1.639  1.00 29.95 ? 39  THR A CG2 1 
ATOM   321  N N   . LEU A 1 40  ? -9.800  -2.195  0.107   1.00 27.04 ? 40  LEU A N   1 
ATOM   322  C CA  . LEU A 1 40  ? -8.447  -2.515  0.547   1.00 23.71 ? 40  LEU A CA  1 
ATOM   323  C C   . LEU A 1 40  ? -8.261  -4.020  0.717   1.00 27.39 ? 40  LEU A C   1 
ATOM   324  O O   . LEU A 1 40  ? -9.028  -4.667  1.426   1.00 28.30 ? 40  LEU A O   1 
ATOM   325  C CB  . LEU A 1 40  ? -8.132  -1.819  1.872   1.00 28.12 ? 40  LEU A CB  1 
ATOM   326  C CG  . LEU A 1 40  ? -8.299  -0.305  1.957   1.00 28.97 ? 40  LEU A CG  1 
ATOM   327  C CD1 . LEU A 1 40  ? -7.954  0.149   3.355   1.00 26.97 ? 40  LEU A CD1 1 
ATOM   328  C CD2 . LEU A 1 40  ? -7.393  0.360   0.960   1.00 25.93 ? 40  LEU A CD2 1 
ATOM   329  N N   . VAL A 1 41  ? -7.238  -4.559  0.066   1.00 19.63 ? 41  VAL A N   1 
ATOM   330  C CA  . VAL A 1 41  ? -6.775  -5.918  0.290   1.00 23.48 ? 41  VAL A CA  1 
ATOM   331  C C   . VAL A 1 41  ? -5.448  -5.866  1.041   1.00 29.31 ? 41  VAL A C   1 
ATOM   332  O O   . VAL A 1 41  ? -4.508  -5.224  0.582   1.00 21.13 ? 41  VAL A O   1 
ATOM   333  C CB  . VAL A 1 41  ? -6.574  -6.681  -1.034  1.00 22.47 ? 41  VAL A CB  1 
ATOM   334  C CG1 . VAL A 1 41  ? -6.006  -8.075  -0.769  1.00 25.13 ? 41  VAL A CG1 1 
ATOM   335  C CG2 . VAL A 1 41  ? -7.885  -6.754  -1.803  1.00 25.11 ? 41  VAL A CG2 1 
ATOM   336  N N   . MET A 1 42  ? -5.368  -6.531  2.192   1.00 19.32 ? 42  MET A N   1 
ATOM   337  C CA  . MET A 1 42  ? -4.147  -6.511  2.994   1.00 19.60 ? 42  MET A CA  1 
ATOM   338  C C   . MET A 1 42  ? -3.879  -7.901  3.578   1.00 27.67 ? 42  MET A C   1 
ATOM   339  O O   . MET A 1 42  ? -4.811  -8.684  3.749   1.00 26.39 ? 42  MET A O   1 
ATOM   340  C CB  . MET A 1 42  ? -4.263  -5.461  4.116   1.00 20.21 ? 42  MET A CB  1 
ATOM   341  C CG  . MET A 1 42  ? -5.199  -5.884  5.248   1.00 24.67 ? 42  MET A CG  1 
ATOM   342  S SD  . MET A 1 42  ? -5.718  -4.510  6.296   1.00 26.75 ? 42  MET A SD  1 
ATOM   343  C CE  . MET A 1 42  ? -6.911  -3.689  5.252   1.00 23.93 ? 42  MET A CE  1 
ATOM   344  N N   . GLY A 1 43  ? -2.617  -8.211  3.877   1.00 20.63 ? 43  GLY A N   1 
ATOM   345  C CA  . GLY A 1 43  ? -2.278  -9.483  4.496   1.00 21.23 ? 43  GLY A CA  1 
ATOM   346  C C   . GLY A 1 43  ? -2.659  -9.467  5.968   1.00 24.38 ? 43  GLY A C   1 
ATOM   347  O O   . GLY A 1 43  ? -2.966  -8.413  6.529   1.00 18.79 ? 43  GLY A O   1 
ATOM   348  N N   . ARG A 1 44  ? -2.643  -10.634 6.600   1.00 26.22 ? 44  ARG A N   1 
ATOM   349  C CA  . ARG A 1 44  ? -3.071  -10.735 7.987   1.00 20.50 ? 44  ARG A CA  1 
ATOM   350  C C   . ARG A 1 44  ? -2.241  -9.865  8.941   1.00 26.56 ? 44  ARG A C   1 
ATOM   351  O O   . ARG A 1 44  ? -2.793  -9.244  9.844   1.00 25.50 ? 44  ARG A O   1 
ATOM   352  C CB  . ARG A 1 44  ? -3.043  -12.200 8.439   1.00 24.60 ? 44  ARG A CB  1 
ATOM   353  C CG  . ARG A 1 44  ? -3.630  -12.435 9.823   1.00 29.37 ? 44  ARG A CG  1 
ATOM   354  C CD  . ARG A 1 44  ? -2.539  -12.489 10.889  1.00 31.56 ? 44  ARG A CD  1 
ATOM   355  N NE  . ARG A 1 44  ? -1.515  -13.497 10.614  1.00 29.20 ? 44  ARG A NE  1 
ATOM   356  C CZ  . ARG A 1 44  ? -0.390  -13.615 11.317  1.00 23.24 ? 44  ARG A CZ  1 
ATOM   357  N NH1 . ARG A 1 44  ? -0.151  -12.791 12.332  1.00 37.28 ? 44  ARG A NH1 1 
ATOM   358  N NH2 . ARG A 1 44  ? 0.501   -14.541 11.004  1.00 31.24 ? 44  ARG A NH2 1 
ATOM   359  N N   . LYS A 1 45  ? -0.925  -9.800  8.755   1.00 27.61 ? 45  LYS A N   1 
ATOM   360  C CA  . LYS A 1 45  ? -0.108  -9.073  9.728   1.00 18.44 ? 45  LYS A CA  1 
ATOM   361  C C   . LYS A 1 45  ? -0.356  -7.572  9.645   1.00 24.16 ? 45  LYS A C   1 
ATOM   362  O O   . LYS A 1 45  ? -0.385  -6.867  10.667  1.00 20.59 ? 45  LYS A O   1 
ATOM   363  C CB  . LYS A 1 45  ? 1.384   -9.383  9.535   1.00 26.90 ? 45  LYS A CB  1 
ATOM   364  C CG  . LYS A 1 45  ? 1.745   -10.848 9.784   1.00 29.72 ? 45  LYS A CG  1 
ATOM   365  C CD  . LYS A 1 45  ? 3.253   -11.063 9.732   1.00 34.06 ? 45  LYS A CD  1 
ATOM   366  C CE  . LYS A 1 45  ? 3.596   -12.535 9.796   1.00 37.27 ? 45  LYS A CE  1 
ATOM   367  N NZ  . LYS A 1 45  ? 5.054   -12.738 9.973   1.00 30.54 ? 45  LYS A NZ  1 
ATOM   368  N N   . THR A 1 46  ? -0.538  -7.080  8.425   1.00 23.84 ? 46  THR A N   1 
ATOM   369  C CA  . THR A 1 46  ? -0.873  -5.679  8.257   1.00 23.01 ? 46  THR A CA  1 
ATOM   370  C C   . THR A 1 46  ? -2.183  -5.376  8.964   1.00 24.90 ? 46  THR A C   1 
ATOM   371  O O   . THR A 1 46  ? -2.321  -4.347  9.643   1.00 20.40 ? 46  THR A O   1 
ATOM   372  C CB  . THR A 1 46  ? -0.970  -5.292  6.774   1.00 25.40 ? 46  THR A CB  1 
ATOM   373  O OG1 . THR A 1 46  ? 0.329   -5.414  6.181   1.00 22.43 ? 46  THR A OG1 1 
ATOM   374  C CG2 . THR A 1 46  ? -1.442  -3.853  6.636   1.00 29.15 ? 46  THR A CG2 1 
ATOM   375  N N   . PHE A 1 47  ? -3.148  -6.278  8.829   1.00 24.26 ? 47  PHE A N   1 
ATOM   376  C CA  . PHE A 1 47  ? -4.418  -6.026  9.472   1.00 23.20 ? 47  PHE A CA  1 
ATOM   377  C C   . PHE A 1 47  ? -4.288  -5.947  10.991  1.00 22.91 ? 47  PHE A C   1 
ATOM   378  O O   . PHE A 1 47  ? -4.875  -5.064  11.620  1.00 24.58 ? 47  PHE A O   1 
ATOM   379  C CB  . PHE A 1 47  ? -5.460  -7.082  9.121   1.00 22.85 ? 47  PHE A CB  1 
ATOM   380  C CG  . PHE A 1 47  ? -6.728  -6.906  9.897   1.00 25.43 ? 47  PHE A CG  1 
ATOM   381  C CD1 . PHE A 1 47  ? -7.590  -5.860  9.597   1.00 29.01 ? 47  PHE A CD1 1 
ATOM   382  C CD2 . PHE A 1 47  ? -7.019  -7.715  10.979  1.00 36.17 ? 47  PHE A CD2 1 
ATOM   383  C CE1 . PHE A 1 47  ? -8.738  -5.657  10.331  1.00 38.63 ? 47  PHE A CE1 1 
ATOM   384  C CE2 . PHE A 1 47  ? -8.176  -7.517  11.718  1.00 36.20 ? 47  PHE A CE2 1 
ATOM   385  C CZ  . PHE A 1 47  ? -9.032  -6.491  11.394  1.00 44.96 ? 47  PHE A CZ  1 
ATOM   386  N N   A GLU A 1 48  ? -3.532  -6.868  11.580  0.65 26.91 ? 48  GLU A N   1 
ATOM   387  N N   B GLU A 1 48  ? -3.521  -6.861  11.574  0.35 26.86 ? 48  GLU A N   1 
ATOM   388  C CA  A GLU A 1 48  ? -3.407  -6.911  13.041  0.65 26.24 ? 48  GLU A CA  1 
ATOM   389  C CA  B GLU A 1 48  ? -3.394  -6.927  13.030  0.35 26.37 ? 48  GLU A CA  1 
ATOM   390  C C   A GLU A 1 48  ? -2.678  -5.682  13.558  0.65 29.25 ? 48  GLU A C   1 
ATOM   391  C C   B GLU A 1 48  ? -2.605  -5.746  13.584  0.35 29.05 ? 48  GLU A C   1 
ATOM   392  O O   A GLU A 1 48  ? -2.931  -5.222  14.671  0.65 26.16 ? 48  GLU A O   1 
ATOM   393  O O   B GLU A 1 48  ? -2.745  -5.393  14.753  0.35 27.24 ? 48  GLU A O   1 
ATOM   394  C CB  A GLU A 1 48  ? -2.681  -8.180  13.496  0.65 28.96 ? 48  GLU A CB  1 
ATOM   395  C CB  B GLU A 1 48  ? -2.740  -8.242  13.449  0.35 28.95 ? 48  GLU A CB  1 
ATOM   396  C CG  A GLU A 1 48  ? -3.302  -9.477  12.998  0.65 25.16 ? 48  GLU A CG  1 
ATOM   397  C CG  B GLU A 1 48  ? -3.582  -9.457  13.123  0.35 26.88 ? 48  GLU A CG  1 
ATOM   398  C CD  A GLU A 1 48  ? -4.499  -9.930  13.818  0.65 37.78 ? 48  GLU A CD  1 
ATOM   399  C CD  B GLU A 1 48  ? -3.064  -10.725 13.764  0.35 25.60 ? 48  GLU A CD  1 
ATOM   400  O OE1 A GLU A 1 48  ? -5.009  -9.140  14.639  0.65 37.58 ? 48  GLU A OE1 1 
ATOM   401  O OE1 B GLU A 1 48  ? -1.907  -10.730 14.231  0.35 37.85 ? 48  GLU A OE1 1 
ATOM   402  O OE2 A GLU A 1 48  ? -4.940  -11.084 13.631  0.65 43.84 ? 48  GLU A OE2 1 
ATOM   403  O OE2 B GLU A 1 48  ? -3.819  -11.719 13.805  0.35 27.40 ? 48  GLU A OE2 1 
ATOM   404  N N   . SER A 1 49  ? -1.784  -5.133  12.740  1.00 25.21 ? 49  SER A N   1 
ATOM   405  C CA  . SER A 1 49  ? -1.060  -3.933  13.131  1.00 27.07 ? 49  SER A CA  1 
ATOM   406  C C   . SER A 1 49  ? -2.004  -2.758  13.314  1.00 32.73 ? 49  SER A C   1 
ATOM   407  O O   . SER A 1 49  ? -1.929  -2.031  14.305  1.00 33.82 ? 49  SER A O   1 
ATOM   408  C CB  . SER A 1 49  ? -0.009  -3.552  12.102  1.00 27.55 ? 49  SER A CB  1 
ATOM   409  O OG  . SER A 1 49  ? 0.572   -2.322  12.502  1.00 30.61 ? 49  SER A OG  1 
ATOM   410  N N   . ILE A 1 50  ? -2.870  -2.563  12.328  1.00 22.54 ? 50  ILE A N   1 
ATOM   411  C CA  . ILE A 1 50  ? -3.897  -1.530  12.397  1.00 20.55 ? 50  ILE A CA  1 
ATOM   412  C C   . ILE A 1 50  ? -4.924  -1.873  13.494  1.00 28.66 ? 50  ILE A C   1 
ATOM   413  O O   . ILE A 1 50  ? -5.361  -0.997  14.237  1.00 37.44 ? 50  ILE A O   1 
ATOM   414  C CB  . ILE A 1 50  ? -4.595  -1.365  11.040  1.00 23.33 ? 50  ILE A CB  1 
ATOM   415  C CG1 . ILE A 1 50  ? -3.570  -0.983  9.966   1.00 24.18 ? 50  ILE A CG1 1 
ATOM   416  C CG2 . ILE A 1 50  ? -5.662  -0.285  11.110  1.00 30.81 ? 50  ILE A CG2 1 
ATOM   417  C CD1 . ILE A 1 50  ? -4.129  -1.020  8.569   1.00 32.20 ? 50  ILE A CD1 1 
ATOM   418  N N   . GLY A 1 51  ? -5.293  -3.147  13.598  1.00 30.06 ? 51  GLY A N   1 
ATOM   419  C CA  . GLY A 1 51  ? -6.118  -3.611  14.710  1.00 31.35 ? 51  GLY A CA  1 
ATOM   420  C C   . GLY A 1 51  ? -7.617  -3.651  14.453  1.00 56.54 ? 51  GLY A C   1 
ATOM   421  O O   . GLY A 1 51  ? -8.326  -4.480  15.025  1.00 44.16 ? 51  GLY A O   1 
ATOM   422  N N   . LYS A 1 52  ? -8.100  -2.757  13.595  1.00 35.68 ? 52  LYS A N   1 
ATOM   423  C CA  . LYS A 1 52  ? -9.519  -2.699  13.250  1.00 39.87 ? 52  LYS A CA  1 
ATOM   424  C C   . LYS A 1 52  ? -9.693  -2.273  11.791  1.00 38.08 ? 52  LYS A C   1 
ATOM   425  O O   . LYS A 1 52  ? -8.767  -1.723  11.206  1.00 34.40 ? 52  LYS A O   1 
ATOM   426  C CB  . LYS A 1 52  ? -10.242 -1.746  14.204  1.00 50.36 ? 52  LYS A CB  1 
ATOM   427  C CG  . LYS A 1 52  ? -9.434  -0.519  14.591  1.00 67.70 ? 52  LYS A CG  1 
ATOM   428  C CD  . LYS A 1 52  ? -10.150 0.277   15.673  1.00 79.00 ? 52  LYS A CD  1 
ATOM   429  C CE  . LYS A 1 52  ? -10.608 -0.611  16.824  1.00 76.39 ? 52  LYS A CE  1 
ATOM   430  N NZ  . LYS A 1 52  ? -11.320 0.177   17.872  1.00 69.21 ? 52  LYS A NZ  1 
ATOM   431  N N   . PRO A 1 53  ? -10.867 -2.544  11.189  1.00 36.39 ? 53  PRO A N   1 
ATOM   432  C CA  . PRO A 1 53  ? -11.029 -2.178  9.776   1.00 36.33 ? 53  PRO A CA  1 
ATOM   433  C C   . PRO A 1 53  ? -11.068 -0.666  9.608   1.00 26.80 ? 53  PRO A C   1 
ATOM   434  O O   . PRO A 1 53  ? -11.505 0.030   10.523  1.00 34.04 ? 53  PRO A O   1 
ATOM   435  C CB  . PRO A 1 53  ? -12.380 -2.799  9.386   1.00 38.85 ? 53  PRO A CB  1 
ATOM   436  C CG  . PRO A 1 53  ? -12.791 -3.662  10.551  1.00 39.46 ? 53  PRO A CG  1 
ATOM   437  C CD  . PRO A 1 53  ? -12.099 -3.125  11.752  1.00 34.54 ? 53  PRO A CD  1 
ATOM   438  N N   . LEU A 1 54  ? -10.604 -0.164  8.468   1.00 26.34 ? 54  LEU A N   1 
ATOM   439  C CA  . LEU A 1 54  ? -10.651 1.266   8.209   1.00 30.72 ? 54  LEU A CA  1 
ATOM   440  C C   . LEU A 1 54  ? -12.051 1.618   7.736   1.00 31.94 ? 54  LEU A C   1 
ATOM   441  O O   . LEU A 1 54  ? -12.617 0.922   6.894   1.00 28.15 ? 54  LEU A O   1 
ATOM   442  C CB  . LEU A 1 54  ? -9.607  1.683   7.172   1.00 27.82 ? 54  LEU A CB  1 
ATOM   443  C CG  . LEU A 1 54  ? -8.133  1.518   7.540   1.00 33.12 ? 54  LEU A CG  1 
ATOM   444  C CD1 . LEU A 1 54  ? -7.268  2.165   6.463   1.00 39.72 ? 54  LEU A CD1 1 
ATOM   445  C CD2 . LEU A 1 54  ? -7.837  2.135   8.890   1.00 37.07 ? 54  LEU A CD2 1 
ATOM   446  N N   . PRO A 1 55  ? -12.625 2.690   8.291   1.00 37.81 ? 55  PRO A N   1 
ATOM   447  C CA  . PRO A 1 55  ? -14.038 2.959   8.009   1.00 32.34 ? 55  PRO A CA  1 
ATOM   448  C C   . PRO A 1 55  ? -14.294 3.477   6.599   1.00 38.30 ? 55  PRO A C   1 
ATOM   449  O O   . PRO A 1 55  ? -13.387 4.021   5.958   1.00 33.61 ? 55  PRO A O   1 
ATOM   450  C CB  . PRO A 1 55  ? -14.410 4.015   9.058   1.00 44.41 ? 55  PRO A CB  1 
ATOM   451  C CG  . PRO A 1 55  ? -13.122 4.655   9.444   1.00 38.92 ? 55  PRO A CG  1 
ATOM   452  C CD  . PRO A 1 55  ? -12.076 3.584   9.325   1.00 46.11 ? 55  PRO A CD  1 
ATOM   453  N N   . ASN A 1 56  ? -15.525 3.275   6.132   1.00 39.26 ? 56  ASN A N   1 
ATOM   454  C CA  . ASN A 1 56  ? -16.028 3.868   4.895   1.00 36.32 ? 56  ASN A CA  1 
ATOM   455  C C   . ASN A 1 56  ? -15.353 3.304   3.648   1.00 41.22 ? 56  ASN A C   1 
ATOM   456  O O   . ASN A 1 56  ? -15.162 4.005   2.652   1.00 44.44 ? 56  ASN A O   1 
ATOM   457  C CB  . ASN A 1 56  ? -15.873 5.387   4.953   1.00 36.02 ? 56  ASN A CB  1 
ATOM   458  C CG  . ASN A 1 56  ? -16.380 5.959   6.259   1.00 33.52 ? 56  ASN A CG  1 
ATOM   459  O OD1 . ASN A 1 56  ? -17.415 5.525   6.770   1.00 50.70 ? 56  ASN A OD1 1 
ATOM   460  N ND2 . ASN A 1 56  ? -15.640 6.909   6.827   1.00 40.51 ? 56  ASN A ND2 1 
ATOM   461  N N   . ARG A 1 57  ? -14.997 2.026   3.720   1.00 37.82 ? 57  ARG A N   1 
ATOM   462  C CA  . ARG A 1 57  ? -14.443 1.307   2.583   1.00 27.20 ? 57  ARG A CA  1 
ATOM   463  C C   . ARG A 1 57  ? -14.467 -0.181  2.892   1.00 29.66 ? 57  ARG A C   1 
ATOM   464  O O   . ARG A 1 57  ? -14.527 -0.566  4.056   1.00 33.37 ? 57  ARG A O   1 
ATOM   465  C CB  . ARG A 1 57  ? -13.016 1.792   2.278   1.00 34.28 ? 57  ARG A CB  1 
ATOM   466  C CG  . ARG A 1 57  ? -11.973 1.385   3.292   1.00 19.93 ? 57  ARG A CG  1 
ATOM   467  C CD  . ARG A 1 57  ? -10.856 2.418   3.352   1.00 33.55 ? 57  ARG A CD  1 
ATOM   468  N NE  . ARG A 1 57  ? -11.159 3.489   4.295   1.00 30.98 ? 57  ARG A NE  1 
ATOM   469  C CZ  . ARG A 1 57  ? -10.260 4.351   4.766   1.00 51.92 ? 57  ARG A CZ  1 
ATOM   470  N NH1 . ARG A 1 57  ? -8.995  4.283   4.368   1.00 42.47 ? 57  ARG A NH1 1 
ATOM   471  N NH2 . ARG A 1 57  ? -10.621 5.287   5.636   1.00 34.03 ? 57  ARG A NH2 1 
ATOM   472  N N   . ARG A 1 58  ? -14.443 -1.021  1.860   1.00 26.53 ? 58  ARG A N   1 
ATOM   473  C CA  . ARG A 1 58  ? -14.378 -2.460  2.076   1.00 28.15 ? 58  ARG A CA  1 
ATOM   474  C C   . ARG A 1 58  ? -12.971 -2.889  2.496   1.00 37.30 ? 58  ARG A C   1 
ATOM   475  O O   . ARG A 1 58  ? -11.987 -2.575  1.815   1.00 31.11 ? 58  ARG A O   1 
ATOM   476  C CB  . ARG A 1 58  ? -14.793 -3.214  0.816   1.00 28.56 ? 58  ARG A CB  1 
ATOM   477  C CG  . ARG A 1 58  ? -14.844 -4.713  0.964   1.00 31.88 ? 58  ARG A CG  1 
ATOM   478  C CD  . ARG A 1 58  ? -15.205 -5.366  -0.367  1.00 35.28 ? 58  ARG A CD  1 
ATOM   479  N NE  . ARG A 1 58  ? -15.520 -6.784  -0.222  1.00 31.75 ? 58  ARG A NE  1 
ATOM   480  C CZ  . ARG A 1 58  ? -15.916 -7.567  -1.219  1.00 30.30 ? 58  ARG A CZ  1 
ATOM   481  N NH1 . ARG A 1 58  ? -16.048 -7.079  -2.440  1.00 32.55 ? 58  ARG A NH1 1 
ATOM   482  N NH2 . ARG A 1 58  ? -16.186 -8.840  -0.993  1.00 38.76 ? 58  ARG A NH2 1 
ATOM   483  N N   . ASN A 1 59  ? -12.889 -3.605  3.617   1.00 25.23 ? 59  ASN A N   1 
ATOM   484  C CA  . ASN A 1 59  ? -11.638 -4.190  4.095   1.00 26.43 ? 59  ASN A CA  1 
ATOM   485  C C   . ASN A 1 59  ? -11.578 -5.679  3.828   1.00 37.76 ? 59  ASN A C   1 
ATOM   486  O O   . ASN A 1 59  ? -12.368 -6.450  4.383   1.00 31.64 ? 59  ASN A O   1 
ATOM   487  C CB  . ASN A 1 59  ? -11.456 -3.952  5.597   1.00 22.32 ? 59  ASN A CB  1 
ATOM   488  C CG  . ASN A 1 59  ? -11.223 -2.502  5.936   1.00 28.71 ? 59  ASN A CG  1 
ATOM   489  O OD1 . ASN A 1 59  ? -10.133 -2.124  6.369   1.00 25.38 ? 59  ASN A OD1 1 
ATOM   490  N ND2 . ASN A 1 59  ? -12.252 -1.675  5.757   1.00 28.22 ? 59  ASN A ND2 1 
ATOM   491  N N   . VAL A 1 60  ? -10.630 -6.084  2.991   1.00 28.59 ? 60  VAL A N   1 
ATOM   492  C CA  . VAL A 1 60  ? -10.418 -7.496  2.687   1.00 20.86 ? 60  VAL A CA  1 
ATOM   493  C C   . VAL A 1 60  ? -9.067  -7.944  3.244   1.00 35.96 ? 60  VAL A C   1 
ATOM   494  O O   . VAL A 1 60  ? -8.040  -7.290  3.016   1.00 22.03 ? 60  VAL A O   1 
ATOM   495  C CB  . VAL A 1 60  ? -10.501 -7.754  1.175   1.00 21.02 ? 60  VAL A CB  1 
ATOM   496  C CG1 . VAL A 1 60  ? -10.255 -9.215  0.841   1.00 21.79 ? 60  VAL A CG1 1 
ATOM   497  C CG2 . VAL A 1 60  ? -11.857 -7.289  0.638   1.00 23.57 ? 60  VAL A CG2 1 
ATOM   498  N N   . VAL A 1 61  ? -9.078  -9.036  4.007   1.00 25.21 ? 61  VAL A N   1 
ATOM   499  C CA  . VAL A 1 61  ? -7.855  -9.560  4.608   1.00 26.76 ? 61  VAL A CA  1 
ATOM   500  C C   . VAL A 1 61  ? -7.540  -10.934 4.026   1.00 26.67 ? 61  VAL A C   1 
ATOM   501  O O   . VAL A 1 61  ? -8.415  -11.800 3.975   1.00 29.01 ? 61  VAL A O   1 
ATOM   502  C CB  . VAL A 1 61  ? -7.974  -9.646  6.153   1.00 28.51 ? 61  VAL A CB  1 
ATOM   503  C CG1 . VAL A 1 61  ? -6.815  -10.421 6.757   1.00 27.39 ? 61  VAL A CG1 1 
ATOM   504  C CG2 . VAL A 1 61  ? -8.042  -8.254  6.754   1.00 17.79 ? 61  VAL A CG2 1 
ATOM   505  N N   . LEU A 1 62  ? -6.301  -11.110 3.552   1.00 24.85 ? 62  LEU A N   1 
ATOM   506  C CA  . LEU A 1 62  ? -5.834  -12.389 3.013   1.00 17.13 ? 62  LEU A CA  1 
ATOM   507  C C   . LEU A 1 62  ? -5.088  -13.181 4.082   1.00 27.25 ? 62  LEU A C   1 
ATOM   508  O O   . LEU A 1 62  ? -4.140  -12.686 4.700   1.00 21.29 ? 62  LEU A O   1 
ATOM   509  C CB  . LEU A 1 62  ? -4.933  -12.169 1.786   1.00 29.87 ? 62  LEU A CB  1 
ATOM   510  C CG  . LEU A 1 62  ? -4.247  -13.381 1.149   1.00 29.02 ? 62  LEU A CG  1 
ATOM   511  C CD1 . LEU A 1 62  ? -5.265  -14.407 0.653   1.00 28.29 ? 62  LEU A CD1 1 
ATOM   512  C CD2 . LEU A 1 62  ? -3.336  -12.957 -0.004  1.00 24.14 ? 62  LEU A CD2 1 
ATOM   513  N N   . THR A 1 63  ? -5.527  -14.417 4.307   1.00 31.44 ? 63  THR A N   1 
ATOM   514  C CA  . THR A 1 63  ? -4.928  -15.248 5.347   1.00 20.92 ? 63  THR A CA  1 
ATOM   515  C C   . THR A 1 63  ? -5.206  -16.722 5.068   1.00 20.74 ? 63  THR A C   1 
ATOM   516  O O   . THR A 1 63  ? -6.204  -17.059 4.433   1.00 33.41 ? 63  THR A O   1 
ATOM   517  C CB  . THR A 1 63  ? -5.462  -14.866 6.749   1.00 34.25 ? 63  THR A CB  1 
ATOM   518  O OG1 . THR A 1 63  ? -5.018  -15.824 7.716   1.00 29.06 ? 63  THR A OG1 1 
ATOM   519  C CG2 . THR A 1 63  ? -6.978  -14.840 6.746   1.00 30.32 ? 63  THR A CG2 1 
ATOM   520  N N   . SER A 1 64  ? -4.313  -17.600 5.516   1.00 26.09 ? 64  SER A N   1 
ATOM   521  C CA  . SER A 1 64  ? -4.573  -19.029 5.403   1.00 25.00 ? 64  SER A CA  1 
ATOM   522  C C   . SER A 1 64  ? -5.458  -19.523 6.556   1.00 35.11 ? 64  SER A C   1 
ATOM   523  O O   . SER A 1 64  ? -5.831  -20.690 6.597   1.00 30.12 ? 64  SER A O   1 
ATOM   524  C CB  . SER A 1 64  ? -3.260  -19.822 5.372   1.00 26.05 ? 64  SER A CB  1 
ATOM   525  O OG  . SER A 1 64  ? -2.503  -19.612 6.554   1.00 31.73 ? 64  SER A OG  1 
ATOM   526  N N   . ASP A 1 65  ? -5.792  -18.627 7.481   1.00 32.32 ? 65  ASP A N   1 
ATOM   527  C CA  . ASP A 1 65  ? -6.538  -18.992 8.689   1.00 33.81 ? 65  ASP A CA  1 
ATOM   528  C C   . ASP A 1 65  ? -8.059  -19.002 8.474   1.00 30.84 ? 65  ASP A C   1 
ATOM   529  O O   . ASP A 1 65  ? -8.690  -17.944 8.453   1.00 32.91 ? 65  ASP A O   1 
ATOM   530  C CB  . ASP A 1 65  ? -6.173  -18.023 9.827   1.00 33.17 ? 65  ASP A CB  1 
ATOM   531  C CG  . ASP A 1 65  ? -6.730  -18.458 11.190  1.00 36.19 ? 65  ASP A CG  1 
ATOM   532  O OD1 . ASP A 1 65  ? -7.485  -19.445 11.252  1.00 35.21 ? 65  ASP A OD1 1 
ATOM   533  O OD2 . ASP A 1 65  ? -6.419  -17.787 12.199  1.00 39.95 ? 65  ASP A OD2 1 
ATOM   534  N N   . THR A 1 66  ? -8.650  -20.191 8.353   1.00 38.80 ? 66  THR A N   1 
ATOM   535  C CA  . THR A 1 66  ? -10.106 -20.314 8.173   1.00 39.07 ? 66  THR A CA  1 
ATOM   536  C C   . THR A 1 66  ? -10.911 -19.980 9.431   1.00 28.34 ? 66  THR A C   1 
ATOM   537  O O   . THR A 1 66  ? -12.131 -19.909 9.384   1.00 35.65 ? 66  THR A O   1 
ATOM   538  C CB  . THR A 1 66  ? -10.509 -21.729 7.717   1.00 39.65 ? 66  THR A CB  1 
ATOM   539  O OG1 . THR A 1 66  ? -9.805  -22.703 8.495   1.00 45.77 ? 66  THR A OG1 1 
ATOM   540  C CG2 . THR A 1 66  ? -10.186 -21.922 6.245   1.00 35.95 ? 66  THR A CG2 1 
ATOM   541  N N   . SER A 1 67  ? -10.228 -19.767 10.547  1.00 35.16 ? 67  SER A N   1 
ATOM   542  C CA  . SER A 1 67  ? -10.896 -19.309 11.762  1.00 34.32 ? 67  SER A CA  1 
ATOM   543  C C   . SER A 1 67  ? -11.010 -17.802 11.782  1.00 30.28 ? 67  SER A C   1 
ATOM   544  O O   . SER A 1 67  ? -11.628 -17.232 12.668  1.00 33.18 ? 67  SER A O   1 
ATOM   545  C CB  . SER A 1 67  ? -10.148 -19.776 13.003  1.00 29.82 ? 67  SER A CB  1 
ATOM   546  O OG  . SER A 1 67  ? -10.278 -21.174 13.162  1.00 29.96 ? 67  SER A OG  1 
ATOM   547  N N   . PHE A 1 68  ? -10.384 -17.147 10.813  1.00 37.72 ? 68  PHE A N   1 
ATOM   548  C CA  . PHE A 1 68  ? -10.393 -15.699 10.798  1.00 26.18 ? 68  PHE A CA  1 
ATOM   549  C C   . PHE A 1 68  ? -11.792 -15.183 10.508  1.00 32.77 ? 68  PHE A C   1 
ATOM   550  O O   . PHE A 1 68  ? -12.378 -15.475 9.460   1.00 38.29 ? 68  PHE A O   1 
ATOM   551  C CB  . PHE A 1 68  ? -9.394  -15.166 9.766   1.00 43.49 ? 68  PHE A CB  1 
ATOM   552  C CG  . PHE A 1 68  ? -9.063  -13.714 9.935   1.00 30.97 ? 68  PHE A CG  1 
ATOM   553  C CD1 . PHE A 1 68  ? -9.826  -12.736 9.317   1.00 38.42 ? 68  PHE A CD1 1 
ATOM   554  C CD2 . PHE A 1 68  ? -7.986  -13.329 10.711  1.00 39.27 ? 68  PHE A CD2 1 
ATOM   555  C CE1 . PHE A 1 68  ? -9.513  -11.402 9.466   1.00 43.91 ? 68  PHE A CE1 1 
ATOM   556  C CE2 . PHE A 1 68  ? -7.670  -12.000 10.866  1.00 46.13 ? 68  PHE A CE2 1 
ATOM   557  C CZ  . PHE A 1 68  ? -8.435  -11.033 10.245  1.00 32.99 ? 68  PHE A CZ  1 
ATOM   558  N N   . ASN A 1 69  ? -12.334 -14.431 11.452  1.00 42.66 ? 69  ASN A N   1 
ATOM   559  C CA  . ASN A 1 69  ? -13.522 -13.641 11.186  1.00 49.97 ? 69  ASN A CA  1 
ATOM   560  C C   . ASN A 1 69  ? -13.487 -12.419 12.069  1.00 58.58 ? 69  ASN A C   1 
ATOM   561  O O   . ASN A 1 69  ? -13.371 -12.524 13.292  1.00 72.03 ? 69  ASN A O   1 
ATOM   562  C CB  . ASN A 1 69  ? -14.809 -14.439 11.420  1.00 55.86 ? 69  ASN A CB  1 
ATOM   563  C CG  . ASN A 1 69  ? -15.894 -14.100 10.410  1.00 69.99 ? 69  ASN A CG  1 
ATOM   564  O OD1 . ASN A 1 69  ? -16.403 -12.976 10.370  1.00 74.29 ? 69  ASN A OD1 1 
ATOM   565  N ND2 . ASN A 1 69  ? -16.245 -15.072 9.580   1.00 69.50 ? 69  ASN A ND2 1 
ATOM   566  N N   . VAL A 1 70  ? -13.564 -11.256 11.442  1.00 35.06 ? 70  VAL A N   1 
ATOM   567  C CA  . VAL A 1 70  ? -13.544 -10.002 12.162  1.00 34.40 ? 70  VAL A CA  1 
ATOM   568  C C   . VAL A 1 70  ? -14.734 -9.201  11.672  1.00 39.87 ? 70  VAL A C   1 
ATOM   569  O O   . VAL A 1 70  ? -15.006 -9.146  10.468  1.00 37.33 ? 70  VAL A O   1 
ATOM   570  C CB  . VAL A 1 70  ? -12.214 -9.228  11.947  1.00 40.22 ? 70  VAL A CB  1 
ATOM   571  C CG1 . VAL A 1 70  ? -12.308 -7.806  12.486  1.00 37.36 ? 70  VAL A CG1 1 
ATOM   572  C CG2 . VAL A 1 70  ? -11.061 -9.977  12.602  1.00 42.92 ? 70  VAL A CG2 1 
ATOM   573  N N   . GLU A 1 71  ? -15.470 -8.627  12.615  1.00 38.76 ? 71  GLU A N   1 
ATOM   574  C CA  . GLU A 1 71  ? -16.603 -7.775  12.296  1.00 33.54 ? 71  GLU A CA  1 
ATOM   575  C C   . GLU A 1 71  ? -16.156 -6.641  11.367  1.00 31.32 ? 71  GLU A C   1 
ATOM   576  O O   . GLU A 1 71  ? -15.250 -5.873  11.701  1.00 44.16 ? 71  GLU A O   1 
ATOM   577  C CB  . GLU A 1 71  ? -17.212 -7.217  13.580  1.00 45.38 ? 71  GLU A CB  1 
ATOM   578  C CG  . GLU A 1 71  ? -17.469 -8.292  14.643  1.00 71.47 ? 71  GLU A CG  1 
ATOM   579  C CD  . GLU A 1 71  ? -16.299 -8.478  15.612  1.00 80.34 ? 71  GLU A CD  1 
ATOM   580  O OE1 . GLU A 1 71  ? -15.486 -9.408  15.409  1.00 52.87 ? 71  GLU A OE1 1 
ATOM   581  O OE2 . GLU A 1 71  ? -16.203 -7.704  16.589  1.00 78.34 ? 71  GLU A OE2 1 
ATOM   582  N N   . GLY A 1 72  ? -16.765 -6.567  10.189  1.00 31.04 ? 72  GLY A N   1 
ATOM   583  C CA  . GLY A 1 72  ? -16.468 -5.505  9.244   1.00 36.23 ? 72  GLY A CA  1 
ATOM   584  C C   . GLY A 1 72  ? -15.296 -5.804  8.332   1.00 37.34 ? 72  GLY A C   1 
ATOM   585  O O   . GLY A 1 72  ? -14.733 -4.897  7.720   1.00 44.87 ? 72  GLY A O   1 
ATOM   586  N N   . VAL A 1 73  ? -14.932 -7.078  8.237   1.00 37.42 ? 73  VAL A N   1 
ATOM   587  C CA  . VAL A 1 73  ? -13.811 -7.502  7.407   1.00 38.28 ? 73  VAL A CA  1 
ATOM   588  C C   . VAL A 1 73  ? -14.211 -8.666  6.523   1.00 36.37 ? 73  VAL A C   1 
ATOM   589  O O   . VAL A 1 73  ? -14.752 -9.661  6.998   1.00 31.95 ? 73  VAL A O   1 
ATOM   590  C CB  . VAL A 1 73  ? -12.587 -7.912  8.271   1.00 37.03 ? 73  VAL A CB  1 
ATOM   591  C CG1 . VAL A 1 73  ? -11.553 -8.659  7.440   1.00 32.66 ? 73  VAL A CG1 1 
ATOM   592  C CG2 . VAL A 1 73  ? -11.975 -6.693  8.934   1.00 31.44 ? 73  VAL A CG2 1 
ATOM   593  N N   . ASP A 1 74  ? -13.962 -8.545  5.228   1.00 25.45 ? 74  ASP A N   1 
ATOM   594  C CA  . ASP A 1 74  ? -14.127 -9.684  4.337   1.00 29.28 ? 74  ASP A CA  1 
ATOM   595  C C   . ASP A 1 74  ? -12.817 -10.459 4.281   1.00 31.94 ? 74  ASP A C   1 
ATOM   596  O O   . ASP A 1 74  ? -11.741 -9.865  4.246   1.00 29.17 ? 74  ASP A O   1 
ATOM   597  C CB  . ASP A 1 74  ? -14.562 -9.228  2.949   1.00 31.65 ? 74  ASP A CB  1 
ATOM   598  C CG  . ASP A 1 74  ? -15.887 -8.503  2.979   1.00 40.46 ? 74  ASP A CG  1 
ATOM   599  O OD1 . ASP A 1 74  ? -16.641 -8.703  3.957   1.00 43.43 ? 74  ASP A OD1 1 
ATOM   600  O OD2 . ASP A 1 74  ? -16.174 -7.739  2.036   1.00 43.52 ? 74  ASP A OD2 1 
ATOM   601  N N   . VAL A 1 75  ? -12.902 -11.779 4.288   1.00 27.30 ? 75  VAL A N   1 
ATOM   602  C CA  . VAL A 1 75  ? -11.694 -12.589 4.313   1.00 34.17 ? 75  VAL A CA  1 
ATOM   603  C C   . VAL A 1 75  ? -11.569 -13.386 3.024   1.00 31.12 ? 75  VAL A C   1 
ATOM   604  O O   . VAL A 1 75  ? -12.556 -13.887 2.491   1.00 32.16 ? 75  VAL A O   1 
ATOM   605  C CB  . VAL A 1 75  ? -11.666 -13.534 5.540   1.00 35.14 ? 75  VAL A CB  1 
ATOM   606  C CG1 . VAL A 1 75  ? -12.886 -14.441 5.556   1.00 49.70 ? 75  VAL A CG1 1 
ATOM   607  C CG2 . VAL A 1 75  ? -10.380 -14.346 5.566   1.00 45.22 ? 75  VAL A CG2 1 
ATOM   608  N N   . ILE A 1 76  ? -10.351 -13.457 2.496   1.00 23.69 ? 76  ILE A N   1 
ATOM   609  C CA  . ILE A 1 76  ? -10.057 -14.308 1.349   1.00 30.32 ? 76  ILE A CA  1 
ATOM   610  C C   . ILE A 1 76  ? -8.884  -15.203 1.733   1.00 26.28 ? 76  ILE A C   1 
ATOM   611  O O   . ILE A 1 76  ? -8.164  -14.896 2.678   1.00 29.45 ? 76  ILE A O   1 
ATOM   612  C CB  . ILE A 1 76  ? -9.729  -13.489 0.076   1.00 38.87 ? 76  ILE A CB  1 
ATOM   613  C CG1 . ILE A 1 76  ? -8.552  -12.549 0.323   1.00 31.72 ? 76  ILE A CG1 1 
ATOM   614  C CG2 . ILE A 1 76  ? -10.944 -12.703 -0.391  1.00 31.72 ? 76  ILE A CG2 1 
ATOM   615  C CD1 . ILE A 1 76  ? -8.164  -11.727 -0.900  1.00 22.46 ? 76  ILE A CD1 1 
ATOM   616  N N   . HIS A 1 77  ? -8.703  -16.306 1.014   1.00 29.10 ? 77  HIS A N   1 
ATOM   617  C CA  . HIS A 1 77  ? -7.691  -17.294 1.377   1.00 28.38 ? 77  HIS A CA  1 
ATOM   618  C C   . HIS A 1 77  ? -6.720  -17.566 0.236   1.00 32.44 ? 77  HIS A C   1 
ATOM   619  O O   . HIS A 1 77  ? -5.846  -18.423 0.350   1.00 28.81 ? 77  HIS A O   1 
ATOM   620  C CB  . HIS A 1 77  ? -8.358  -18.603 1.823   1.00 35.56 ? 77  HIS A CB  1 
ATOM   621  C CG  . HIS A 1 77  ? -9.319  -18.430 2.955   1.00 33.22 ? 77  HIS A CG  1 
ATOM   622  N ND1 . HIS A 1 77  ? -8.937  -17.941 4.188   1.00 37.31 ? 77  HIS A ND1 1 
ATOM   623  C CD2 . HIS A 1 77  ? -10.650 -18.664 3.040   1.00 36.83 ? 77  HIS A CD2 1 
ATOM   624  C CE1 . HIS A 1 77  ? -9.990  -17.886 4.983   1.00 36.88 ? 77  HIS A CE1 1 
ATOM   625  N NE2 . HIS A 1 77  ? -11.044 -18.313 4.310   1.00 39.56 ? 77  HIS A NE2 1 
ATOM   626  N N   . SER A 1 78  ? -6.852  -16.821 -0.855  1.00 41.63 ? 78  SER A N   1 
ATOM   627  C CA  . SER A 1 78  ? -5.895  -16.946 -1.948  1.00 33.08 ? 78  SER A CA  1 
ATOM   628  C C   . SER A 1 78  ? -5.784  -15.663 -2.755  1.00 31.94 ? 78  SER A C   1 
ATOM   629  O O   . SER A 1 78  ? -6.716  -14.853 -2.774  1.00 32.78 ? 78  SER A O   1 
ATOM   630  C CB  . SER A 1 78  ? -6.291  -18.087 -2.879  1.00 46.27 ? 78  SER A CB  1 
ATOM   631  O OG  . SER A 1 78  ? -7.321  -17.658 -3.749  1.00 41.11 ? 78  SER A OG  1 
ATOM   632  N N   . ILE A 1 79  ? -4.640  -15.493 -3.419  1.00 31.55 ? 79  ILE A N   1 
ATOM   633  C CA  . ILE A 1 79  ? -4.426  -14.379 -4.338  1.00 35.98 ? 79  ILE A CA  1 
ATOM   634  C C   . ILE A 1 79  ? -5.533  -14.298 -5.384  1.00 41.90 ? 79  ILE A C   1 
ATOM   635  O O   . ILE A 1 79  ? -6.069  -13.222 -5.649  1.00 32.81 ? 79  ILE A O   1 
ATOM   636  C CB  . ILE A 1 79  ? -3.072  -14.491 -5.082  1.00 34.86 ? 79  ILE A CB  1 
ATOM   637  C CG1 . ILE A 1 79  ? -1.904  -14.369 -4.105  1.00 43.43 ? 79  ILE A CG1 1 
ATOM   638  C CG2 . ILE A 1 79  ? -2.967  -13.401 -6.146  1.00 38.20 ? 79  ILE A CG2 1 
ATOM   639  C CD1 . ILE A 1 79  ? -1.821  -13.015 -3.436  1.00 36.97 ? 79  ILE A CD1 1 
ATOM   640  N N   . GLU A 1 80  ? -5.866  -15.445 -5.970  1.00 33.99 ? 80  GLU A N   1 
ATOM   641  C CA  . GLU A 1 80  ? -6.842  -15.506 -7.058  1.00 35.84 ? 80  GLU A CA  1 
ATOM   642  C C   . GLU A 1 80  ? -8.177  -14.871 -6.683  1.00 25.03 ? 80  GLU A C   1 
ATOM   643  O O   . GLU A 1 80  ? -8.849  -14.292 -7.534  1.00 42.51 ? 80  GLU A O   1 
ATOM   644  C CB  . GLU A 1 80  ? -7.061  -16.957 -7.507  1.00 42.12 ? 80  GLU A CB  1 
ATOM   645  C CG  . GLU A 1 80  ? -5.980  -17.499 -8.441  1.00 60.99 ? 80  GLU A CG  1 
ATOM   646  C CD  . GLU A 1 80  ? -4.611  -17.608 -7.775  1.00 87.44 ? 80  GLU A CD  1 
ATOM   647  O OE1 . GLU A 1 80  ? -4.547  -18.107 -6.627  1.00 68.09 ? 80  GLU A OE1 1 
ATOM   648  O OE2 . GLU A 1 80  ? -3.600  -17.205 -8.400  1.00 52.00 ? 80  GLU A OE2 1 
ATOM   649  N N   . ASP A 1 81  ? -8.548  -14.943 -5.409  1.00 29.89 ? 81  ASP A N   1 
ATOM   650  C CA  . ASP A 1 81  ? -9.774  -14.293 -4.938  1.00 37.15 ? 81  ASP A CA  1 
ATOM   651  C C   . ASP A 1 81  ? -9.760  -12.780 -5.125  1.00 38.24 ? 81  ASP A C   1 
ATOM   652  O O   . ASP A 1 81  ? -10.811 -12.155 -5.182  1.00 31.25 ? 81  ASP A O   1 
ATOM   653  C CB  . ASP A 1 81  ? -10.019 -14.598 -3.463  1.00 29.13 ? 81  ASP A CB  1 
ATOM   654  C CG  . ASP A 1 81  ? -10.378 -16.049 -3.220  1.00 39.75 ? 81  ASP A CG  1 
ATOM   655  O OD1 . ASP A 1 81  ? -11.097 -16.635 -4.057  1.00 52.45 ? 81  ASP A OD1 1 
ATOM   656  O OD2 . ASP A 1 81  ? -9.931  -16.599 -2.192  1.00 49.60 ? 81  ASP A OD2 1 
ATOM   657  N N   . ILE A 1 82  ? -8.574  -12.188 -5.197  1.00 29.44 ? 82  ILE A N   1 
ATOM   658  C CA  . ILE A 1 82  ? -8.470  -10.732 -5.336  1.00 33.37 ? 82  ILE A CA  1 
ATOM   659  C C   . ILE A 1 82  ? -9.137  -10.279 -6.626  1.00 36.01 ? 82  ILE A C   1 
ATOM   660  O O   . ILE A 1 82  ? -9.824  -9.257  -6.661  1.00 35.42 ? 82  ILE A O   1 
ATOM   661  C CB  . ILE A 1 82  ? -7.005  -10.264 -5.322  1.00 33.81 ? 82  ILE A CB  1 
ATOM   662  C CG1 . ILE A 1 82  ? -6.420  -10.411 -3.915  1.00 30.96 ? 82  ILE A CG1 1 
ATOM   663  C CG2 . ILE A 1 82  ? -6.875  -8.818  -5.822  1.00 32.60 ? 82  ILE A CG2 1 
ATOM   664  C CD1 . ILE A 1 82  ? -4.956  -10.051 -3.832  1.00 33.60 ? 82  ILE A CD1 1 
ATOM   665  N N   . TYR A 1 83  ? -8.970  -11.074 -7.676  1.00 38.96 ? 83  TYR A N   1 
ATOM   666  C CA  . TYR A 1 83  ? -9.437  -10.698 -9.008  1.00 43.97 ? 83  TYR A CA  1 
ATOM   667  C C   . TYR A 1 83  ? -10.955 -10.752 -9.140  1.00 49.22 ? 83  TYR A C   1 
ATOM   668  O O   . TYR A 1 83  ? -11.517 -10.289 -10.131 1.00 46.42 ? 83  TYR A O   1 
ATOM   669  C CB  . TYR A 1 83  ? -8.781  -11.591 -10.059 1.00 38.16 ? 83  TYR A CB  1 
ATOM   670  C CG  . TYR A 1 83  ? -7.271  -11.489 -10.061 1.00 39.37 ? 83  TYR A CG  1 
ATOM   671  C CD1 . TYR A 1 83  ? -6.631  -10.353 -10.548 1.00 56.63 ? 83  TYR A CD1 1 
ATOM   672  C CD2 . TYR A 1 83  ? -6.487  -12.521 -9.574  1.00 38.08 ? 83  TYR A CD2 1 
ATOM   673  C CE1 . TYR A 1 83  ? -5.250  -10.254 -10.549 1.00 45.47 ? 83  TYR A CE1 1 
ATOM   674  C CE2 . TYR A 1 83  ? -5.112  -12.433 -9.571  1.00 49.73 ? 83  TYR A CE2 1 
ATOM   675  C CZ  . TYR A 1 83  ? -4.497  -11.301 -10.059 1.00 56.11 ? 83  TYR A CZ  1 
ATOM   676  O OH  . TYR A 1 83  ? -3.122  -11.224 -10.050 1.00 64.40 ? 83  TYR A OH  1 
ATOM   677  N N   . GLN A 1 84  ? -11.616 -11.299 -8.130  1.00 44.65 ? 84  GLN A N   1 
ATOM   678  C CA  . GLN A 1 84  ? -13.069 -11.387 -8.141  1.00 47.75 ? 84  GLN A CA  1 
ATOM   679  C C   . GLN A 1 84  ? -13.706 -10.180 -7.470  1.00 54.79 ? 84  GLN A C   1 
ATOM   680  O O   . GLN A 1 84  ? -14.922 -10.009 -7.519  1.00 43.56 ? 84  GLN A O   1 
ATOM   681  C CB  . GLN A 1 84  ? -13.532 -12.676 -7.457  1.00 41.63 ? 84  GLN A CB  1 
ATOM   682  C CG  . GLN A 1 84  ? -13.433 -13.911 -8.345  1.00 61.94 ? 84  GLN A CG  1 
ATOM   683  C CD  . GLN A 1 84  ? -13.509 -13.576 -9.828  1.00 60.34 ? 84  GLN A CD  1 
ATOM   684  O OE1 . GLN A 1 84  ? -12.484 -13.449 -10.499 1.00 86.02 ? 84  GLN A OE1 1 
ATOM   685  N NE2 . GLN A 1 84  ? -14.726 -13.420 -10.343 1.00 72.53 ? 84  GLN A NE2 1 
ATOM   686  N N   . LEU A 1 85  ? -12.888 -9.340  -6.845  1.00 34.49 ? 85  LEU A N   1 
ATOM   687  C CA  . LEU A 1 85  ? -13.417 -8.167  -6.160  1.00 32.47 ? 85  LEU A CA  1 
ATOM   688  C C   . LEU A 1 85  ? -13.778 -7.080  -7.166  1.00 35.00 ? 85  LEU A C   1 
ATOM   689  O O   . LEU A 1 85  ? -13.000 -6.774  -8.063  1.00 41.66 ? 85  LEU A O   1 
ATOM   690  C CB  . LEU A 1 85  ? -12.409 -7.644  -5.132  1.00 24.22 ? 85  LEU A CB  1 
ATOM   691  C CG  . LEU A 1 85  ? -11.937 -8.669  -4.098  1.00 29.92 ? 85  LEU A CG  1 
ATOM   692  C CD1 . LEU A 1 85  ? -10.665 -8.186  -3.426  1.00 30.57 ? 85  LEU A CD1 1 
ATOM   693  C CD2 . LEU A 1 85  ? -13.025 -8.939  -3.065  1.00 27.00 ? 85  LEU A CD2 1 
ATOM   694  N N   . PRO A 1 86  ? -14.978 -6.502  -7.022  1.00 52.50 ? 86  PRO A N   1 
ATOM   695  C CA  . PRO A 1 86  ? -15.422 -5.410  -7.894  1.00 39.61 ? 86  PRO A CA  1 
ATOM   696  C C   . PRO A 1 86  ? -14.843 -4.038  -7.528  1.00 33.43 ? 86  PRO A C   1 
ATOM   697  O O   . PRO A 1 86  ? -14.460 -3.798  -6.384  1.00 43.85 ? 86  PRO A O   1 
ATOM   698  C CB  . PRO A 1 86  ? -16.941 -5.411  -7.701  1.00 44.17 ? 86  PRO A CB  1 
ATOM   699  C CG  . PRO A 1 86  ? -17.147 -5.984  -6.345  1.00 37.20 ? 86  PRO A CG  1 
ATOM   700  C CD  . PRO A 1 86  ? -16.067 -7.013  -6.169  1.00 37.76 ? 86  PRO A CD  1 
ATOM   701  N N   . GLY A 1 87  ? -14.806 -3.141  -8.505  1.00 31.32 ? 87  GLY A N   1 
ATOM   702  C CA  . GLY A 1 87  ? -14.408 -1.765  -8.264  1.00 33.14 ? 87  GLY A CA  1 
ATOM   703  C C   . GLY A 1 87  ? -12.906 -1.558  -8.194  1.00 29.68 ? 87  GLY A C   1 
ATOM   704  O O   . GLY A 1 87  ? -12.125 -2.409  -8.628  1.00 30.79 ? 87  GLY A O   1 
ATOM   705  N N   . HIS A 1 88  ? -12.499 -0.416  -7.646  1.00 35.24 ? 88  HIS A N   1 
ATOM   706  C CA  . HIS A 1 88  ? -11.081 -0.094  -7.517  1.00 31.90 ? 88  HIS A CA  1 
ATOM   707  C C   . HIS A 1 88  ? -10.485 -0.775  -6.287  1.00 27.74 ? 88  HIS A C   1 
ATOM   708  O O   . HIS A 1 88  ? -10.829 -0.459  -5.148  1.00 25.96 ? 88  HIS A O   1 
ATOM   709  C CB  . HIS A 1 88  ? -10.875 1.418   -7.443  1.00 27.84 ? 88  HIS A CB  1 
ATOM   710  C CG  . HIS A 1 88  ? -9.464  1.852   -7.700  1.00 36.64 ? 88  HIS A CG  1 
ATOM   711  N ND1 . HIS A 1 88  ? -9.108  3.176   -7.848  1.00 30.31 ? 88  HIS A ND1 1 
ATOM   712  C CD2 . HIS A 1 88  ? -8.322  1.137   -7.842  1.00 27.74 ? 88  HIS A CD2 1 
ATOM   713  C CE1 . HIS A 1 88  ? -7.807  3.258   -8.066  1.00 33.72 ? 88  HIS A CE1 1 
ATOM   714  N NE2 . HIS A 1 88  ? -7.306  2.034   -8.064  1.00 23.35 ? 88  HIS A NE2 1 
ATOM   715  N N   . VAL A 1 89  ? -9.581  -1.711  -6.530  1.00 28.83 ? 89  VAL A N   1 
ATOM   716  C CA  . VAL A 1 89  ? -8.962  -2.466  -5.447  1.00 29.11 ? 89  VAL A CA  1 
ATOM   717  C C   . VAL A 1 89  ? -7.539  -1.982  -5.201  1.00 21.31 ? 89  VAL A C   1 
ATOM   718  O O   . VAL A 1 89  ? -6.717  -1.966  -6.116  1.00 22.57 ? 89  VAL A O   1 
ATOM   719  C CB  . VAL A 1 89  ? -8.955  -3.973  -5.755  1.00 28.47 ? 89  VAL A CB  1 
ATOM   720  C CG1 . VAL A 1 89  ? -8.139  -4.752  -4.709  1.00 26.44 ? 89  VAL A CG1 1 
ATOM   721  C CG2 . VAL A 1 89  ? -10.386 -4.494  -5.848  1.00 30.87 ? 89  VAL A CG2 1 
ATOM   722  N N   . PHE A 1 90  ? -7.271  -1.589  -3.962  1.00 16.24 ? 90  PHE A N   1 
ATOM   723  C CA  . PHE A 1 90  ? -5.942  -1.185  -3.533  1.00 21.72 ? 90  PHE A CA  1 
ATOM   724  C C   . PHE A 1 90  ? -5.247  -2.282  -2.751  1.00 24.86 ? 90  PHE A C   1 
ATOM   725  O O   . PHE A 1 90  ? -5.710  -2.673  -1.676  1.00 23.40 ? 90  PHE A O   1 
ATOM   726  C CB  . PHE A 1 90  ? -6.010  0.067   -2.653  1.00 21.64 ? 90  PHE A CB  1 
ATOM   727  C CG  . PHE A 1 90  ? -6.404  1.307   -3.387  1.00 24.75 ? 90  PHE A CG  1 
ATOM   728  C CD1 . PHE A 1 90  ? -5.442  2.093   -4.008  1.00 22.35 ? 90  PHE A CD1 1 
ATOM   729  C CD2 . PHE A 1 90  ? -7.730  1.707   -3.436  1.00 22.64 ? 90  PHE A CD2 1 
ATOM   730  C CE1 . PHE A 1 90  ? -5.798  3.248   -4.695  1.00 22.21 ? 90  PHE A CE1 1 
ATOM   731  C CE2 . PHE A 1 90  ? -8.099  2.866   -4.119  1.00 26.62 ? 90  PHE A CE2 1 
ATOM   732  C CZ  . PHE A 1 90  ? -7.129  3.635   -4.748  1.00 37.87 ? 90  PHE A CZ  1 
ATOM   733  N N   . ILE A 1 91  ? -4.130  -2.770  -3.275  1.00 20.59 ? 91  ILE A N   1 
ATOM   734  C CA  . ILE A 1 91  ? -3.269  -3.650  -2.501  1.00 25.05 ? 91  ILE A CA  1 
ATOM   735  C C   . ILE A 1 91  ? -2.586  -2.796  -1.444  1.00 26.83 ? 91  ILE A C   1 
ATOM   736  O O   . ILE A 1 91  ? -1.812  -1.896  -1.768  1.00 19.31 ? 91  ILE A O   1 
ATOM   737  C CB  . ILE A 1 91  ? -2.216  -4.349  -3.376  1.00 23.42 ? 91  ILE A CB  1 
ATOM   738  C CG1 . ILE A 1 91  ? -2.887  -5.104  -4.536  1.00 24.66 ? 91  ILE A CG1 1 
ATOM   739  C CG2 . ILE A 1 91  ? -1.336  -5.230  -2.528  1.00 22.67 ? 91  ILE A CG2 1 
ATOM   740  C CD1 . ILE A 1 91  ? -3.898  -6.169  -4.094  1.00 24.54 ? 91  ILE A CD1 1 
ATOM   741  N N   . PHE A 1 92  ? -2.877  -3.098  -0.186  1.00 21.71 ? 92  PHE A N   1 
ATOM   742  C CA  . PHE A 1 92  ? -2.620  -2.207  0.941   1.00 16.89 ? 92  PHE A CA  1 
ATOM   743  C C   . PHE A 1 92  ? -1.361  -2.580  1.750   1.00 20.12 ? 92  PHE A C   1 
ATOM   744  O O   . PHE A 1 92  ? -0.887  -1.794  2.575   1.00 23.00 ? 92  PHE A O   1 
ATOM   745  C CB  . PHE A 1 92  ? -3.855  -2.227  1.849   1.00 18.03 ? 92  PHE A CB  1 
ATOM   746  C CG  . PHE A 1 92  ? -3.972  -1.051  2.787   1.00 30.84 ? 92  PHE A CG  1 
ATOM   747  C CD1 . PHE A 1 92  ? -4.007  0.245   2.300   1.00 24.48 ? 92  PHE A CD1 1 
ATOM   748  C CD2 . PHE A 1 92  ? -4.114  -1.253  4.160   1.00 23.32 ? 92  PHE A CD2 1 
ATOM   749  C CE1 . PHE A 1 92  ? -4.144  1.320   3.161   1.00 31.71 ? 92  PHE A CE1 1 
ATOM   750  C CE2 . PHE A 1 92  ? -4.262  -0.169  5.029   1.00 27.22 ? 92  PHE A CE2 1 
ATOM   751  C CZ  . PHE A 1 92  ? -4.276  1.111   4.523   1.00 34.66 ? 92  PHE A CZ  1 
ATOM   752  N N   . GLY A 1 93  ? -0.828  -3.773  1.518   1.00 17.46 ? 93  GLY A N   1 
ATOM   753  C CA  . GLY A 1 93  ? 0.310   -4.257  2.282   1.00 19.06 ? 93  GLY A CA  1 
ATOM   754  C C   . GLY A 1 93  ? 0.113   -5.675  2.820   1.00 24.93 ? 93  GLY A C   1 
ATOM   755  O O   . GLY A 1 93  ? -0.938  -6.273  2.612   1.00 19.72 ? 93  GLY A O   1 
ATOM   756  N N   . GLY A 1 94  ? 1.128   -6.234  3.482   1.00 27.28 ? 94  GLY A N   1 
ATOM   757  C CA  . GLY A 1 94  ? 2.423   -5.597  3.666   1.00 25.62 ? 94  GLY A CA  1 
ATOM   758  C C   . GLY A 1 94  ? 3.437   -6.133  2.674   1.00 21.41 ? 94  GLY A C   1 
ATOM   759  O O   . GLY A 1 94  ? 3.111   -6.320  1.508   1.00 18.68 ? 94  GLY A O   1 
ATOM   760  N N   . GLN A 1 95  ? 4.660   -6.404  3.128   1.00 17.06 ? 95  GLN A N   1 
ATOM   761  C CA  . GLN A 1 95  ? 5.717   -6.882  2.218   1.00 19.00 ? 95  GLN A CA  1 
ATOM   762  C C   . GLN A 1 95  ? 5.332   -8.092  1.373   1.00 23.03 ? 95  GLN A C   1 
ATOM   763  O O   . GLN A 1 95  ? 5.602   -8.120  0.175   1.00 21.25 ? 95  GLN A O   1 
ATOM   764  C CB  . GLN A 1 95  ? 6.978   -7.215  3.007   1.00 19.01 ? 95  GLN A CB  1 
ATOM   765  C CG  . GLN A 1 95  ? 8.021   -7.980  2.235   1.00 19.43 ? 95  GLN A CG  1 
ATOM   766  C CD  . GLN A 1 95  ? 9.201   -8.290  3.122   1.00 36.98 ? 95  GLN A CD  1 
ATOM   767  O OE1 . GLN A 1 95  ? 9.958   -7.399  3.471   1.00 20.24 ? 95  GLN A OE1 1 
ATOM   768  N NE2 . GLN A 1 95  ? 9.332   -9.547  3.538   1.00 35.32 ? 95  GLN A NE2 1 
ATOM   769  N N   A THR A 1 96  ? 4.689   -9.077  1.993   0.59 21.75 ? 96  THR A N   1 
ATOM   770  N N   B THR A 1 96  ? 4.700   -9.092  1.990   0.41 21.72 ? 96  THR A N   1 
ATOM   771  C CA  A THR A 1 96  ? 4.360   -10.313 1.300   0.59 16.86 ? 96  THR A CA  1 
ATOM   772  C CA  B THR A 1 96  ? 4.353   -10.314 1.267   0.41 16.95 ? 96  THR A CA  1 
ATOM   773  C C   A THR A 1 96  ? 3.357   -10.062 0.170   0.59 22.69 ? 96  THR A C   1 
ATOM   774  C C   B THR A 1 96  ? 3.367   -10.036 0.144   0.41 22.63 ? 96  THR A C   1 
ATOM   775  O O   A THR A 1 96  ? 3.534   -10.549 -0.950  0.59 21.78 ? 96  THR A O   1 
ATOM   776  O O   B THR A 1 96  ? 3.554   -10.491 -0.985  0.41 21.82 ? 96  THR A O   1 
ATOM   777  C CB  A THR A 1 96  ? 3.801   -11.371 2.290   0.59 21.69 ? 96  THR A CB  1 
ATOM   778  C CB  B THR A 1 96  ? 3.740   -11.394 2.194   0.41 21.66 ? 96  THR A CB  1 
ATOM   779  O OG1 A THR A 1 96  ? 4.754   -11.596 3.341   0.59 21.87 ? 96  THR A OG1 1 
ATOM   780  O OG1 B THR A 1 96  ? 2.563   -10.876 2.831   0.41 19.13 ? 96  THR A OG1 1 
ATOM   781  C CG2 A THR A 1 96  ? 3.530   -12.673 1.586   0.59 19.71 ? 96  THR A CG2 1 
ATOM   782  C CG2 B THR A 1 96  ? 4.747   -11.836 3.245   0.41 21.91 ? 96  THR A CG2 1 
ATOM   783  N N   . LEU A 1 97  ? 2.310   -9.294  0.455   1.00 19.98 ? 97  LEU A N   1 
ATOM   784  C CA  . LEU A 1 97  ? 1.313   -8.986  -0.560  1.00 17.26 ? 97  LEU A CA  1 
ATOM   785  C C   . LEU A 1 97  ? 1.926   -8.140  -1.698  1.00 18.27 ? 97  LEU A C   1 
ATOM   786  O O   . LEU A 1 97  ? 1.634   -8.366  -2.872  1.00 20.26 ? 97  LEU A O   1 
ATOM   787  C CB  . LEU A 1 97  ? 0.119   -8.272  0.047   1.00 21.73 ? 97  LEU A CB  1 
ATOM   788  C CG  . LEU A 1 97  ? -1.185  -8.538  -0.711  1.00 40.03 ? 97  LEU A CG  1 
ATOM   789  C CD1 . LEU A 1 97  ? -1.277  -9.983  -1.214  1.00 32.94 ? 97  LEU A CD1 1 
ATOM   790  C CD2 . LEU A 1 97  ? -2.355  -8.214  0.176   1.00 43.57 ? 97  LEU A CD2 1 
ATOM   791  N N   . PHE A 1 98  ? 2.779   -7.184  -1.348  1.00 22.58 ? 98  PHE A N   1 
ATOM   792  C CA  . PHE A 1 98  ? 3.450   -6.371  -2.371  1.00 19.36 ? 98  PHE A CA  1 
ATOM   793  C C   . PHE A 1 98  ? 4.309   -7.255  -3.295  1.00 21.89 ? 98  PHE A C   1 
ATOM   794  O O   . PHE A 1 98  ? 4.239   -7.131  -4.529  1.00 23.30 ? 98  PHE A O   1 
ATOM   795  C CB  . PHE A 1 98  ? 4.295   -5.271  -1.709  1.00 21.30 ? 98  PHE A CB  1 
ATOM   796  C CG  . PHE A 1 98  ? 3.472   -4.179  -1.034  1.00 15.10 ? 98  PHE A CG  1 
ATOM   797  C CD1 . PHE A 1 98  ? 2.276   -3.744  -1.585  1.00 16.53 ? 98  PHE A CD1 1 
ATOM   798  C CD2 . PHE A 1 98  ? 3.902   -3.597  0.148   1.00 19.25 ? 98  PHE A CD2 1 
ATOM   799  C CE1 . PHE A 1 98  ? 1.525   -2.754  -0.973  1.00 16.02 ? 98  PHE A CE1 1 
ATOM   800  C CE2 . PHE A 1 98  ? 3.161   -2.606  0.773   1.00 18.65 ? 98  PHE A CE2 1 
ATOM   801  C CZ  . PHE A 1 98  ? 1.964   -2.177  0.215   1.00 23.54 ? 98  PHE A CZ  1 
ATOM   802  N N   . GLU A 1 99  ? 5.104   -8.152  -2.712  1.00 15.65 ? 99  GLU A N   1 
ATOM   803  C CA  . GLU A 1 99  ? 5.930   -9.063  -3.503  1.00 18.77 ? 99  GLU A CA  1 
ATOM   804  C C   . GLU A 1 99  ? 5.063   -9.914  -4.419  1.00 22.85 ? 99  GLU A C   1 
ATOM   805  O O   . GLU A 1 99  ? 5.409   -10.154 -5.574  1.00 22.01 ? 99  GLU A O   1 
ATOM   806  C CB  . GLU A 1 99  ? 6.786   -9.963  -2.596  1.00 20.58 ? 99  GLU A CB  1 
ATOM   807  C CG  . GLU A 1 99  ? 7.931   -9.211  -1.929  1.00 19.20 ? 99  GLU A CG  1 
ATOM   808  C CD  . GLU A 1 99  ? 8.660   -10.029 -0.871  1.00 39.51 ? 99  GLU A CD  1 
ATOM   809  O OE1 . GLU A 1 99  ? 8.212   -11.154 -0.556  1.00 31.98 ? 99  GLU A OE1 1 
ATOM   810  O OE2 . GLU A 1 99  ? 9.672   -9.530  -0.338  1.00 24.06 ? 99  GLU A OE2 1 
ATOM   811  N N   . GLU A 1 100 ? 3.918   -10.346 -3.898  1.00 22.94 ? 100 GLU A N   1 
ATOM   812  C CA  . GLU A 1 100 ? 2.999   -11.162 -4.666  1.00 17.04 ? 100 GLU A CA  1 
ATOM   813  C C   . GLU A 1 100 ? 2.240   -10.417 -5.760  1.00 27.52 ? 100 GLU A C   1 
ATOM   814  O O   . GLU A 1 100 ? 1.778   -11.041 -6.708  1.00 23.53 ? 100 GLU A O   1 
ATOM   815  C CB  . GLU A 1 100 ? 1.990   -11.832 -3.739  1.00 22.60 ? 100 GLU A CB  1 
ATOM   816  C CG  . GLU A 1 100 ? 2.586   -12.912 -2.849  1.00 34.83 ? 100 GLU A CG  1 
ATOM   817  C CD  . GLU A 1 100 ? 1.573   -13.449 -1.857  1.00 33.17 ? 100 GLU A CD  1 
ATOM   818  O OE1 . GLU A 1 100 ? 1.282   -12.760 -0.857  1.00 32.41 ? 100 GLU A OE1 1 
ATOM   819  O OE2 . GLU A 1 100 ? 1.057   -14.552 -2.098  1.00 32.05 ? 100 GLU A OE2 1 
ATOM   820  N N   . MET A 1 101 ? 2.106   -9.099  -5.646  1.00 23.73 ? 101 MET A N   1 
ATOM   821  C CA  . MET A 1 101 ? 1.200   -8.384  -6.547  1.00 20.13 ? 101 MET A CA  1 
ATOM   822  C C   . MET A 1 101 ? 1.868   -7.333  -7.440  1.00 24.90 ? 101 MET A C   1 
ATOM   823  O O   . MET A 1 101 ? 1.241   -6.827  -8.368  1.00 25.04 ? 101 MET A O   1 
ATOM   824  C CB  . MET A 1 101 ? 0.090   -7.706  -5.742  1.00 22.05 ? 101 MET A CB  1 
ATOM   825  C CG  . MET A 1 101 ? -0.836  -8.681  -5.005  1.00 20.71 ? 101 MET A CG  1 
ATOM   826  S SD  . MET A 1 101 ? -1.645  -9.865  -6.110  1.00 29.45 ? 101 MET A SD  1 
ATOM   827  C CE  . MET A 1 101 ? -2.642  -8.787  -7.102  1.00 19.65 ? 101 MET A CE  1 
ATOM   828  N N   . ILE A 1 102 ? 3.116   -6.984  -7.164  1.00 21.12 ? 102 ILE A N   1 
ATOM   829  C CA  . ILE A 1 102 ? 3.728   -5.876  -7.906  1.00 17.75 ? 102 ILE A CA  1 
ATOM   830  C C   . ILE A 1 102 ? 3.807   -6.153  -9.417  1.00 22.66 ? 102 ILE A C   1 
ATOM   831  O O   . ILE A 1 102 ? 3.642   -5.232  -10.205 1.00 24.08 ? 102 ILE A O   1 
ATOM   832  C CB  . ILE A 1 102 ? 5.129   -5.509  -7.358  1.00 23.79 ? 102 ILE A CB  1 
ATOM   833  C CG1 . ILE A 1 102 ? 5.639   -4.214  -8.020  1.00 19.25 ? 102 ILE A CG1 1 
ATOM   834  C CG2 . ILE A 1 102 ? 6.114   -6.660  -7.517  1.00 23.83 ? 102 ILE A CG2 1 
ATOM   835  C CD1 . ILE A 1 102 ? 6.880   -3.672  -7.388  1.00 17.71 ? 102 ILE A CD1 1 
ATOM   836  N N   . ASP A 1 103 ? 3.995   -7.411  -9.824  1.00 20.90 ? 103 ASP A N   1 
ATOM   837  C CA  . ASP A 1 103 ? 3.982   -7.744  -11.257 1.00 26.31 ? 103 ASP A CA  1 
ATOM   838  C C   . ASP A 1 103 ? 2.571   -7.888  -11.837 1.00 26.50 ? 103 ASP A C   1 
ATOM   839  O O   . ASP A 1 103 ? 2.407   -8.185  -13.014 1.00 26.46 ? 103 ASP A O   1 
ATOM   840  C CB  . ASP A 1 103 ? 4.762   -9.039  -11.522 1.00 31.09 ? 103 ASP A CB  1 
ATOM   841  C CG  . ASP A 1 103 ? 6.242   -8.903  -11.221 1.00 42.94 ? 103 ASP A CG  1 
ATOM   842  O OD1 . ASP A 1 103 ? 6.808   -9.822  -10.586 1.00 47.35 ? 103 ASP A OD1 1 
ATOM   843  O OD2 . ASP A 1 103 ? 6.841   -7.882  -11.623 1.00 44.97 ? 103 ASP A OD2 1 
ATOM   844  N N   . LYS A 1 104 ? 1.551   -7.673  -11.018 1.00 23.46 ? 104 LYS A N   1 
ATOM   845  C CA  . LYS A 1 104 ? 0.181   -7.851  -11.476 1.00 24.40 ? 104 LYS A CA  1 
ATOM   846  C C   . LYS A 1 104 ? -0.615  -6.549  -11.556 1.00 27.84 ? 104 LYS A C   1 
ATOM   847  O O   . LYS A 1 104 ? -1.636  -6.492  -12.226 1.00 24.98 ? 104 LYS A O   1 
ATOM   848  C CB  . LYS A 1 104 ? -0.556  -8.824  -10.550 1.00 26.52 ? 104 LYS A CB  1 
ATOM   849  C CG  . LYS A 1 104 ? 0.148   -10.164 -10.335 1.00 22.63 ? 104 LYS A CG  1 
ATOM   850  C CD  . LYS A 1 104 ? 0.369   -10.884 -11.641 1.00 44.84 ? 104 LYS A CD  1 
ATOM   851  C CE  . LYS A 1 104 ? 0.729   -12.340 -11.392 1.00 73.06 ? 104 LYS A CE  1 
ATOM   852  N NZ  . LYS A 1 104 ? 1.763   -12.473 -10.329 1.00 69.23 ? 104 LYS A NZ  1 
ATOM   853  N N   . VAL A 1 105 ? -0.178  -5.508  -10.858 1.00 24.51 ? 105 VAL A N   1 
ATOM   854  C CA  . VAL A 1 105 ? -1.035  -4.322  -10.730 1.00 22.13 ? 105 VAL A CA  1 
ATOM   855  C C   . VAL A 1 105 ? -0.906  -3.369  -11.922 1.00 28.64 ? 105 VAL A C   1 
ATOM   856  O O   . VAL A 1 105 ? 0.117   -3.348  -12.607 1.00 25.92 ? 105 VAL A O   1 
ATOM   857  C CB  . VAL A 1 105 ? -0.732  -3.553  -9.430  1.00 20.52 ? 105 VAL A CB  1 
ATOM   858  C CG1 . VAL A 1 105 ? -0.970  -4.467  -8.227  1.00 20.58 ? 105 VAL A CG1 1 
ATOM   859  C CG2 . VAL A 1 105 ? 0.715   -3.038  -9.430  1.00 17.50 ? 105 VAL A CG2 1 
ATOM   860  N N   . ASP A 1 106 ? -1.963  -2.589  -12.150 1.00 32.39 ? 106 ASP A N   1 
ATOM   861  C CA  . ASP A 1 106 ? -2.005  -1.582  -13.211 1.00 40.72 ? 106 ASP A CA  1 
ATOM   862  C C   . ASP A 1 106 ? -1.098  -0.389  -12.896 1.00 30.57 ? 106 ASP A C   1 
ATOM   863  O O   . ASP A 1 106 ? -0.375  0.133   -13.755 1.00 20.87 ? 106 ASP A O   1 
ATOM   864  C CB  . ASP A 1 106 ? -3.446  -1.088  -13.399 1.00 30.18 ? 106 ASP A CB  1 
ATOM   865  C CG  . ASP A 1 106 ? -4.426  -2.222  -13.666 1.00 43.47 ? 106 ASP A CG  1 
ATOM   866  O OD1 . ASP A 1 106 ? -4.108  -3.101  -14.491 1.00 38.97 ? 106 ASP A OD1 1 
ATOM   867  O OD2 . ASP A 1 106 ? -5.512  -2.239  -13.045 1.00 41.32 ? 106 ASP A OD2 1 
ATOM   868  N N   . ASP A 1 107 ? -1.161  0.049   -11.644 1.00 22.88 ? 107 ASP A N   1 
ATOM   869  C CA  . ASP A 1 107 ? -0.479  1.257   -11.230 1.00 20.42 ? 107 ASP A CA  1 
ATOM   870  C C   . ASP A 1 107 ? -0.176  1.199   -9.745  1.00 19.27 ? 107 ASP A C   1 
ATOM   871  O O   . ASP A 1 107 ? -0.634  0.289   -9.038  1.00 17.25 ? 107 ASP A O   1 
ATOM   872  C CB  . ASP A 1 107 ? -1.325  2.488   -11.563 1.00 20.31 ? 107 ASP A CB  1 
ATOM   873  C CG  . ASP A 1 107 ? -2.692  2.443   -10.916 1.00 29.93 ? 107 ASP A CG  1 
ATOM   874  O OD1 . ASP A 1 107 ? -3.077  1.374   -10.389 1.00 29.45 ? 107 ASP A OD1 1 
ATOM   875  O OD2 . ASP A 1 107 ? -3.387  3.472   -10.947 1.00 24.43 ? 107 ASP A OD2 1 
ATOM   876  N N   . MET A 1 108 ? 0.601   2.176   -9.288  1.00 15.66 ? 108 MET A N   1 
ATOM   877  C CA  . MET A 1 108 ? 1.031   2.240   -7.899  1.00 17.27 ? 108 MET A CA  1 
ATOM   878  C C   . MET A 1 108 ? 0.914   3.673   -7.397  1.00 20.10 ? 108 MET A C   1 
ATOM   879  O O   . MET A 1 108 ? 1.339   4.623   -8.075  1.00 17.47 ? 108 MET A O   1 
ATOM   880  C CB  . MET A 1 108 ? 2.478   1.733   -7.746  1.00 19.72 ? 108 MET A CB  1 
ATOM   881  C CG  . MET A 1 108 ? 2.742   0.351   -8.369  1.00 20.53 ? 108 MET A CG  1 
ATOM   882  S SD  . MET A 1 108 ? 4.274   -0.440  -7.814  1.00 16.46 ? 108 MET A SD  1 
ATOM   883  C CE  . MET A 1 108 ? 5.510   0.531   -8.663  1.00 13.47 ? 108 MET A CE  1 
ATOM   884  N N   . TYR A 1 109 ? 0.314   3.821   -6.221  1.00 15.82 ? 109 TYR A N   1 
ATOM   885  C CA  . TYR A 1 109 ? 0.314   5.083   -5.506  1.00 13.88 ? 109 TYR A CA  1 
ATOM   886  C C   . TYR A 1 109 ? 1.331   5.012   -4.382  1.00 20.25 ? 109 TYR A C   1 
ATOM   887  O O   . TYR A 1 109 ? 1.074   4.432   -3.320  1.00 16.54 ? 109 TYR A O   1 
ATOM   888  C CB  . TYR A 1 109 ? -1.074  5.392   -4.948  1.00 16.99 ? 109 TYR A CB  1 
ATOM   889  C CG  . TYR A 1 109 ? -2.092  5.659   -6.021  1.00 18.87 ? 109 TYR A CG  1 
ATOM   890  C CD1 . TYR A 1 109 ? -2.310  6.955   -6.488  1.00 18.29 ? 109 TYR A CD1 1 
ATOM   891  C CD2 . TYR A 1 109 ? -2.825  4.628   -6.576  1.00 19.59 ? 109 TYR A CD2 1 
ATOM   892  C CE1 . TYR A 1 109 ? -3.233  7.210   -7.486  1.00 18.57 ? 109 TYR A CE1 1 
ATOM   893  C CE2 . TYR A 1 109 ? -3.759  4.873   -7.575  1.00 24.36 ? 109 TYR A CE2 1 
ATOM   894  C CZ  . TYR A 1 109 ? -3.958  6.166   -8.014  1.00 20.41 ? 109 TYR A CZ  1 
ATOM   895  O OH  . TYR A 1 109 ? -4.879  6.410   -8.993  1.00 26.59 ? 109 TYR A OH  1 
ATOM   896  N N   . ILE A 1 110 ? 2.484   5.612   -4.613  1.00 15.75 ? 110 ILE A N   1 
ATOM   897  C CA  . ILE A 1 110 ? 3.600   5.487   -3.687  1.00 12.86 ? 110 ILE A CA  1 
ATOM   898  C C   . ILE A 1 110 ? 3.891   6.798   -2.991  1.00 22.08 ? 110 ILE A C   1 
ATOM   899  O O   . ILE A 1 110 ? 4.036   7.824   -3.642  1.00 21.84 ? 110 ILE A O   1 
ATOM   900  C CB  . ILE A 1 110 ? 4.882   5.015   -4.416  1.00 15.43 ? 110 ILE A CB  1 
ATOM   901  C CG1 . ILE A 1 110 ? 4.665   3.619   -5.016  1.00 14.61 ? 110 ILE A CG1 1 
ATOM   902  C CG2 . ILE A 1 110 ? 6.075   5.016   -3.467  1.00 16.12 ? 110 ILE A CG2 1 
ATOM   903  C CD1 . ILE A 1 110 ? 5.866   3.093   -5.811  1.00 23.11 ? 110 ILE A CD1 1 
ATOM   904  N N   . THR A 1 111 ? 3.967   6.763   -1.667  1.00 18.77 ? 111 THR A N   1 
ATOM   905  C CA  . THR A 1 111 ? 4.513   7.886   -0.922  1.00 14.94 ? 111 THR A CA  1 
ATOM   906  C C   . THR A 1 111 ? 5.973   7.605   -0.636  1.00 18.55 ? 111 THR A C   1 
ATOM   907  O O   . THR A 1 111 ? 6.291   6.706   0.145   1.00 17.49 ? 111 THR A O   1 
ATOM   908  C CB  . THR A 1 111 ? 3.774   8.119   0.418   1.00 18.54 ? 111 THR A CB  1 
ATOM   909  O OG1 . THR A 1 111 ? 2.364   8.229   0.179   1.00 19.22 ? 111 THR A OG1 1 
ATOM   910  C CG2 . THR A 1 111 ? 4.296   9.381   1.115   1.00 16.56 ? 111 THR A CG2 1 
ATOM   911  N N   . VAL A 1 112 ? 6.869   8.340   -1.280  1.00 18.51 ? 112 VAL A N   1 
ATOM   912  C CA  . VAL A 1 112 ? 8.275   8.194   -0.944  1.00 14.73 ? 112 VAL A CA  1 
ATOM   913  C C   . VAL A 1 112 ? 8.568   9.032   0.273   1.00 19.67 ? 112 VAL A C   1 
ATOM   914  O O   . VAL A 1 112 ? 8.474   10.262  0.221   1.00 17.64 ? 112 VAL A O   1 
ATOM   915  C CB  . VAL A 1 112 ? 9.207   8.625   -2.079  1.00 18.75 ? 112 VAL A CB  1 
ATOM   916  C CG1 . VAL A 1 112 ? 10.657  8.474   -1.637  1.00 16.68 ? 112 VAL A CG1 1 
ATOM   917  C CG2 . VAL A 1 112 ? 8.921   7.805   -3.339  1.00 24.21 ? 112 VAL A CG2 1 
ATOM   918  N N   . ILE A 1 113 ? 8.875   8.359   1.378   1.00 18.55 ? 113 ILE A N   1 
ATOM   919  C CA  . ILE A 1 113 ? 9.290   9.005   2.620   1.00 14.94 ? 113 ILE A CA  1 
ATOM   920  C C   . ILE A 1 113 ? 10.771  9.335   2.433   1.00 20.26 ? 113 ILE A C   1 
ATOM   921  O O   . ILE A 1 113 ? 11.594  8.437   2.312   1.00 18.51 ? 113 ILE A O   1 
ATOM   922  C CB  . ILE A 1 113 ? 9.085   8.090   3.859   1.00 21.29 ? 113 ILE A CB  1 
ATOM   923  C CG1 . ILE A 1 113 ? 7.649   7.539   3.928   1.00 18.31 ? 113 ILE A CG1 1 
ATOM   924  C CG2 . ILE A 1 113 ? 9.475   8.803   5.153   1.00 17.68 ? 113 ILE A CG2 1 
ATOM   925  C CD1 . ILE A 1 113 ? 6.580   8.604   4.129   1.00 22.61 ? 113 ILE A CD1 1 
ATOM   926  N N   . GLU A 1 114 ? 11.108  10.616  2.383   1.00 19.88 ? 114 GLU A N   1 
ATOM   927  C CA  . GLU A 1 114 ? 12.437  11.022  1.949   1.00 20.77 ? 114 GLU A CA  1 
ATOM   928  C C   . GLU A 1 114 ? 13.439  10.981  3.097   1.00 18.55 ? 114 GLU A C   1 
ATOM   929  O O   . GLU A 1 114 ? 14.060  11.989  3.441   1.00 21.64 ? 114 GLU A O   1 
ATOM   930  C CB  . GLU A 1 114 ? 12.373  12.419  1.321   1.00 17.61 ? 114 GLU A CB  1 
ATOM   931  C CG  . GLU A 1 114 ? 11.375  12.506  0.172   1.00 19.03 ? 114 GLU A CG  1 
ATOM   932  C CD  . GLU A 1 114 ? 11.955  12.099  -1.173  1.00 34.20 ? 114 GLU A CD  1 
ATOM   933  O OE1 . GLU A 1 114 ? 13.152  11.751  -1.240  1.00 28.94 ? 114 GLU A OE1 1 
ATOM   934  O OE2 . GLU A 1 114 ? 11.212  12.140  -2.178  1.00 26.67 ? 114 GLU A OE2 1 
ATOM   935  N N   . GLY A 1 115 ? 13.593  9.793   3.676   1.00 20.31 ? 115 GLY A N   1 
ATOM   936  C CA  . GLY A 1 115 ? 14.476  9.582   4.802   1.00 18.97 ? 115 GLY A CA  1 
ATOM   937  C C   . GLY A 1 115 ? 14.943  8.134   4.875   1.00 18.18 ? 115 GLY A C   1 
ATOM   938  O O   . GLY A 1 115 ? 14.563  7.302   4.048   1.00 18.77 ? 115 GLY A O   1 
ATOM   939  N N   . LYS A 1 116 ? 15.790  7.838   5.850   1.00 19.39 ? 116 LYS A N   1 
ATOM   940  C CA  . LYS A 1 116 ? 16.301  6.492   6.014   1.00 17.78 ? 116 LYS A CA  1 
ATOM   941  C C   . LYS A 1 116 ? 15.934  6.036   7.413   1.00 18.26 ? 116 LYS A C   1 
ATOM   942  O O   . LYS A 1 116 ? 16.409  6.605   8.409   1.00 18.64 ? 116 LYS A O   1 
ATOM   943  C CB  . LYS A 1 116 ? 17.816  6.435   5.786   1.00 17.80 ? 116 LYS A CB  1 
ATOM   944  C CG  . LYS A 1 116 ? 18.222  6.646   4.323   1.00 17.71 ? 116 LYS A CG  1 
ATOM   945  C CD  . LYS A 1 116 ? 19.670  7.109   4.185   1.00 38.63 ? 116 LYS A CD  1 
ATOM   946  C CE  . LYS A 1 116 ? 20.679  6.051   4.590   1.00 42.73 ? 116 LYS A CE  1 
ATOM   947  N NZ  . LYS A 1 116 ? 22.091  6.546   4.412   1.00 41.82 ? 116 LYS A NZ  1 
ATOM   948  N N   . PHE A 1 117 ? 15.078  5.023   7.470   1.00 20.25 ? 117 PHE A N   1 
ATOM   949  C CA  . PHE A 1 117 ? 14.573  4.475   8.736   1.00 18.91 ? 117 PHE A CA  1 
ATOM   950  C C   . PHE A 1 117 ? 15.078  3.065   8.948   1.00 19.38 ? 117 PHE A C   1 
ATOM   951  O O   . PHE A 1 117 ? 15.371  2.370   7.985   1.00 19.76 ? 117 PHE A O   1 
ATOM   952  C CB  . PHE A 1 117 ? 13.045  4.458   8.743   1.00 21.93 ? 117 PHE A CB  1 
ATOM   953  C CG  . PHE A 1 117 ? 12.427  5.814   8.818   1.00 28.19 ? 117 PHE A CG  1 
ATOM   954  C CD1 . PHE A 1 117 ? 11.861  6.267   10.003  1.00 23.47 ? 117 PHE A CD1 1 
ATOM   955  C CD2 . PHE A 1 117 ? 12.409  6.639   7.706   1.00 21.63 ? 117 PHE A CD2 1 
ATOM   956  C CE1 . PHE A 1 117 ? 11.290  7.533   10.071  1.00 20.33 ? 117 PHE A CE1 1 
ATOM   957  C CE2 . PHE A 1 117 ? 11.837  7.902   7.773   1.00 19.93 ? 117 PHE A CE2 1 
ATOM   958  C CZ  . PHE A 1 117 ? 11.279  8.337   8.965   1.00 14.48 ? 117 PHE A CZ  1 
ATOM   959  N N   . ARG A 1 118 ? 15.177  2.636   10.202  1.00 23.30 ? 118 ARG A N   1 
ATOM   960  C CA  . ARG A 1 118 ? 15.380  1.222   10.491  1.00 22.03 ? 118 ARG A CA  1 
ATOM   961  C C   . ARG A 1 118 ? 14.132  0.433   10.060  1.00 20.11 ? 118 ARG A C   1 
ATOM   962  O O   . ARG A 1 118 ? 13.011  0.799   10.418  1.00 20.93 ? 118 ARG A O   1 
ATOM   963  C CB  . ARG A 1 118 ? 15.668  1.005   11.982  1.00 23.95 ? 118 ARG A CB  1 
ATOM   964  C CG  . ARG A 1 118 ? 15.682  -0.473  12.415  1.00 39.51 ? 118 ARG A CG  1 
ATOM   965  C CD  . ARG A 1 118 ? 16.193  -0.662  13.855  1.00 37.61 ? 118 ARG A CD  1 
ATOM   966  N NE  . ARG A 1 118 ? 17.563  -0.183  13.984  1.00 43.52 ? 118 ARG A NE  1 
ATOM   967  C CZ  . ARG A 1 118 ? 17.892  1.009   14.473  1.00 50.15 ? 118 ARG A CZ  1 
ATOM   968  N NH1 . ARG A 1 118 ? 16.953  1.838   14.907  1.00 56.13 ? 118 ARG A NH1 1 
ATOM   969  N NH2 . ARG A 1 118 ? 19.161  1.373   14.531  1.00 50.01 ? 118 ARG A NH2 1 
ATOM   970  N N   . GLY A 1 119 ? 14.317  -0.631  9.281   1.00 20.59 ? 119 GLY A N   1 
ATOM   971  C CA  . GLY A 1 119 ? 13.186  -1.447  8.863   1.00 17.97 ? 119 GLY A CA  1 
ATOM   972  C C   . GLY A 1 119 ? 13.418  -2.936  8.989   1.00 23.95 ? 119 GLY A C   1 
ATOM   973  O O   . GLY A 1 119 ? 14.567  -3.373  9.075   1.00 19.39 ? 119 GLY A O   1 
ATOM   974  N N   . ASP A 1 120 ? 12.339  -3.726  9.000   1.00 15.29 ? 120 ASP A N   1 
ATOM   975  C CA  . ASP A 1 120 ? 12.498  -5.175  8.844   1.00 15.55 ? 120 ASP A CA  1 
ATOM   976  C C   . ASP A 1 120 ? 11.608  -5.732  7.729   1.00 23.75 ? 120 ASP A C   1 
ATOM   977  O O   . ASP A 1 120 ? 11.558  -6.940  7.491   1.00 13.49 ? 120 ASP A O   1 
ATOM   978  C CB  . ASP A 1 120 ? 12.236  -5.902  10.167  1.00 17.06 ? 120 ASP A CB  1 
ATOM   979  C CG  . ASP A 1 120 ? 10.868  -5.589  10.748  1.00 25.23 ? 120 ASP A CG  1 
ATOM   980  O OD1 . ASP A 1 120 ? 9.955   -5.185  9.985   1.00 14.76 ? 120 ASP A OD1 1 
ATOM   981  O OD2 . ASP A 1 120 ? 10.714  -5.756  11.975  1.00 21.35 ? 120 ASP A OD2 1 
ATOM   982  N N   . THR A 1 121 ? 10.905  -4.839  7.046   1.00 17.30 ? 121 THR A N   1 
ATOM   983  C CA  . THR A 1 121 ? 10.072  -5.219  5.913   1.00 15.68 ? 121 THR A CA  1 
ATOM   984  C C   . THR A 1 121 ? 10.224  -4.145  4.838   1.00 20.14 ? 121 THR A C   1 
ATOM   985  O O   . THR A 1 121 ? 10.387  -2.960  5.158   1.00 17.31 ? 121 THR A O   1 
ATOM   986  C CB  . THR A 1 121 ? 8.608   -5.367  6.306   1.00 21.01 ? 121 THR A CB  1 
ATOM   987  O OG1 . THR A 1 121 ? 8.291   -4.351  7.242   1.00 21.18 ? 121 THR A OG1 1 
ATOM   988  C CG2 . THR A 1 121 ? 8.345   -6.730  6.956   1.00 23.54 ? 121 THR A CG2 1 
ATOM   989  N N   . PHE A 1 122 ? 10.208  -4.580  3.578   1.00 15.88 ? 122 PHE A N   1 
ATOM   990  C CA  . PHE A 1 122 ? 10.574  -3.755  2.436   1.00 18.06 ? 122 PHE A CA  1 
ATOM   991  C C   . PHE A 1 122 ? 9.579   -3.887  1.287   1.00 16.40 ? 122 PHE A C   1 
ATOM   992  O O   . PHE A 1 122 ? 8.952   -4.921  1.110   1.00 16.85 ? 122 PHE A O   1 
ATOM   993  C CB  . PHE A 1 122 ? 11.963  -4.138  1.909   1.00 9.98  ? 122 PHE A CB  1 
ATOM   994  C CG  . PHE A 1 122 ? 13.088  -3.686  2.774   1.00 19.00 ? 122 PHE A CG  1 
ATOM   995  C CD1 . PHE A 1 122 ? 13.871  -2.600  2.394   1.00 20.42 ? 122 PHE A CD1 1 
ATOM   996  C CD2 . PHE A 1 122 ? 13.366  -4.328  3.974   1.00 18.09 ? 122 PHE A CD2 1 
ATOM   997  C CE1 . PHE A 1 122 ? 14.910  -2.172  3.188   1.00 16.85 ? 122 PHE A CE1 1 
ATOM   998  C CE2 . PHE A 1 122 ? 14.409  -3.901  4.775   1.00 18.20 ? 122 PHE A CE2 1 
ATOM   999  C CZ  . PHE A 1 122 ? 15.181  -2.829  4.388   1.00 19.14 ? 122 PHE A CZ  1 
ATOM   1000 N N   . PHE A 1 123 ? 9.475   -2.826  0.496   1.00 16.64 ? 123 PHE A N   1 
ATOM   1001 C CA  . PHE A 1 123 ? 8.761   -2.865  -0.773  1.00 17.77 ? 123 PHE A CA  1 
ATOM   1002 C C   . PHE A 1 123 ? 9.723   -3.455  -1.800  1.00 17.81 ? 123 PHE A C   1 
ATOM   1003 O O   . PHE A 1 123 ? 10.924  -3.208  -1.710  1.00 19.66 ? 123 PHE A O   1 
ATOM   1004 C CB  . PHE A 1 123 ? 8.320   -1.464  -1.194  1.00 17.24 ? 123 PHE A CB  1 
ATOM   1005 C CG  . PHE A 1 123 ? 7.366   -1.448  -2.344  1.00 14.24 ? 123 PHE A CG  1 
ATOM   1006 C CD1 . PHE A 1 123 ? 6.045   -1.825  -2.161  1.00 14.16 ? 123 PHE A CD1 1 
ATOM   1007 C CD2 . PHE A 1 123 ? 7.779   -1.034  -3.603  1.00 17.95 ? 123 PHE A CD2 1 
ATOM   1008 C CE1 . PHE A 1 123 ? 5.144   -1.804  -3.214  1.00 16.48 ? 123 PHE A CE1 1 
ATOM   1009 C CE2 . PHE A 1 123 ? 6.889   -1.011  -4.669  1.00 14.20 ? 123 PHE A CE2 1 
ATOM   1010 C CZ  . PHE A 1 123 ? 5.570   -1.399  -4.479  1.00 11.87 ? 123 PHE A CZ  1 
ATOM   1011 N N   . PRO A 1 124 ? 9.218   -4.242  -2.765  1.00 16.99 ? 124 PRO A N   1 
ATOM   1012 C CA  . PRO A 1 124 ? 10.141  -4.831  -3.752  1.00 23.80 ? 124 PRO A CA  1 
ATOM   1013 C C   . PRO A 1 124 ? 10.827  -3.769  -4.613  1.00 21.53 ? 124 PRO A C   1 
ATOM   1014 O O   . PRO A 1 124 ? 10.260  -2.693  -4.812  1.00 19.03 ? 124 PRO A O   1 
ATOM   1015 C CB  . PRO A 1 124 ? 9.225   -5.721  -4.616  1.00 26.14 ? 124 PRO A CB  1 
ATOM   1016 C CG  . PRO A 1 124 ? 7.992   -5.915  -3.823  1.00 27.60 ? 124 PRO A CG  1 
ATOM   1017 C CD  . PRO A 1 124 ? 7.828   -4.677  -2.980  1.00 20.17 ? 124 PRO A CD  1 
ATOM   1018 N N   . PRO A 1 125 ? 12.053  -4.054  -5.087  1.00 20.79 ? 125 PRO A N   1 
ATOM   1019 C CA  . PRO A 1 125 ? 12.715  -3.127  -6.012  1.00 16.68 ? 125 PRO A CA  1 
ATOM   1020 C C   . PRO A 1 125 ? 11.899  -2.967  -7.294  1.00 23.24 ? 125 PRO A C   1 
ATOM   1021 O O   . PRO A 1 125 ? 11.201  -3.893  -7.701  1.00 19.84 ? 125 PRO A O   1 
ATOM   1022 C CB  . PRO A 1 125 ? 14.064  -3.804  -6.312  1.00 23.89 ? 125 PRO A CB  1 
ATOM   1023 C CG  . PRO A 1 125 ? 14.283  -4.759  -5.174  1.00 28.40 ? 125 PRO A CG  1 
ATOM   1024 C CD  . PRO A 1 125 ? 12.911  -5.195  -4.713  1.00 21.76 ? 125 PRO A CD  1 
ATOM   1025 N N   . TYR A 1 126 ? 11.982  -1.785  -7.891  1.00 24.54 ? 126 TYR A N   1 
ATOM   1026 C CA  . TYR A 1 126 ? 11.341  -1.481  -9.167  1.00 24.04 ? 126 TYR A CA  1 
ATOM   1027 C C   . TYR A 1 126 ? 12.155  -0.373  -9.813  1.00 27.74 ? 126 TYR A C   1 
ATOM   1028 O O   . TYR A 1 126 ? 12.901  0.311   -9.125  1.00 20.30 ? 126 TYR A O   1 
ATOM   1029 C CB  . TYR A 1 126 ? 9.895   -1.039  -8.976  1.00 19.01 ? 126 TYR A CB  1 
ATOM   1030 C CG  . TYR A 1 126 ? 9.742   0.213   -8.138  1.00 17.41 ? 126 TYR A CG  1 
ATOM   1031 C CD1 . TYR A 1 126 ? 9.656   1.468   -8.732  1.00 23.96 ? 126 TYR A CD1 1 
ATOM   1032 C CD2 . TYR A 1 126 ? 9.659   0.139   -6.748  1.00 23.09 ? 126 TYR A CD2 1 
ATOM   1033 C CE1 . TYR A 1 126 ? 9.511   2.627   -7.968  1.00 24.17 ? 126 TYR A CE1 1 
ATOM   1034 C CE2 . TYR A 1 126 ? 9.510   1.286   -5.972  1.00 17.01 ? 126 TYR A CE2 1 
ATOM   1035 C CZ  . TYR A 1 126 ? 9.436   2.530   -6.590  1.00 25.05 ? 126 TYR A CZ  1 
ATOM   1036 O OH  . TYR A 1 126 ? 9.290   3.674   -5.829  1.00 17.97 ? 126 TYR A OH  1 
ATOM   1037 N N   . THR A 1 127 ? 12.024  -0.190  -11.121 1.00 25.75 ? 127 THR A N   1 
ATOM   1038 C CA  . THR A 1 127 ? 12.759  0.886   -11.796 1.00 29.09 ? 127 THR A CA  1 
ATOM   1039 C C   . THR A 1 127 ? 11.806  1.832   -12.532 1.00 23.07 ? 127 THR A C   1 
ATOM   1040 O O   . THR A 1 127 ? 10.785  1.398   -13.064 1.00 21.95 ? 127 THR A O   1 
ATOM   1041 C CB  . THR A 1 127 ? 13.807  0.304   -12.789 1.00 30.48 ? 127 THR A CB  1 
ATOM   1042 O OG1 . THR A 1 127 ? 14.352  1.356   -13.591 1.00 37.77 ? 127 THR A OG1 1 
ATOM   1043 C CG2 . THR A 1 127 ? 13.164  -0.716  -13.691 1.00 32.69 ? 127 THR A CG2 1 
ATOM   1044 N N   . PHE A 1 128 ? 12.129  3.120   -12.574 1.00 26.35 ? 128 PHE A N   1 
ATOM   1045 C CA  . PHE A 1 128 ? 11.312  4.062   -13.347 1.00 24.48 ? 128 PHE A CA  1 
ATOM   1046 C C   . PHE A 1 128 ? 11.454  3.775   -14.841 1.00 39.12 ? 128 PHE A C   1 
ATOM   1047 O O   . PHE A 1 128 ? 10.774  4.380   -15.673 1.00 36.38 ? 128 PHE A O   1 
ATOM   1048 C CB  . PHE A 1 128 ? 11.690  5.512   -13.042 1.00 35.44 ? 128 PHE A CB  1 
ATOM   1049 C CG  . PHE A 1 128 ? 11.356  5.936   -11.647 1.00 29.02 ? 128 PHE A CG  1 
ATOM   1050 C CD1 . PHE A 1 128 ? 10.042  6.177   -11.281 1.00 36.67 ? 128 PHE A CD1 1 
ATOM   1051 C CD2 . PHE A 1 128 ? 12.347  6.076   -10.693 1.00 35.72 ? 128 PHE A CD2 1 
ATOM   1052 C CE1 . PHE A 1 128 ? 9.730   6.555   -9.987  1.00 32.57 ? 128 PHE A CE1 1 
ATOM   1053 C CE2 . PHE A 1 128 ? 12.038  6.453   -9.401  1.00 39.56 ? 128 PHE A CE2 1 
ATOM   1054 C CZ  . PHE A 1 128 ? 10.728  6.694   -9.051  1.00 37.69 ? 128 PHE A CZ  1 
ATOM   1055 N N   . GLU A 1 129 ? 12.345  2.851   -15.179 1.00 27.26 ? 129 GLU A N   1 
ATOM   1056 C CA  . GLU A 1 129 ? 12.408  2.330   -16.538 1.00 37.30 ? 129 GLU A CA  1 
ATOM   1057 C C   . GLU A 1 129 ? 11.111  1.617   -16.910 1.00 38.88 ? 129 GLU A C   1 
ATOM   1058 O O   . GLU A 1 129 ? 10.713  1.611   -18.075 1.00 27.86 ? 129 GLU A O   1 
ATOM   1059 C CB  . GLU A 1 129 ? 13.595  1.373   -16.695 1.00 48.78 ? 129 GLU A CB  1 
ATOM   1060 C CG  . GLU A 1 129 ? 14.939  2.064   -16.918 1.00 57.33 ? 129 GLU A CG  1 
ATOM   1061 C CD  . GLU A 1 129 ? 15.930  1.198   -17.691 1.00 73.25 ? 129 GLU A CD  1 
ATOM   1062 O OE1 . GLU A 1 129 ? 15.491  0.368   -18.517 1.00 74.10 ? 129 GLU A OE1 1 
ATOM   1063 O OE2 . GLU A 1 129 ? 17.150  1.344   -17.464 1.00 74.66 ? 129 GLU A OE2 1 
ATOM   1064 N N   . ASP A 1 130 ? 10.444  1.023   -15.921 1.00 25.42 ? 130 ASP A N   1 
ATOM   1065 C CA  . ASP A 1 130 ? 9.255   0.220   -16.191 1.00 24.62 ? 130 ASP A CA  1 
ATOM   1066 C C   . ASP A 1 130 ? 7.947   0.959   -15.892 1.00 28.53 ? 130 ASP A C   1 
ATOM   1067 O O   . ASP A 1 130 ? 6.861   0.476   -16.239 1.00 22.39 ? 130 ASP A O   1 
ATOM   1068 C CB  . ASP A 1 130 ? 9.281   -1.072  -15.376 1.00 27.18 ? 130 ASP A CB  1 
ATOM   1069 C CG  . ASP A 1 130 ? 10.441  -1.970  -15.739 1.00 44.41 ? 130 ASP A CG  1 
ATOM   1070 O OD1 . ASP A 1 130 ? 11.031  -1.777  -16.823 1.00 34.76 ? 130 ASP A OD1 1 
ATOM   1071 O OD2 . ASP A 1 130 ? 10.752  -2.874  -14.934 1.00 37.65 ? 130 ASP A OD2 1 
ATOM   1072 N N   . TRP A 1 131 ? 8.063   2.108   -15.233 1.00 27.80 ? 131 TRP A N   1 
ATOM   1073 C CA  . TRP A 1 131 ? 6.907   2.829   -14.686 1.00 21.02 ? 131 TRP A CA  1 
ATOM   1074 C C   . TRP A 1 131 ? 6.932   4.291   -15.073 1.00 18.99 ? 131 TRP A C   1 
ATOM   1075 O O   . TRP A 1 131 ? 7.903   4.974   -14.789 1.00 19.27 ? 131 TRP A O   1 
ATOM   1076 C CB  . TRP A 1 131 ? 6.886   2.735   -13.163 1.00 12.09 ? 131 TRP A CB  1 
ATOM   1077 C CG  . TRP A 1 131 ? 6.749   1.333   -12.682 1.00 16.25 ? 131 TRP A CG  1 
ATOM   1078 C CD1 . TRP A 1 131 ? 7.756   0.450   -12.434 1.00 21.09 ? 131 TRP A CD1 1 
ATOM   1079 C CD2 . TRP A 1 131 ? 5.529   0.638   -12.433 1.00 19.86 ? 131 TRP A CD2 1 
ATOM   1080 N NE1 . TRP A 1 131 ? 7.237   -0.754  -12.027 1.00 17.18 ? 131 TRP A NE1 1 
ATOM   1081 C CE2 . TRP A 1 131 ? 5.871   -0.665  -12.017 1.00 21.28 ? 131 TRP A CE2 1 
ATOM   1082 C CE3 . TRP A 1 131 ? 4.179   0.993   -12.512 1.00 16.23 ? 131 TRP A CE3 1 
ATOM   1083 C CZ2 . TRP A 1 131 ? 4.912   -1.614  -11.686 1.00 20.65 ? 131 TRP A CZ2 1 
ATOM   1084 C CZ3 . TRP A 1 131 ? 3.227   0.051   -12.163 1.00 18.35 ? 131 TRP A CZ3 1 
ATOM   1085 C CH2 . TRP A 1 131 ? 3.598   -1.237  -11.756 1.00 17.90 ? 131 TRP A CH2 1 
ATOM   1086 N N   . GLU A 1 132 ? 5.857   4.766   -15.695 1.00 16.98 ? 132 GLU A N   1 
ATOM   1087 C CA  . GLU A 1 132 ? 5.733   6.183   -16.012 1.00 18.04 ? 132 GLU A CA  1 
ATOM   1088 C C   . GLU A 1 132 ? 5.255   6.966   -14.807 1.00 20.54 ? 132 GLU A C   1 
ATOM   1089 O O   . GLU A 1 132 ? 4.345   6.529   -14.105 1.00 18.07 ? 132 GLU A O   1 
ATOM   1090 C CB  . GLU A 1 132 ? 4.755   6.409   -17.163 1.00 19.50 ? 132 GLU A CB  1 
ATOM   1091 C CG  . GLU A 1 132 ? 4.599   7.890   -17.479 1.00 33.94 ? 132 GLU A CG  1 
ATOM   1092 C CD  . GLU A 1 132 ? 3.946   8.166   -18.809 1.00 42.05 ? 132 GLU A CD  1 
ATOM   1093 O OE1 . GLU A 1 132 ? 3.171   7.310   -19.284 1.00 38.40 ? 132 GLU A OE1 1 
ATOM   1094 O OE2 . GLU A 1 132 ? 4.221   9.246   -19.383 1.00 46.04 ? 132 GLU A OE2 1 
ATOM   1095 N N   . VAL A 1 133 ? 5.841   8.139   -14.588 1.00 15.99 ? 133 VAL A N   1 
ATOM   1096 C CA  . VAL A 1 133 ? 5.451   8.984   -13.470 1.00 15.21 ? 133 VAL A CA  1 
ATOM   1097 C C   . VAL A 1 133 ? 4.247   9.831   -13.902 1.00 23.33 ? 133 VAL A C   1 
ATOM   1098 O O   . VAL A 1 133 ? 4.416   10.867  -14.534 1.00 21.23 ? 133 VAL A O   1 
ATOM   1099 C CB  . VAL A 1 133 ? 6.622   9.886   -13.024 1.00 18.12 ? 133 VAL A CB  1 
ATOM   1100 C CG1 . VAL A 1 133 ? 6.204   10.789  -11.876 1.00 27.12 ? 133 VAL A CG1 1 
ATOM   1101 C CG2 . VAL A 1 133 ? 7.852   9.028   -12.642 1.00 24.16 ? 133 VAL A CG2 1 
ATOM   1102 N N   . ALA A 1 134 ? 3.039   9.370   -13.593 1.00 20.17 ? 134 ALA A N   1 
ATOM   1103 C CA  . ALA A 1 134 ? 1.828   10.091  -13.981 1.00 17.55 ? 134 ALA A CA  1 
ATOM   1104 C C   . ALA A 1 134 ? 1.753   11.411  -13.233 1.00 19.72 ? 134 ALA A C   1 
ATOM   1105 O O   . ALA A 1 134 ? 1.262   12.420  -13.756 1.00 16.20 ? 134 ALA A O   1 
ATOM   1106 C CB  . ALA A 1 134 ? 0.578   9.249   -13.710 1.00 20.40 ? 134 ALA A CB  1 
ATOM   1107 N N   . SER A 1 135 ? 2.239   11.392  -11.997 1.00 21.10 ? 135 SER A N   1 
ATOM   1108 C CA  . SER A 1 135 ? 2.330   12.601  -11.190 1.00 19.27 ? 135 SER A CA  1 
ATOM   1109 C C   . SER A 1 135 ? 3.320   12.395  -10.059 1.00 19.26 ? 135 SER A C   1 
ATOM   1110 O O   . SER A 1 135 ? 3.531   11.274  -9.592  1.00 17.34 ? 135 SER A O   1 
ATOM   1111 C CB  . SER A 1 135 ? 0.972   12.974  -10.616 1.00 17.23 ? 135 SER A CB  1 
ATOM   1112 O OG  . SER A 1 135 ? 0.525   11.949  -9.761  1.00 23.01 ? 135 SER A OG  1 
ATOM   1113 N N   . SER A 1 136 ? 3.917   13.498  -9.640  1.00 16.43 ? 136 SER A N   1 
ATOM   1114 C CA  . SER A 1 136 ? 4.859   13.550  -8.533  1.00 20.77 ? 136 SER A CA  1 
ATOM   1115 C C   . SER A 1 136 ? 4.596   14.857  -7.800  1.00 23.69 ? 136 SER A C   1 
ATOM   1116 O O   . SER A 1 136 ? 4.697   15.932  -8.398  1.00 22.66 ? 136 SER A O   1 
ATOM   1117 C CB  . SER A 1 136 ? 6.301   13.475  -9.035  1.00 17.95 ? 136 SER A CB  1 
ATOM   1118 O OG  . SER A 1 136 ? 7.239   13.585  -7.969  1.00 18.83 ? 136 SER A OG  1 
ATOM   1119 N N   . VAL A 1 137 ? 4.215   14.764  -6.526  1.00 20.44 ? 137 VAL A N   1 
ATOM   1120 C CA  . VAL A 1 137 ? 3.804   15.933  -5.745  1.00 22.66 ? 137 VAL A CA  1 
ATOM   1121 C C   . VAL A 1 137 ? 4.469   15.958  -4.369  1.00 16.90 ? 137 VAL A C   1 
ATOM   1122 O O   . VAL A 1 137 ? 4.297   15.038  -3.567  1.00 18.56 ? 137 VAL A O   1 
ATOM   1123 C CB  . VAL A 1 137 ? 2.276   15.963  -5.569  1.00 23.51 ? 137 VAL A CB  1 
ATOM   1124 C CG1 . VAL A 1 137 ? 1.825   17.156  -4.701  1.00 20.50 ? 137 VAL A CG1 1 
ATOM   1125 C CG2 . VAL A 1 137 ? 1.596   15.991  -6.943  1.00 20.57 ? 137 VAL A CG2 1 
ATOM   1126 N N   . GLU A 1 138 ? 5.237   17.004  -4.099  1.00 22.65 ? 138 GLU A N   1 
ATOM   1127 C CA  . GLU A 1 138 ? 5.864   17.146  -2.783  1.00 20.60 ? 138 GLU A CA  1 
ATOM   1128 C C   . GLU A 1 138 ? 4.820   17.355  -1.711  1.00 25.98 ? 138 GLU A C   1 
ATOM   1129 O O   . GLU A 1 138 ? 3.900   18.157  -1.875  1.00 22.04 ? 138 GLU A O   1 
ATOM   1130 C CB  . GLU A 1 138 ? 6.855   18.297  -2.791  1.00 20.42 ? 138 GLU A CB  1 
ATOM   1131 C CG  . GLU A 1 138 ? 7.943   18.094  -3.811  1.00 25.29 ? 138 GLU A CG  1 
ATOM   1132 C CD  . GLU A 1 138 ? 8.936   19.234  -3.825  1.00 41.51 ? 138 GLU A CD  1 
ATOM   1133 O OE1 . GLU A 1 138 ? 8.884   20.077  -2.907  1.00 41.39 ? 138 GLU A OE1 1 
ATOM   1134 O OE2 . GLU A 1 138 ? 9.763   19.292  -4.756  1.00 52.04 ? 138 GLU A OE2 1 
ATOM   1135 N N   . GLY A 1 139 ? 4.946   16.618  -0.615  1.00 24.40 ? 139 GLY A N   1 
ATOM   1136 C CA  . GLY A 1 139 ? 4.023   16.777  0.493   1.00 15.39 ? 139 GLY A CA  1 
ATOM   1137 C C   . GLY A 1 139 ? 4.397   18.045  1.246   1.00 20.26 ? 139 GLY A C   1 
ATOM   1138 O O   . GLY A 1 139 ? 5.566   18.395  1.318   1.00 24.66 ? 139 GLY A O   1 
ATOM   1139 N N   . LYS A 1 140 ? 3.408   18.745  1.788   1.00 21.69 ? 140 LYS A N   1 
ATOM   1140 C CA  . LYS A 1 140 ? 3.687   19.983  2.501   1.00 32.75 ? 140 LYS A CA  1 
ATOM   1141 C C   . LYS A 1 140 ? 4.094   19.635  3.921   1.00 25.86 ? 140 LYS A C   1 
ATOM   1142 O O   . LYS A 1 140 ? 3.518   18.736  4.524   1.00 24.49 ? 140 LYS A O   1 
ATOM   1143 C CB  . LYS A 1 140 ? 2.469   20.917  2.473   1.00 27.88 ? 140 LYS A CB  1 
ATOM   1144 C CG  . LYS A 1 140 ? 2.215   21.556  1.086   1.00 50.49 ? 140 LYS A CG  1 
ATOM   1145 C CD  . LYS A 1 140 ? 3.125   22.763  0.828   1.00 53.58 ? 140 LYS A CD  1 
ATOM   1146 C CE  . LYS A 1 140 ? 3.162   23.169  -0.651  1.00 58.80 ? 140 LYS A CE  1 
ATOM   1147 N NZ  . LYS A 1 140 ? 1.853   23.591  -1.240  1.00 41.53 ? 140 LYS A NZ  1 
ATOM   1148 N N   . LEU A 1 141 ? 5.110   20.323  4.435   1.00 24.95 ? 141 LEU A N   1 
ATOM   1149 C CA  . LEU A 1 141 ? 5.603   20.074  5.780   1.00 22.47 ? 141 LEU A CA  1 
ATOM   1150 C C   . LEU A 1 141 ? 5.042   21.072  6.799   1.00 28.81 ? 141 LEU A C   1 
ATOM   1151 O O   . LEU A 1 141 ? 4.754   22.206  6.464   1.00 27.85 ? 141 LEU A O   1 
ATOM   1152 C CB  . LEU A 1 141 ? 7.123   20.128  5.795   1.00 25.86 ? 141 LEU A CB  1 
ATOM   1153 C CG  . LEU A 1 141 ? 7.796   19.279  4.713   1.00 30.41 ? 141 LEU A CG  1 
ATOM   1154 C CD1 . LEU A 1 141 ? 9.304   19.327  4.879   1.00 38.58 ? 141 LEU A CD1 1 
ATOM   1155 C CD2 . LEU A 1 141 ? 7.273   17.865  4.780   1.00 21.97 ? 141 LEU A CD2 1 
ATOM   1156 N N   . ASP A 1 142 ? 4.883   20.631  8.039   1.00 21.52 ? 142 ASP A N   1 
ATOM   1157 C CA  . ASP A 1 142 ? 4.523   21.538  9.120   1.00 35.65 ? 142 ASP A CA  1 
ATOM   1158 C C   . ASP A 1 142 ? 4.996   20.982  10.461  1.00 30.20 ? 142 ASP A C   1 
ATOM   1159 O O   . ASP A 1 142 ? 5.745   20.000  10.513  1.00 29.16 ? 142 ASP A O   1 
ATOM   1160 C CB  . ASP A 1 142 ? 3.010   21.800  9.139   1.00 37.45 ? 142 ASP A CB  1 
ATOM   1161 C CG  . ASP A 1 142 ? 2.186   20.552  9.439   1.00 33.59 ? 142 ASP A CG  1 
ATOM   1162 O OD1 . ASP A 1 142 ? 2.721   19.572  9.997   1.00 42.68 ? 142 ASP A OD1 1 
ATOM   1163 O OD2 . ASP A 1 142 ? 0.980   20.553  9.120   1.00 35.34 ? 142 ASP A OD2 1 
ATOM   1164 N N   . GLU A 1 143 ? 4.532   21.604  11.540  1.00 40.45 ? 143 GLU A N   1 
ATOM   1165 C CA  . GLU A 1 143 ? 4.923   21.233  12.897  1.00 39.72 ? 143 GLU A CA  1 
ATOM   1166 C C   . GLU A 1 143 ? 4.670   19.754  13.203  1.00 40.37 ? 143 GLU A C   1 
ATOM   1167 O O   . GLU A 1 143 ? 5.444   19.117  13.919  1.00 40.64 ? 143 GLU A O   1 
ATOM   1168 C CB  . GLU A 1 143 ? 4.171   22.109  13.902  1.00 61.16 ? 143 GLU A CB  1 
ATOM   1169 C CG  . GLU A 1 143 ? 4.506   23.601  13.824  1.00 83.01 ? 143 GLU A CG  1 
ATOM   1170 C CD  . GLU A 1 143 ? 5.856   23.951  14.451  1.00 94.09 ? 143 GLU A CD  1 
ATOM   1171 O OE1 . GLU A 1 143 ? 6.555   23.033  14.937  1.00 77.89 ? 143 GLU A OE1 1 
ATOM   1172 O OE2 . GLU A 1 143 ? 6.207   25.153  14.477  1.00 84.47 ? 143 GLU A OE2 1 
ATOM   1173 N N   . LYS A 1 144 ? 3.591   19.211  12.646  1.00 31.86 ? 144 LYS A N   1 
ATOM   1174 C CA  . LYS A 1 144 ? 3.212   17.826  12.900  1.00 36.66 ? 144 LYS A CA  1 
ATOM   1175 C C   . LYS A 1 144 ? 3.666   16.875  11.780  1.00 33.93 ? 144 LYS A C   1 
ATOM   1176 O O   . LYS A 1 144 ? 3.620   15.655  11.933  1.00 36.46 ? 144 LYS A O   1 
ATOM   1177 C CB  . LYS A 1 144 ? 1.695   17.730  13.091  1.00 52.67 ? 144 LYS A CB  1 
ATOM   1178 C CG  . LYS A 1 144 ? 1.208   16.338  13.498  1.00 75.33 ? 144 LYS A CG  1 
ATOM   1179 C CD  . LYS A 1 144 ? 1.671   16.001  14.909  1.00 69.67 ? 144 LYS A CD  1 
ATOM   1180 C CE  . LYS A 1 144 ? 1.274   14.596  15.307  1.00 57.08 ? 144 LYS A CE  1 
ATOM   1181 N NZ  . LYS A 1 144 ? -0.201  14.369  15.351  1.00 87.00 ? 144 LYS A NZ  1 
ATOM   1182 N N   . ASN A 1 145 ? 4.115   17.442  10.662  1.00 25.23 ? 145 ASN A N   1 
ATOM   1183 C CA  . ASN A 1 145 ? 4.489   16.662  9.483   1.00 24.80 ? 145 ASN A CA  1 
ATOM   1184 C C   . ASN A 1 145 ? 5.871   17.088  8.997   1.00 29.20 ? 145 ASN A C   1 
ATOM   1185 O O   . ASN A 1 145 ? 6.024   17.887  8.066   1.00 22.86 ? 145 ASN A O   1 
ATOM   1186 C CB  . ASN A 1 145 ? 3.439   16.817  8.377   1.00 22.28 ? 145 ASN A CB  1 
ATOM   1187 C CG  . ASN A 1 145 ? 2.093   16.212  8.763   1.00 33.43 ? 145 ASN A CG  1 
ATOM   1188 O OD1 . ASN A 1 145 ? 1.828   15.036  8.504   1.00 27.09 ? 145 ASN A OD1 1 
ATOM   1189 N ND2 . ASN A 1 145 ? 1.245   17.014  9.406   1.00 35.79 ? 145 ASN A ND2 1 
ATOM   1190 N N   . THR A 1 146 ? 6.881   16.540  9.657   1.00 22.59 ? 146 THR A N   1 
ATOM   1191 C CA  . THR A 1 146 ? 8.221   17.084  9.592   1.00 22.52 ? 146 THR A CA  1 
ATOM   1192 C C   . THR A 1 146 ? 9.150   16.301  8.666   1.00 24.31 ? 146 THR A C   1 
ATOM   1193 O O   . THR A 1 146 ? 10.273  16.738  8.396   1.00 23.22 ? 146 THR A O   1 
ATOM   1194 C CB  . THR A 1 146 ? 8.839   17.119  10.996  1.00 28.99 ? 146 THR A CB  1 
ATOM   1195 O OG1 . THR A 1 146 ? 9.051   15.770  11.443  1.00 29.92 ? 146 THR A OG1 1 
ATOM   1196 C CG2 . THR A 1 146 ? 7.901   17.842  11.978  1.00 31.82 ? 146 THR A CG2 1 
ATOM   1197 N N   . ILE A 1 147 ? 8.699   15.138  8.196   1.00 19.93 ? 147 ILE A N   1 
ATOM   1198 C CA  . ILE A 1 147 ? 9.505   14.321  7.283   1.00 18.04 ? 147 ILE A CA  1 
ATOM   1199 C C   . ILE A 1 147 ? 9.132   14.597  5.830   1.00 20.69 ? 147 ILE A C   1 
ATOM   1200 O O   . ILE A 1 147 ? 7.987   14.391  5.439   1.00 17.60 ? 147 ILE A O   1 
ATOM   1201 C CB  . ILE A 1 147 ? 9.319   12.811  7.543   1.00 19.48 ? 147 ILE A CB  1 
ATOM   1202 C CG1 . ILE A 1 147 ? 9.345   12.508  9.044   1.00 30.04 ? 147 ILE A CG1 1 
ATOM   1203 C CG2 . ILE A 1 147 ? 10.355  12.020  6.773   1.00 21.29 ? 147 ILE A CG2 1 
ATOM   1204 C CD1 . ILE A 1 147 ? 8.473   11.293  9.455   1.00 30.28 ? 147 ILE A CD1 1 
ATOM   1205 N N   . PRO A 1 148 ? 10.102  15.050  5.025   1.00 19.32 ? 148 PRO A N   1 
ATOM   1206 C CA  . PRO A 1 148 ? 9.829   15.303  3.608   1.00 18.79 ? 148 PRO A CA  1 
ATOM   1207 C C   . PRO A 1 148 ? 9.312   14.062  2.941   1.00 21.58 ? 148 PRO A C   1 
ATOM   1208 O O   . PRO A 1 148 ? 9.781   12.948  3.234   1.00 20.03 ? 148 PRO A O   1 
ATOM   1209 C CB  . PRO A 1 148 ? 11.192  15.700  3.043   1.00 16.59 ? 148 PRO A CB  1 
ATOM   1210 C CG  . PRO A 1 148 ? 11.957  16.177  4.215   1.00 29.53 ? 148 PRO A CG  1 
ATOM   1211 C CD  . PRO A 1 148 ? 11.493  15.361  5.378   1.00 19.95 ? 148 PRO A CD  1 
ATOM   1212 N N   . HIS A 1 149 ? 8.330   14.248  2.074   1.00 19.88 ? 149 HIS A N   1 
ATOM   1213 C CA  . HIS A 1 149 ? 7.707   13.113  1.415   1.00 18.97 ? 149 HIS A CA  1 
ATOM   1214 C C   . HIS A 1 149 ? 7.128   13.533  0.067   1.00 24.40 ? 149 HIS A C   1 
ATOM   1215 O O   . HIS A 1 149 ? 6.740   14.693  -0.126  1.00 20.09 ? 149 HIS A O   1 
ATOM   1216 C CB  . HIS A 1 149 ? 6.628   12.481  2.309   1.00 16.37 ? 149 HIS A CB  1 
ATOM   1217 C CG  . HIS A 1 149 ? 5.583   13.439  2.794   1.00 23.48 ? 149 HIS A CG  1 
ATOM   1218 N ND1 . HIS A 1 149 ? 5.839   14.417  3.736   1.00 17.79 ? 149 HIS A ND1 1 
ATOM   1219 C CD2 . HIS A 1 149 ? 4.267   13.548  2.491   1.00 21.95 ? 149 HIS A CD2 1 
ATOM   1220 C CE1 . HIS A 1 149 ? 4.727   15.092  3.979   1.00 20.97 ? 149 HIS A CE1 1 
ATOM   1221 N NE2 . HIS A 1 149 ? 3.760   14.586  3.231   1.00 17.48 ? 149 HIS A NE2 1 
ATOM   1222 N N   . THR A 1 150 ? 7.083   12.577  -0.854  1.00 21.17 ? 150 THR A N   1 
ATOM   1223 C CA  . THR A 1 150 ? 6.613   12.825  -2.209  1.00 19.90 ? 150 THR A CA  1 
ATOM   1224 C C   . THR A 1 150 ? 5.606   11.767  -2.622  1.00 16.21 ? 150 THR A C   1 
ATOM   1225 O O   . THR A 1 150 ? 5.871   10.559  -2.528  1.00 20.46 ? 150 THR A O   1 
ATOM   1226 C CB  . THR A 1 150 ? 7.779   12.839  -3.212  1.00 22.56 ? 150 THR A CB  1 
ATOM   1227 O OG1 . THR A 1 150 ? 8.790   13.744  -2.748  1.00 21.43 ? 150 THR A OG1 1 
ATOM   1228 C CG2 . THR A 1 150 ? 7.297   13.264  -4.609  1.00 23.10 ? 150 THR A CG2 1 
ATOM   1229 N N   . PHE A 1 151 ? 4.448   12.237  -3.070  1.00 15.67 ? 151 PHE A N   1 
ATOM   1230 C CA  . PHE A 1 151 ? 3.401   11.380  -3.596  1.00 17.81 ? 151 PHE A CA  1 
ATOM   1231 C C   . PHE A 1 151 ? 3.610   11.112  -5.077  1.00 19.17 ? 151 PHE A C   1 
ATOM   1232 O O   . PHE A 1 151 ? 3.547   12.032  -5.891  1.00 19.16 ? 151 PHE A O   1 
ATOM   1233 C CB  . PHE A 1 151 ? 2.032   12.024  -3.369  1.00 16.71 ? 151 PHE A CB  1 
ATOM   1234 C CG  . PHE A 1 151 ? 1.761   12.386  -1.927  1.00 16.95 ? 151 PHE A CG  1 
ATOM   1235 C CD1 . PHE A 1 151 ? 1.658   11.406  -0.959  1.00 12.01 ? 151 PHE A CD1 1 
ATOM   1236 C CD2 . PHE A 1 151 ? 1.585   13.717  -1.550  1.00 19.01 ? 151 PHE A CD2 1 
ATOM   1237 C CE1 . PHE A 1 151 ? 1.391   11.737  0.366   1.00 21.14 ? 151 PHE A CE1 1 
ATOM   1238 C CE2 . PHE A 1 151 ? 1.320   14.052  -0.220  1.00 22.02 ? 151 PHE A CE2 1 
ATOM   1239 C CZ  . PHE A 1 151 ? 1.225   13.055  0.733   1.00 21.04 ? 151 PHE A CZ  1 
ATOM   1240 N N   . LEU A 1 152 ? 3.861   9.848   -5.417  1.00 13.86 ? 152 LEU A N   1 
ATOM   1241 C CA  . LEU A 1 152 ? 3.989   9.419   -6.803  1.00 13.57 ? 152 LEU A CA  1 
ATOM   1242 C C   . LEU A 1 152 ? 2.765   8.628   -7.231  1.00 23.71 ? 152 LEU A C   1 
ATOM   1243 O O   . LEU A 1 152 ? 2.246   7.811   -6.469  1.00 22.08 ? 152 LEU A O   1 
ATOM   1244 C CB  . LEU A 1 152 ? 5.232   8.544   -7.004  1.00 16.74 ? 152 LEU A CB  1 
ATOM   1245 C CG  . LEU A 1 152 ? 6.606   9.075   -6.602  1.00 20.74 ? 152 LEU A CG  1 
ATOM   1246 C CD1 . LEU A 1 152 ? 7.704   8.021   -6.822  1.00 21.44 ? 152 LEU A CD1 1 
ATOM   1247 C CD2 . LEU A 1 152 ? 6.920   10.354  -7.346  1.00 23.38 ? 152 LEU A CD2 1 
ATOM   1248 N N   . HIS A 1 153 ? 2.295   8.878   -8.443  1.00 16.82 ? 153 HIS A N   1 
ATOM   1249 C CA  . HIS A 1 153 ? 1.380   7.958   -9.081  1.00 16.19 ? 153 HIS A CA  1 
ATOM   1250 C C   . HIS A 1 153 ? 2.116   7.391   -10.280 1.00 19.31 ? 153 HIS A C   1 
ATOM   1251 O O   . HIS A 1 153 ? 2.465   8.126   -11.213 1.00 17.58 ? 153 HIS A O   1 
ATOM   1252 C CB  . HIS A 1 153 ? 0.074   8.644   -9.503  1.00 18.40 ? 153 HIS A CB  1 
ATOM   1253 C CG  . HIS A 1 153 ? -0.897  7.723   -10.158 1.00 19.12 ? 153 HIS A CG  1 
ATOM   1254 N ND1 . HIS A 1 153 ? -1.861  8.163   -11.037 1.00 15.02 ? 153 HIS A ND1 1 
ATOM   1255 C CD2 . HIS A 1 153 ? -1.060  6.379   -10.059 1.00 15.18 ? 153 HIS A CD2 1 
ATOM   1256 C CE1 . HIS A 1 153 ? -2.570  7.132   -11.460 1.00 22.24 ? 153 HIS A CE1 1 
ATOM   1257 N NE2 . HIS A 1 153 ? -2.109  6.039   -10.877 1.00 21.25 ? 153 HIS A NE2 1 
ATOM   1258 N N   . LEU A 1 154 ? 2.381   6.091   -10.237 1.00 14.12 ? 154 LEU A N   1 
ATOM   1259 C CA  . LEU A 1 154 ? 3.160   5.427   -11.285 1.00 18.08 ? 154 LEU A CA  1 
ATOM   1260 C C   . LEU A 1 154 ? 2.282   4.466   -12.074 1.00 23.91 ? 154 LEU A C   1 
ATOM   1261 O O   . LEU A 1 154 ? 1.523   3.699   -11.496 1.00 18.78 ? 154 LEU A O   1 
ATOM   1262 C CB  . LEU A 1 154 ? 4.338   4.662   -10.688 1.00 14.53 ? 154 LEU A CB  1 
ATOM   1263 C CG  . LEU A 1 154 ? 5.313   5.444   -9.810  1.00 17.94 ? 154 LEU A CG  1 
ATOM   1264 C CD1 . LEU A 1 154 ? 6.451   4.537   -9.348  1.00 22.46 ? 154 LEU A CD1 1 
ATOM   1265 C CD2 . LEU A 1 154 ? 5.855   6.659   -10.561 1.00 16.27 ? 154 LEU A CD2 1 
ATOM   1266 N N   . ILE A 1 155 ? 2.412   4.494   -13.394 1.00 18.47 ? 155 ILE A N   1 
ATOM   1267 C CA  . ILE A 1 155 ? 1.604   3.651   -14.266 1.00 14.01 ? 155 ILE A CA  1 
ATOM   1268 C C   . ILE A 1 155 ? 2.550   2.751   -15.035 1.00 17.75 ? 155 ILE A C   1 
ATOM   1269 O O   . ILE A 1 155 ? 3.586   3.210   -15.512 1.00 17.93 ? 155 ILE A O   1 
ATOM   1270 C CB  . ILE A 1 155 ? 0.740   4.509   -15.228 1.00 21.88 ? 155 ILE A CB  1 
ATOM   1271 C CG1 . ILE A 1 155 ? -0.226  5.375   -14.412 1.00 19.50 ? 155 ILE A CG1 1 
ATOM   1272 C CG2 . ILE A 1 155 ? -0.012  3.638   -16.223 1.00 30.41 ? 155 ILE A CG2 1 
ATOM   1273 C CD1 . ILE A 1 155 ? -1.039  6.331   -15.253 1.00 31.32 ? 155 ILE A CD1 1 
ATOM   1274 N N   . ARG A 1 156 ? 2.215   1.469   -15.129 1.00 18.61 ? 156 ARG A N   1 
ATOM   1275 C CA  . ARG A 1 156 ? 3.122   0.516   -15.754 1.00 23.16 ? 156 ARG A CA  1 
ATOM   1276 C C   . ARG A 1 156 ? 3.271   0.838   -17.234 1.00 25.98 ? 156 ARG A C   1 
ATOM   1277 O O   . ARG A 1 156 ? 2.284   1.143   -17.897 1.00 22.52 ? 156 ARG A O   1 
ATOM   1278 C CB  . ARG A 1 156 ? 2.611   -0.913  -15.569 1.00 20.02 ? 156 ARG A CB  1 
ATOM   1279 C CG  . ARG A 1 156 ? 3.496   -1.945  -16.229 1.00 30.75 ? 156 ARG A CG  1 
ATOM   1280 C CD  . ARG A 1 156 ? 2.879   -3.323  -16.157 1.00 27.19 ? 156 ARG A CD  1 
ATOM   1281 N NE  . ARG A 1 156 ? 2.510   -3.705  -14.796 1.00 28.39 ? 156 ARG A NE  1 
ATOM   1282 C CZ  . ARG A 1 156 ? 3.339   -4.253  -13.910 1.00 28.67 ? 156 ARG A CZ  1 
ATOM   1283 N NH1 . ARG A 1 156 ? 4.613   -4.477  -14.224 1.00 31.39 ? 156 ARG A NH1 1 
ATOM   1284 N NH2 . ARG A 1 156 ? 2.888   -4.569  -12.704 1.00 32.64 ? 156 ARG A NH2 1 
ATOM   1285 N N   . LYS A 1 157 ? 4.498   0.777   -17.742 1.00 20.12 ? 157 LYS A N   1 
ATOM   1286 C CA  . LYS A 1 157 ? 4.755   1.096   -19.145 1.00 22.89 ? 157 LYS A CA  1 
ATOM   1287 C C   . LYS A 1 157 ? 4.432   -0.092  -20.036 1.00 29.71 ? 157 LYS A C   1 
ATOM   1288 O O   . LYS A 1 157 ? 4.625   -1.242  -19.652 1.00 27.65 ? 157 LYS A O   1 
ATOM   1289 C CB  . LYS A 1 157 ? 6.204   1.545   -19.345 1.00 23.93 ? 157 LYS A CB  1 
ATOM   1290 C CG  . LYS A 1 157 ? 6.513   2.955   -18.812 1.00 26.82 ? 157 LYS A CG  1 
ATOM   1291 C CD  . LYS A 1 157 ? 7.958   3.352   -19.128 1.00 25.35 ? 157 LYS A CD  1 
ATOM   1292 C CE  . LYS A 1 157 ? 8.318   4.708   -18.576 1.00 28.23 ? 157 LYS A CE  1 
ATOM   1293 N NZ  . LYS A 1 157 ? 9.786   4.940   -18.659 1.00 27.30 ? 157 LYS A NZ  1 
ATOM   1294 N N   . LYS A 1 158 ? 3.910   0.198   -21.221 1.00 37.10 ? 158 LYS A N   1 
ATOM   1295 C CA  . LYS A 1 158 ? 3.639   -0.822  -22.221 1.00 35.23 ? 158 LYS A CA  1 
ATOM   1296 C C   . LYS A 1 158 ? 4.951   -1.236  -22.887 1.00 38.38 ? 158 LYS A C   1 
ATOM   1297 O O   . LYS A 1 158 ? 5.767   -0.386  -23.236 1.00 32.54 ? 158 LYS A O   1 
ATOM   1298 C CB  . LYS A 1 158 ? 2.642   -0.278  -23.248 1.00 36.48 ? 158 LYS A CB  1 
ATOM   1299 C CG  . LYS A 1 158 ? 2.329   -1.183  -24.421 1.00 53.86 ? 158 LYS A CG  1 
ATOM   1300 C CD  . LYS A 1 158 ? 1.370   -0.487  -25.396 1.00 36.48 ? 158 LYS A CD  1 
ATOM   1301 C CE  . LYS A 1 158 ? 1.043   -1.368  -26.597 1.00 49.37 ? 158 LYS A CE  1 
ATOM   1302 N NZ  . LYS A 1 158 ? 0.324   -0.609  -27.660 1.00 51.77 ? 158 LYS A NZ  1 
ATOM   1303 N N   . LEU A 1 159 ? 5.172   -2.537  -23.041 1.00 34.34 ? 159 LEU A N   1 
ATOM   1304 C CA  . LEU A 1 159 ? 6.348   -3.016  -23.765 1.00 41.36 ? 159 LEU A CA  1 
ATOM   1305 C C   . LEU A 1 159 ? 6.039   -3.002  -25.258 1.00 47.27 ? 159 LEU A C   1 
ATOM   1306 O O   . LEU A 1 159 ? 5.020   -3.536  -25.701 1.00 37.25 ? 159 LEU A O   1 
ATOM   1307 C CB  . LEU A 1 159 ? 6.778   -4.411  -23.275 1.00 44.66 ? 159 LEU A CB  1 
ATOM   1308 C CG  . LEU A 1 159 ? 6.114   -5.735  -23.692 1.00 68.01 ? 159 LEU A CG  1 
ATOM   1309 C CD1 . LEU A 1 159 ? 6.478   -6.217  -25.101 1.00 74.47 ? 159 LEU A CD1 1 
ATOM   1310 C CD2 . LEU A 1 159 ? 6.445   -6.812  -22.669 1.00 77.34 ? 159 LEU A CD2 1 
ATOM   1311 N N   . VAL A 1 160 ? 6.893   -2.338  -26.027 1.00 35.23 ? 160 VAL A N   1 
ATOM   1312 C CA  . VAL A 1 160 ? 6.677   -2.196  -27.460 1.00 31.39 ? 160 VAL A CA  1 
ATOM   1313 C C   . VAL A 1 160 ? 8.012   -2.337  -28.201 1.00 39.15 ? 160 VAL A C   1 
ATOM   1314 O O   . VAL A 1 160 ? 9.075   -2.087  -27.630 1.00 26.55 ? 160 VAL A O   1 
ATOM   1315 C CB  . VAL A 1 160 ? 6.029   -0.837  -27.813 1.00 34.76 ? 160 VAL A CB  1 
ATOM   1316 C CG1 . VAL A 1 160 ? 4.698   -0.630  -27.081 1.00 37.98 ? 160 VAL A CG1 1 
ATOM   1317 C CG2 . VAL A 1 160 ? 6.959   0.258   -27.464 1.00 34.47 ? 160 VAL A CG2 1 
ATOM   1318 N N   . PRO A 1 161 ? 7.961   -2.743  -29.478 1.00 29.24 ? 161 PRO A N   1 
ATOM   1319 C CA  . PRO A 1 161 ? 9.209   -2.935  -30.230 1.00 32.81 ? 161 PRO A CA  1 
ATOM   1320 C C   . PRO A 1 161 ? 9.816   -1.607  -30.671 1.00 32.18 ? 161 PRO A C   1 
ATOM   1321 O O   . PRO A 1 161 ? 9.074   -0.784  -31.193 1.00 42.13 ? 161 PRO A O   1 
ATOM   1322 C CB  . PRO A 1 161 ? 8.766   -3.752  -31.460 1.00 34.06 ? 161 PRO A CB  1 
ATOM   1323 C CG  . PRO A 1 161 ? 7.358   -4.222  -31.167 1.00 46.69 ? 161 PRO A CG  1 
ATOM   1324 C CD  . PRO A 1 161 ? 6.780   -3.205  -30.229 1.00 25.10 ? 161 PRO A CD  1 
ATOM   1325 N N   . ARG A 1 162 ? 11.111  -1.369  -30.476 1.00 35.57 ? 162 ARG A N   1 
ATOM   1326 C CA  . ARG A 1 162 ? 11.708  -0.186  -31.118 1.00 43.17 ? 162 ARG A CA  1 
ATOM   1327 C C   . ARG A 1 162 ? 12.784  -0.600  -32.123 1.00 61.79 ? 162 ARG A C   1 
ATOM   1328 O O   . ARG A 1 162 ? 13.916  -0.910  -31.747 1.00 47.48 ? 162 ARG A O   1 
ATOM   1329 C CB  . ARG A 1 162 ? 12.327  0.801   -30.122 1.00 37.83 ? 162 ARG A CB  1 
ATOM   1330 C CG  . ARG A 1 162 ? 11.598  1.100   -28.835 1.00 42.62 ? 162 ARG A CG  1 
ATOM   1331 C CD  . ARG A 1 162 ? 10.082  0.989   -28.858 1.00 62.92 ? 162 ARG A CD  1 
ATOM   1332 N NE  . ARG A 1 162 ? 9.366   2.158   -29.364 1.00 86.68 ? 162 ARG A NE  1 
ATOM   1333 C CZ  . ARG A 1 162 ? 8.264   2.083   -30.107 1.00 73.94 ? 162 ARG A CZ  1 
ATOM   1334 N NH1 . ARG A 1 162 ? 7.770   0.898   -30.451 1.00 78.32 ? 162 ARG A NH1 1 
ATOM   1335 N NH2 . ARG A 1 162 ? 7.658   3.187   -30.517 1.00 77.43 ? 162 ARG A NH2 1 
HETATM 1336 C C02 B R0Y B 2 .   ? -0.309  2.229   2.842   0.41 20.13 ? 301 R0Y A C02 1 
HETATM 1337 C C03 B R0Y B 2 .   ? -0.289  2.276   4.265   0.41 23.20 ? 301 R0Y A C03 1 
HETATM 1338 C C04 B R0Y B 2 .   ? 0.207   3.462   4.861   0.41 22.23 ? 301 R0Y A C04 1 
HETATM 1339 C C06 B R0Y B 2 .   ? 0.535   4.376   2.742   0.41 17.28 ? 301 R0Y A C06 1 
HETATM 1340 C C09 B R0Y B 2 .   ? -0.777  1.035   5.047   0.41 31.77 ? 301 R0Y A C09 1 
HETATM 1341 C C10 B R0Y B 2 .   ? -1.017  1.347   6.539   0.41 24.29 ? 301 R0Y A C10 1 
HETATM 1342 C C11 B R0Y B 2 .   ? -0.314  0.637   7.523   0.41 20.52 ? 301 R0Y A C11 1 
HETATM 1343 C C12 B R0Y B 2 .   ? -0.539  0.927   8.881   0.41 21.64 ? 301 R0Y A C12 1 
HETATM 1344 C C14 B R0Y B 2 .   ? 0.887   -0.871  9.576   0.41 21.43 ? 301 R0Y A C14 1 
HETATM 1345 C C15 B R0Y B 2 .   ? -1.464  1.908   9.238   0.41 30.29 ? 301 R0Y A C15 1 
HETATM 1346 C C16 B R0Y B 2 .   ? -2.158  2.609   8.246   0.41 26.69 ? 301 R0Y A C16 1 
HETATM 1347 C C17 B R0Y B 2 .   ? -3.179  3.693   8.571   0.41 36.26 ? 301 R0Y A C17 1 
HETATM 1348 C C18 B R0Y B 2 .   ? -4.011  3.575   9.664   0.41 35.11 ? 301 R0Y A C18 1 
HETATM 1349 C C19 B R0Y B 2 .   ? -5.002  4.729   9.863   0.41 43.91 ? 301 R0Y A C19 1 
HETATM 1350 C C22 B R0Y B 2 .   ? -6.851  3.076   12.523  0.41 52.92 ? 301 R0Y A C22 1 
HETATM 1351 C C23 B R0Y B 2 .   ? -8.113  3.882   12.454  0.41 36.65 ? 301 R0Y A C23 1 
HETATM 1352 C C24 B R0Y B 2 .   ? -8.101  5.129   11.912  0.41 49.40 ? 301 R0Y A C24 1 
HETATM 1353 C C25 B R0Y B 2 .   ? -6.830  5.797   11.282  0.41 40.48 ? 301 R0Y A C25 1 
HETATM 1354 C C29 B R0Y B 2 .   ? -9.329  5.871   11.854  0.41 56.32 ? 301 R0Y A C29 1 
HETATM 1355 C C30 B R0Y B 2 .   ? -10.512 5.341   12.374  0.41 57.56 ? 301 R0Y A C30 1 
HETATM 1356 C C32 B R0Y B 2 .   ? -11.552 7.326   11.500  0.41 34.71 ? 301 R0Y A C32 1 
HETATM 1357 C C33 B R0Y B 2 .   ? -10.531 4.060   12.946  0.41 52.99 ? 301 R0Y A C33 1 
HETATM 1358 C C35 B R0Y B 2 .   ? -11.990 2.181   13.385  0.41 67.93 ? 301 R0Y A C35 1 
HETATM 1359 C C36 B R0Y B 2 .   ? -9.340  3.310   13.001  0.41 50.51 ? 301 R0Y A C36 1 
HETATM 1360 C C38 B R0Y B 2 .   ? -1.950  2.327   6.892   0.41 24.69 ? 301 R0Y A C38 1 
HETATM 1361 C C40 B R0Y B 2 .   ? -0.861  3.218   11.154  0.41 18.56 ? 301 R0Y A C40 1 
HETATM 1362 N N01 B R0Y B 2 .   ? -0.794  1.057   2.187   0.41 17.71 ? 301 R0Y A N01 1 
HETATM 1363 N N05 B R0Y B 2 .   ? 0.612   4.483   4.064   0.41 22.72 ? 301 R0Y A N05 1 
HETATM 1364 N N07 B R0Y B 2 .   ? 0.962   5.467   1.932   0.41 16.74 ? 301 R0Y A N07 1 
HETATM 1365 N N08 B R0Y B 2 .   ? 0.094   3.284   2.126   0.41 20.67 ? 301 R0Y A N08 1 
HETATM 1366 N N20 B R0Y B 2 .   ? -5.839  4.723   11.046  0.41 56.62 ? 301 R0Y A N20 1 
HETATM 1367 N N21 B R0Y B 2 .   ? -5.690  3.644   11.958  0.41 52.59 ? 301 R0Y A N21 1 
HETATM 1368 O O13 B R0Y B 2 .   ? 0.132   0.271   9.937   0.41 23.41 ? 301 R0Y A O13 1 
HETATM 1369 O O31 B R0Y B 2 .   ? -11.693 6.147   12.290  0.41 47.81 ? 301 R0Y A O31 1 
HETATM 1370 O O34 B R0Y B 2 .   ? -11.769 3.579   13.461  0.41 64.25 ? 301 R0Y A O34 1 
HETATM 1371 O O37 B R0Y B 2 .   ? -5.072  5.596   9.025   0.41 32.49 ? 301 R0Y A O37 1 
HETATM 1372 O O39 B R0Y B 2 .   ? -1.640  2.158   10.621  0.41 27.75 ? 301 R0Y A O39 1 
HETATM 1373 C C26 B R0Y B 2 .   ? -7.430  6.851   10.272  0.41 42.19 ? 301 R0Y A C26 1 
HETATM 1374 C C27 B R0Y B 2 .   ? -6.768  7.902   9.385   0.41 32.51 ? 301 R0Y A C27 1 
HETATM 1375 C C28 B R0Y B 2 .   ? -7.780  8.330   10.420  0.41 47.92 ? 301 R0Y A C28 1 
HETATM 1376 C C02 A OWM C 3 .   ? -0.309  2.229   2.842   0.59 20.13 ? 302 OWM A C02 1 
HETATM 1377 C C03 A OWM C 3 .   ? -0.289  2.276   4.265   0.59 23.20 ? 302 OWM A C03 1 
HETATM 1378 C C04 A OWM C 3 .   ? 0.207   3.462   4.861   0.59 22.23 ? 302 OWM A C04 1 
HETATM 1379 C C06 A OWM C 3 .   ? 0.535   4.376   2.742   0.59 17.28 ? 302 OWM A C06 1 
HETATM 1380 C C09 A OWM C 3 .   ? -0.777  1.035   5.047   0.59 31.77 ? 302 OWM A C09 1 
HETATM 1381 C C10 A OWM C 3 .   ? -1.017  1.347   6.539   0.59 24.29 ? 302 OWM A C10 1 
HETATM 1382 C C11 A OWM C 3 .   ? -0.314  0.637   7.523   0.59 20.52 ? 302 OWM A C11 1 
HETATM 1383 C C12 A OWM C 3 .   ? -0.539  0.927   8.881   0.59 21.64 ? 302 OWM A C12 1 
HETATM 1384 C C14 A OWM C 3 .   ? 0.887   -0.871  9.576   0.59 21.43 ? 302 OWM A C14 1 
HETATM 1385 C C15 A OWM C 3 .   ? -1.464  1.908   9.238   0.59 30.29 ? 302 OWM A C15 1 
HETATM 1386 C C16 A OWM C 3 .   ? -2.158  2.609   8.246   0.59 26.69 ? 302 OWM A C16 1 
HETATM 1387 C C17 A OWM C 3 .   ? -3.179  3.693   8.571   0.59 36.26 ? 302 OWM A C17 1 
HETATM 1388 C C18 A OWM C 3 .   ? -4.011  3.575   9.664   0.59 35.11 ? 302 OWM A C18 1 
HETATM 1389 C C19 A OWM C 3 .   ? -5.002  4.729   9.863   0.59 43.91 ? 302 OWM A C19 1 
HETATM 1390 C C22 A OWM C 3 .   ? -6.851  3.076   12.523  0.59 52.92 ? 302 OWM A C22 1 
HETATM 1391 C C23 A OWM C 3 .   ? -8.113  3.882   12.454  0.59 36.65 ? 302 OWM A C23 1 
HETATM 1392 C C24 A OWM C 3 .   ? -8.101  5.129   11.912  0.59 49.40 ? 302 OWM A C24 1 
HETATM 1393 C C25 A OWM C 3 .   ? -6.830  5.797   11.282  0.59 40.48 ? 302 OWM A C25 1 
HETATM 1394 C C29 A OWM C 3 .   ? -9.329  5.871   11.854  0.59 56.32 ? 302 OWM A C29 1 
HETATM 1395 C C30 A OWM C 3 .   ? -10.512 5.341   12.374  0.59 57.56 ? 302 OWM A C30 1 
HETATM 1396 C C32 A OWM C 3 .   ? -11.552 7.326   11.500  0.59 34.71 ? 302 OWM A C32 1 
HETATM 1397 C C33 A OWM C 3 .   ? -10.531 4.060   12.946  0.59 52.99 ? 302 OWM A C33 1 
HETATM 1398 C C35 A OWM C 3 .   ? -11.990 2.181   13.385  0.59 67.93 ? 302 OWM A C35 1 
HETATM 1399 C C36 A OWM C 3 .   ? -9.340  3.310   13.001  0.59 50.51 ? 302 OWM A C36 1 
HETATM 1400 C C38 A OWM C 3 .   ? -1.950  2.327   6.892   0.59 24.69 ? 302 OWM A C38 1 
HETATM 1401 C C40 A OWM C 3 .   ? -0.861  3.218   11.154  0.59 18.56 ? 302 OWM A C40 1 
HETATM 1402 N N01 A OWM C 3 .   ? -0.794  1.057   2.187   0.59 17.71 ? 302 OWM A N01 1 
HETATM 1403 N N05 A OWM C 3 .   ? 0.612   4.483   4.064   0.59 22.72 ? 302 OWM A N05 1 
HETATM 1404 N N07 A OWM C 3 .   ? 0.962   5.467   1.932   0.59 16.74 ? 302 OWM A N07 1 
HETATM 1405 N N08 A OWM C 3 .   ? 0.094   3.284   2.126   0.59 20.67 ? 302 OWM A N08 1 
HETATM 1406 N N20 A OWM C 3 .   ? -5.839  4.723   11.046  0.59 56.62 ? 302 OWM A N20 1 
HETATM 1407 N N21 A OWM C 3 .   ? -5.690  3.644   11.958  0.59 52.59 ? 302 OWM A N21 1 
HETATM 1408 O O13 A OWM C 3 .   ? 0.132   0.271   9.937   0.59 23.41 ? 302 OWM A O13 1 
HETATM 1409 O O31 A OWM C 3 .   ? -11.693 6.147   12.290  0.59 47.81 ? 302 OWM A O31 1 
HETATM 1410 O O34 A OWM C 3 .   ? -11.769 3.579   13.461  0.59 64.25 ? 302 OWM A O34 1 
HETATM 1411 O O37 A OWM C 3 .   ? -5.072  5.596   9.025   0.59 32.49 ? 302 OWM A O37 1 
HETATM 1412 O O39 A OWM C 3 .   ? -1.640  2.158   10.621  0.59 27.75 ? 302 OWM A O39 1 
HETATM 1413 C C26 A OWM C 3 .   ? -6.326  6.741   12.401  0.59 35.30 ? 302 OWM A C26 1 
HETATM 1414 C C27 A OWM C 3 .   ? -6.483  8.228   12.677  0.59 38.39 ? 302 OWM A C27 1 
HETATM 1415 C C28 A OWM C 3 .   ? -5.128  7.667   12.263  0.59 39.08 ? 302 OWM A C28 1 
HETATM 1416 C C1  . GOL D 4 .   ? 13.339  0.701   -6.210  1.00 47.05 ? 303 GOL A C1  1 
HETATM 1417 O O1  . GOL D 4 .   ? 14.389  -0.214  -6.487  1.00 32.77 ? 303 GOL A O1  1 
HETATM 1418 C C2  . GOL D 4 .   ? 13.817  2.140   -6.048  1.00 54.80 ? 303 GOL A C2  1 
HETATM 1419 O O2  . GOL D 4 .   ? 13.102  2.988   -6.922  1.00 50.76 ? 303 GOL A O2  1 
HETATM 1420 C C3  . GOL D 4 .   ? 13.570  2.598   -4.617  1.00 46.39 ? 303 GOL A C3  1 
HETATM 1421 O O3  . GOL D 4 .   ? 13.429  4.005   -4.564  1.00 64.69 ? 303 GOL A O3  1 
HETATM 1422 P PA  . NAP E 5 .   ? 1.595   -8.993  5.570   1.00 25.89 ? 304 NAP A PA  1 
HETATM 1423 O O1A . NAP E 5 .   ? 1.945   -9.111  4.114   1.00 22.78 ? 304 NAP A O1A 1 
HETATM 1424 O O2A . NAP E 5 .   ? 0.743   -7.880  6.085   1.00 24.44 ? 304 NAP A O2A 1 
HETATM 1425 O O5B . NAP E 5 .   ? 0.868   -10.327 6.080   1.00 26.63 ? 304 NAP A O5B 1 
HETATM 1426 C C5B . NAP E 5 .   ? 1.403   -11.601 5.794   1.00 23.72 ? 304 NAP A C5B 1 
HETATM 1427 C C4B . NAP E 5 .   ? 0.295   -12.601 5.983   1.00 24.05 ? 304 NAP A C4B 1 
HETATM 1428 O O4B . NAP E 5 .   ? -0.678  -12.462 4.967   1.00 26.23 ? 304 NAP A O4B 1 
HETATM 1429 C C3B . NAP E 5 .   ? 0.748   -14.042 5.812   1.00 25.77 ? 304 NAP A C3B 1 
HETATM 1430 O O3B . NAP E 5 .   ? 1.408   -14.480 6.989   1.00 27.98 ? 304 NAP A O3B 1 
HETATM 1431 C C2B . NAP E 5 .   ? -0.558  -14.745 5.564   1.00 30.86 ? 304 NAP A C2B 1 
HETATM 1432 O O2B . NAP E 5 .   ? -1.339  -14.796 6.760   1.00 30.02 ? 304 NAP A O2B 1 
HETATM 1433 C C1B . NAP E 5 .   ? -1.247  -13.730 4.672   1.00 25.49 ? 304 NAP A C1B 1 
HETATM 1434 N N9A . NAP E 5 .   ? -0.974  -14.088 3.287   1.00 25.21 ? 304 NAP A N9A 1 
HETATM 1435 C C8A . NAP E 5 .   ? -0.088  -13.477 2.462   1.00 32.04 ? 304 NAP A C8A 1 
HETATM 1436 N N7A . NAP E 5 .   ? -0.109  -14.064 1.241   1.00 26.62 ? 304 NAP A N7A 1 
HETATM 1437 C C5A . NAP E 5 .   ? -1.009  -15.066 1.295   1.00 28.95 ? 304 NAP A C5A 1 
HETATM 1438 C C6A . NAP E 5 .   ? -1.531  -16.077 0.353   1.00 32.98 ? 304 NAP A C6A 1 
HETATM 1439 N N6A . NAP E 5 .   ? -1.057  -16.146 -0.912  1.00 31.17 ? 304 NAP A N6A 1 
HETATM 1440 N N1A . NAP E 5 .   ? -2.483  -16.929 0.818   1.00 31.71 ? 304 NAP A N1A 1 
HETATM 1441 C C2A . NAP E 5 .   ? -2.945  -16.871 2.079   1.00 31.72 ? 304 NAP A C2A 1 
HETATM 1442 N N3A . NAP E 5 .   ? -2.529  -15.962 2.987   1.00 30.85 ? 304 NAP A N3A 1 
HETATM 1443 C C4A . NAP E 5 .   ? -1.577  -15.064 2.647   1.00 27.24 ? 304 NAP A C4A 1 
HETATM 1444 O O3  . NAP E 5 .   ? 2.925   -9.122  6.483   1.00 25.47 ? 304 NAP A O3  1 
HETATM 1445 P PN  . NAP E 5 .   ? 4.461   -8.742  6.177   1.00 29.72 ? 304 NAP A PN  1 
HETATM 1446 O O1N . NAP E 5 .   ? 4.934   -9.155  4.814   1.00 27.37 ? 304 NAP A O1N 1 
HETATM 1447 O O2N . NAP E 5 .   ? 5.267   -9.148  7.379   1.00 29.14 ? 304 NAP A O2N 1 
HETATM 1448 O O5D . NAP E 5 .   ? 4.366   -7.118  6.199   1.00 24.08 ? 304 NAP A O5D 1 
HETATM 1449 C C5D . NAP E 5 .   ? 4.064   -6.430  7.436   1.00 22.85 ? 304 NAP A C5D 1 
HETATM 1450 C C4D . NAP E 5 .   ? 4.741   -5.058  7.539   1.00 33.81 ? 304 NAP A C4D 1 
HETATM 1451 O O4D . NAP E 5 .   ? 4.383   -4.142  6.472   1.00 25.64 ? 304 NAP A O4D 1 
HETATM 1452 C C3D . NAP E 5 .   ? 4.381   -4.355  8.854   1.00 25.62 ? 304 NAP A C3D 1 
HETATM 1453 O O3D . NAP E 5 .   ? 5.571   -3.841  9.487   1.00 24.25 ? 304 NAP A O3D 1 
HETATM 1454 C C2D . NAP E 5 .   ? 3.561   -3.158  8.466   1.00 25.19 ? 304 NAP A C2D 1 
HETATM 1455 O O2D . NAP E 5 .   ? 3.897   -2.074  9.334   1.00 26.78 ? 304 NAP A O2D 1 
HETATM 1456 C C1D . NAP E 5 .   ? 4.045   -2.867  7.050   1.00 22.74 ? 304 NAP A C1D 1 
HETATM 1457 N N1N . NAP E 5 .   ? 3.154   -2.159  6.115   1.00 25.21 ? 304 NAP A N1N 1 
HETATM 1458 C C2N . NAP E 5 .   ? 3.626   -1.025  5.565   1.00 20.95 ? 304 NAP A C2N 1 
HETATM 1459 C C3N . NAP E 5 .   ? 2.901   -0.323  4.617   1.00 25.15 ? 304 NAP A C3N 1 
HETATM 1460 C C7N . NAP E 5 .   ? 3.455   0.957   4.064   1.00 21.72 ? 304 NAP A C7N 1 
HETATM 1461 O O7N . NAP E 5 .   ? 4.422   1.507   4.594   1.00 24.55 ? 304 NAP A O7N 1 
HETATM 1462 N N7N . NAP E 5 .   ? 2.857   1.450   3.019   1.00 19.22 ? 304 NAP A N7N 1 
HETATM 1463 C C4N . NAP E 5 .   ? 1.675   -0.825  4.196   1.00 25.71 ? 304 NAP A C4N 1 
HETATM 1464 C C5N . NAP E 5 .   ? 1.189   -2.002  4.797   1.00 27.06 ? 304 NAP A C5N 1 
HETATM 1465 C C6N . NAP E 5 .   ? 1.967   -2.680  5.734   1.00 24.50 ? 304 NAP A C6N 1 
HETATM 1466 P P2B . NAP E 5 .   ? -1.481  -16.132 7.709   1.00 28.24 ? 304 NAP A P2B 1 
HETATM 1467 O O1X . NAP E 5 .   ? -0.075  -16.330 8.167   1.00 24.48 ? 304 NAP A O1X 1 
HETATM 1468 O O2X . NAP E 5 .   ? -2.440  -15.600 8.748   1.00 29.59 ? 304 NAP A O2X 1 
HETATM 1469 O O3X . NAP E 5 .   ? -2.024  -17.179 6.754   1.00 24.06 ? 304 NAP A O3X 1 
HETATM 1470 O O   . HOH F 6 .   ? 2.439   6.354   5.908   1.00 23.81 ? 401 HOH A O   1 
HETATM 1471 O O   . HOH F 6 .   ? 16.289  2.704   5.431   1.00 19.20 ? 402 HOH A O   1 
HETATM 1472 O O   . HOH F 6 .   ? 6.604   -5.665  -12.279 1.00 38.00 ? 403 HOH A O   1 
HETATM 1473 O O   . HOH F 6 .   ? -5.002  6.148   6.730   1.00 43.86 ? 404 HOH A O   1 
HETATM 1474 O O   . HOH F 6 .   ? -10.249 -4.278  -11.187 1.00 56.66 ? 405 HOH A O   1 
HETATM 1475 O O   . HOH F 6 .   ? 9.415   12.517  -8.503  1.00 40.90 ? 406 HOH A O   1 
HETATM 1476 O O   . HOH F 6 .   ? 6.082   -7.988  9.944   1.00 34.51 ? 407 HOH A O   1 
HETATM 1477 O O   . HOH F 6 .   ? 1.974   7.167   -21.491 1.00 36.06 ? 408 HOH A O   1 
HETATM 1478 O O   . HOH F 6 .   ? -5.665  4.256   -10.216 1.00 28.34 ? 409 HOH A O   1 
HETATM 1479 O O   . HOH F 6 .   ? -12.001 8.243   -2.289  1.00 46.46 ? 410 HOH A O   1 
HETATM 1480 O O   . HOH F 6 .   ? -9.229  7.067   -5.406  1.00 32.51 ? 411 HOH A O   1 
HETATM 1481 O O   . HOH F 6 .   ? 11.347  4.458   13.242  1.00 39.53 ? 412 HOH A O   1 
HETATM 1482 O O   . HOH F 6 .   ? 0.035   17.306  1.562   1.00 35.32 ? 413 HOH A O   1 
HETATM 1483 O O   . HOH F 6 .   ? 6.139   22.321  3.138   1.00 41.73 ? 414 HOH A O   1 
HETATM 1484 O O   . HOH F 6 .   ? 12.663  -6.745  13.386  1.00 18.87 ? 415 HOH A O   1 
HETATM 1485 O O   . HOH F 6 .   ? 0.624   -10.462 13.689  1.00 39.99 ? 416 HOH A O   1 
HETATM 1486 O O   . HOH F 6 .   ? 15.892  -2.607  -31.765 1.00 38.21 ? 417 HOH A O   1 
HETATM 1487 O O   . HOH F 6 .   ? 6.831   -1.356  -18.222 1.00 30.86 ? 418 HOH A O   1 
HETATM 1488 O O   . HOH F 6 .   ? -4.829  -15.690 12.224  1.00 41.45 ? 419 HOH A O   1 
HETATM 1489 O O   . HOH F 6 .   ? -1.942  10.786  -11.367 1.00 23.83 ? 420 HOH A O   1 
HETATM 1490 O O   . HOH F 6 .   ? 11.242  3.119   -20.187 1.00 43.92 ? 421 HOH A O   1 
HETATM 1491 O O   . HOH F 6 .   ? -0.973  19.615  10.649  1.00 43.23 ? 422 HOH A O   1 
HETATM 1492 O O   . HOH F 6 .   ? -14.715 -4.841  -3.798  1.00 33.96 ? 423 HOH A O   1 
HETATM 1493 O O   . HOH F 6 .   ? 3.604   20.302  -3.431  1.00 30.71 ? 424 HOH A O   1 
HETATM 1494 O O   . HOH F 6 .   ? -14.472 1.204   -6.022  1.00 33.92 ? 425 HOH A O   1 
HETATM 1495 O O   . HOH F 6 .   ? 7.336   -5.592  10.528  1.00 20.75 ? 426 HOH A O   1 
HETATM 1496 O O   . HOH F 6 .   ? -17.563 -7.469  6.184   1.00 42.53 ? 427 HOH A O   1 
HETATM 1497 O O   . HOH F 6 .   ? -14.401 -11.642 8.816   1.00 41.22 ? 428 HOH A O   1 
HETATM 1498 O O   . HOH F 6 .   ? 10.351  -2.268  -12.315 1.00 22.70 ? 429 HOH A O   1 
HETATM 1499 O O   . HOH F 6 .   ? 12.569  2.110   12.760  1.00 29.46 ? 430 HOH A O   1 
HETATM 1500 O O   . HOH F 6 .   ? -2.843  -17.525 -3.097  1.00 31.73 ? 431 HOH A O   1 
HETATM 1501 O O   . HOH F 6 .   ? 8.025   17.204  1.319   1.00 21.26 ? 432 HOH A O   1 
HETATM 1502 O O   . HOH F 6 .   ? 14.283  10.910  -3.583  1.00 40.14 ? 433 HOH A O   1 
HETATM 1503 O O   . HOH F 6 .   ? 1.060   12.206  -7.018  1.00 19.25 ? 434 HOH A O   1 
HETATM 1504 O O   . HOH F 6 .   ? 7.932   -10.015 -6.620  1.00 38.91 ? 435 HOH A O   1 
HETATM 1505 O O   . HOH F 6 .   ? -3.250  13.366  -1.032  1.00 40.83 ? 436 HOH A O   1 
HETATM 1506 O O   . HOH F 6 .   ? 16.508  -3.942  10.934  1.00 25.87 ? 437 HOH A O   1 
HETATM 1507 O O   . HOH F 6 .   ? 11.370  -6.641  -7.646  1.00 30.10 ? 438 HOH A O   1 
HETATM 1508 O O   . HOH F 6 .   ? 7.816   -11.529 2.371   1.00 34.20 ? 439 HOH A O   1 
HETATM 1509 O O   . HOH F 6 .   ? 0.795   6.430   -1.196  1.00 18.53 ? 440 HOH A O   1 
HETATM 1510 O O   . HOH F 6 .   ? -0.381  0.385   12.645  1.00 29.88 ? 441 HOH A O   1 
HETATM 1511 O O   . HOH F 6 .   ? 10.128  15.295  -4.598  1.00 34.10 ? 442 HOH A O   1 
HETATM 1512 O O   . HOH F 6 .   ? -1.787  18.971  6.782   1.00 48.75 ? 443 HOH A O   1 
HETATM 1513 O O   . HOH F 6 .   ? 12.500  -8.182  4.261   1.00 35.37 ? 444 HOH A O   1 
HETATM 1514 O O   . HOH F 6 .   ? 5.796   13.275  -14.716 1.00 24.81 ? 445 HOH A O   1 
HETATM 1515 O O   . HOH F 6 .   ? 6.381   -11.702 7.353   1.00 45.39 ? 446 HOH A O   1 
HETATM 1516 O O   . HOH F 6 .   ? 10.586  19.289  9.487   1.00 28.61 ? 447 HOH A O   1 
HETATM 1517 O O   . HOH F 6 .   ? -2.514  -16.715 11.312  1.00 32.71 ? 448 HOH A O   1 
HETATM 1518 O O   . HOH F 6 .   ? 0.259   -1.649  16.010  1.00 44.69 ? 449 HOH A O   1 
HETATM 1519 O O   . HOH F 6 .   ? -19.433 3.769   7.595   1.00 41.66 ? 450 HOH A O   1 
HETATM 1520 O O   . HOH F 6 .   ? 9.645   6.960   -15.717 1.00 29.06 ? 451 HOH A O   1 
HETATM 1521 O O   . HOH F 6 .   ? -3.106  15.951  9.084   1.00 46.47 ? 452 HOH A O   1 
HETATM 1522 O O   . HOH F 6 .   ? 0.710   8.490   -4.099  1.00 17.62 ? 453 HOH A O   1 
HETATM 1523 O O   . HOH F 6 .   ? -2.763  -19.276 -0.711  1.00 42.38 ? 454 HOH A O   1 
HETATM 1524 O O   . HOH F 6 .   ? 1.161   -7.233  12.996  1.00 33.74 ? 455 HOH A O   1 
HETATM 1525 O O   . HOH F 6 .   ? -9.488  6.733   7.776   1.00 41.67 ? 456 HOH A O   1 
HETATM 1526 O O   . HOH F 6 .   ? -6.767  -21.132 13.395  1.00 39.99 ? 457 HOH A O   1 
HETATM 1527 O O   . HOH F 6 .   ? 8.219   20.966  9.561   1.00 41.32 ? 458 HOH A O   1 
HETATM 1528 O O   . HOH F 6 .   ? 14.441  4.522   12.169  1.00 26.29 ? 459 HOH A O   1 
HETATM 1529 O O   . HOH F 6 .   ? 8.497   -4.524  -14.524 1.00 49.53 ? 460 HOH A O   1 
HETATM 1530 O O   . HOH F 6 .   ? 10.163  -6.783  -0.834  1.00 23.70 ? 461 HOH A O   1 
HETATM 1531 O O   . HOH F 6 .   ? -14.509 -1.127  -4.451  1.00 43.74 ? 462 HOH A O   1 
HETATM 1532 O O   . HOH F 6 .   ? -7.498  5.979   6.090   1.00 29.14 ? 463 HOH A O   1 
HETATM 1533 O O   . HOH F 6 .   ? 11.329  5.660   -5.854  1.00 35.22 ? 464 HOH A O   1 
HETATM 1534 O O   . HOH F 6 .   ? 4.657   -9.934  -8.311  1.00 29.60 ? 465 HOH A O   1 
HETATM 1535 O O   . HOH F 6 .   ? 6.101   14.089  11.201  1.00 32.30 ? 466 HOH A O   1 
HETATM 1536 O O   . HOH F 6 .   ? 4.899   -15.254 11.308  1.00 33.11 ? 467 HOH A O   1 
HETATM 1537 O O   . HOH F 6 .   ? 8.233   0.512   14.728  1.00 43.26 ? 468 HOH A O   1 
HETATM 1538 O O   . HOH F 6 .   ? 7.900   9.112   -16.368 1.00 26.20 ? 469 HOH A O   1 
HETATM 1539 O O   . HOH F 6 .   ? 2.015   1.628   12.738  1.00 30.11 ? 470 HOH A O   1 
HETATM 1540 O O   . HOH F 6 .   ? -1.610  12.046  -13.947 1.00 26.63 ? 471 HOH A O   1 
HETATM 1541 O O   . HOH F 6 .   ? 9.440   15.994  -0.979  1.00 29.65 ? 472 HOH A O   1 
HETATM 1542 O O   . HOH F 6 .   ? 11.563  6.876   -17.345 1.00 42.27 ? 473 HOH A O   1 
HETATM 1543 O O   . HOH F 6 .   ? 17.329  -0.063  5.392   1.00 26.62 ? 474 HOH A O   1 
HETATM 1544 O O   . HOH F 6 .   ? 22.748  3.650   3.988   1.00 46.99 ? 475 HOH A O   1 
HETATM 1545 O O   . HOH F 6 .   ? 16.709  -1.364  7.687   1.00 25.00 ? 476 HOH A O   1 
HETATM 1546 O O   . HOH F 6 .   ? 2.355   7.350   10.454  1.00 32.31 ? 477 HOH A O   1 
HETATM 1547 O O   . HOH F 6 .   ? 2.869   -7.174  16.374  1.00 47.22 ? 478 HOH A O   1 
HETATM 1548 O O   . HOH F 6 .   ? -12.754 -17.661 7.395   1.00 46.04 ? 479 HOH A O   1 
HETATM 1549 O O   . HOH F 6 .   ? -12.979 8.404   5.174   1.00 42.28 ? 480 HOH A O   1 
HETATM 1550 O O   . HOH F 6 .   ? 6.232   -3.792  -16.697 1.00 38.01 ? 481 HOH A O   1 
HETATM 1551 O O   . HOH F 6 .   ? -16.957 -9.633  -3.825  1.00 46.70 ? 482 HOH A O   1 
HETATM 1552 O O   . HOH F 6 .   ? -7.722  -10.509 15.062  1.00 46.01 ? 483 HOH A O   1 
HETATM 1553 O O   . HOH F 6 .   ? 2.146   7.653   7.659   1.00 26.87 ? 484 HOH A O   1 
HETATM 1554 O O   . HOH F 6 .   ? 11.523  -9.670  8.937   1.00 47.91 ? 485 HOH A O   1 
HETATM 1555 O O   . HOH F 6 .   ? -1.496  16.731  10.839  1.00 42.74 ? 486 HOH A O   1 
HETATM 1556 O O   . HOH F 6 .   ? 16.147  1.147   -3.917  1.00 60.76 ? 487 HOH A O   1 
HETATM 1557 O O   . HOH F 6 .   ? -14.186 -8.768  -10.698 1.00 51.84 ? 488 HOH A O   1 
HETATM 1558 O O   . HOH F 6 .   ? 11.367  10.873  -5.031  1.00 40.60 ? 489 HOH A O   1 
HETATM 1559 O O   . HOH F 6 .   ? -4.535  3.967   -13.833 1.00 43.98 ? 490 HOH A O   1 
HETATM 1560 O O   . HOH F 6 .   ? -9.912  -6.863  -8.778  1.00 46.30 ? 491 HOH A O   1 
HETATM 1561 O O   . HOH F 6 .   ? 0.187   -18.629 4.984   1.00 36.76 ? 492 HOH A O   1 
HETATM 1562 O O   . HOH F 6 .   ? 17.732  5.457   11.099  1.00 46.26 ? 493 HOH A O   1 
HETATM 1563 O O   . HOH F 6 .   ? -6.573  -5.275  -13.462 1.00 62.78 ? 494 HOH A O   1 
HETATM 1564 O O   . HOH F 6 .   ? -1.553  -0.764  17.286  1.00 55.32 ? 495 HOH A O   1 
HETATM 1565 O O   . HOH F 6 .   ? 19.308  5.446   9.406   1.00 50.01 ? 496 HOH A O   1 
HETATM 1566 O O   . HOH F 6 .   ? 9.350   -10.958 6.497   1.00 58.93 ? 497 HOH A O   1 
HETATM 1567 O O   . HOH F 6 .   ? -2.566  14.894  1.751   1.00 46.89 ? 498 HOH A O   1 
HETATM 1568 O O   . HOH F 6 .   ? -11.974 1.071   -10.674 1.00 51.70 ? 499 HOH A O   1 
HETATM 1569 O O   . HOH F 6 .   ? -11.790 -23.617 11.019  1.00 40.27 ? 500 HOH A O   1 
HETATM 1570 O O   . HOH F 6 .   ? -0.712  -3.470  -15.944 1.00 33.17 ? 501 HOH A O   1 
HETATM 1571 O O   . HOH F 6 .   ? -1.897  1.411   14.784  1.00 40.66 ? 502 HOH A O   1 
HETATM 1572 O O   . HOH F 6 .   ? 10.080  2.799   14.448  1.00 52.85 ? 503 HOH A O   1 
HETATM 1573 O O   . HOH F 6 .   ? 8.012   19.090  -7.796  1.00 49.62 ? 504 HOH A O   1 
HETATM 1574 O O   . HOH F 6 .   ? 8.222   -4.026  -11.090 1.00 44.16 ? 505 HOH A O   1 
HETATM 1575 O O   . HOH F 6 .   ? 1.019   6.847   12.692  1.00 57.81 ? 506 HOH A O   1 
HETATM 1576 O O   . HOH F 6 .   ? 7.871   23.051  10.521  1.00 56.81 ? 507 HOH A O   1 
HETATM 1577 O O   . HOH F 6 .   ? 13.955  -3.426  -10.613 1.00 39.27 ? 508 HOH A O   1 
HETATM 1578 O O   . HOH F 6 .   ? -16.635 -0.621  -1.946  1.00 45.14 ? 509 HOH A O   1 
HETATM 1579 O O   . HOH F 6 .   ? 0.144   -6.326  -16.209 1.00 47.65 ? 510 HOH A O   1 
HETATM 1580 O O   . HOH F 6 .   ? -0.580  10.310  -5.894  1.00 25.17 ? 511 HOH A O   1 
HETATM 1581 O O   . HOH F 6 .   ? 0.920   -6.073  15.723  1.00 40.09 ? 512 HOH A O   1 
HETATM 1582 O O   . HOH F 6 .   ? 9.293   13.357  -11.263 1.00 38.71 ? 513 HOH A O   1 
HETATM 1583 O O   . HOH F 6 .   ? 5.514   21.959  -2.332  1.00 34.47 ? 514 HOH A O   1 
HETATM 1584 O O   . HOH F 6 .   ? -1.942  13.209  -4.416  1.00 52.51 ? 515 HOH A O   1 
HETATM 1585 O O   . HOH F 6 .   ? 2.049   -16.619 3.560   1.00 39.14 ? 516 HOH A O   1 
HETATM 1586 O O   . HOH F 6 .   ? 18.559  -1.073  3.061   1.00 34.91 ? 517 HOH A O   1 
HETATM 1587 O O   . HOH F 6 .   ? 8.564   6.644   15.921  1.00 51.36 ? 518 HOH A O   1 
HETATM 1588 O O   . HOH F 6 .   ? 12.539  -5.264  -11.192 1.00 43.70 ? 519 HOH A O   1 
HETATM 1589 O O   . HOH F 6 .   ? -14.289 10.131  4.771   1.00 52.57 ? 520 HOH A O   1 
HETATM 1590 O O   . HOH F 6 .   ? 18.170  1.570   -2.766  1.00 60.15 ? 521 HOH A O   1 
HETATM 1591 O O   . HOH F 6 .   ? 16.351  5.671   13.582  1.00 34.62 ? 522 HOH A O   1 
HETATM 1592 O O   . HOH F 6 .   ? -3.671  2.187   -15.098 1.00 45.38 ? 523 HOH A O   1 
HETATM 1593 O O   . HOH F 6 .   ? -9.340  -6.537  -11.019 1.00 55.23 ? 524 HOH A O   1 
HETATM 1594 O O   . HOH F 6 .   ? -2.099  15.306  -2.338  1.00 54.61 ? 525 HOH A O   1 
HETATM 1595 O O   . HOH F 6 .   ? -2.620  11.219  -5.727  1.00 34.54 ? 526 HOH A O   1 
HETATM 1596 O O   . HOH F 6 .   ? 1.422   4.614   13.087  1.00 40.55 ? 527 HOH A O   1 
HETATM 1597 O O   . HOH F 6 .   ? 11.831  8.690   -6.098  1.00 41.77 ? 528 HOH A O   1 
# 
loop_
_pdbx_poly_seq_scheme.asym_id 
_pdbx_poly_seq_scheme.entity_id 
_pdbx_poly_seq_scheme.seq_id 
_pdbx_poly_seq_scheme.mon_id 
_pdbx_poly_seq_scheme.ndb_seq_num 
_pdbx_poly_seq_scheme.pdb_seq_num 
_pdbx_poly_seq_scheme.auth_seq_num 
_pdbx_poly_seq_scheme.pdb_mon_id 
_pdbx_poly_seq_scheme.auth_mon_id 
_pdbx_poly_seq_scheme.pdb_strand_id 
_pdbx_poly_seq_scheme.pdb_ins_code 
_pdbx_poly_seq_scheme.hetero 
A 1 1   THR 1   1   1   THR THR A . n 
A 1 2   LEU 2   2   2   LEU LEU A . n 
A 1 3   SER 3   3   3   SER SER A . n 
A 1 4   ILE 4   4   4   ILE ILE A . n 
A 1 5   LEU 5   5   5   LEU LEU A . n 
A 1 6   VAL 6   6   6   VAL VAL A . n 
A 1 7   ALA 7   7   7   ALA ALA A . n 
A 1 8   HIS 8   8   8   HIS HIS A . n 
A 1 9   ASP 9   9   9   ASP ASP A . n 
A 1 10  LEU 10  10  10  LEU LEU A . n 
A 1 11  GLN 11  11  11  GLN GLN A . n 
A 1 12  ARG 12  12  12  ARG ARG A . n 
A 1 13  VAL 13  13  13  VAL VAL A . n 
A 1 14  ILE 14  14  14  ILE ILE A . n 
A 1 15  GLY 15  15  15  GLY GLY A . n 
A 1 16  PHE 16  16  16  PHE PHE A . n 
A 1 17  GLU 17  17  17  GLU GLU A . n 
A 1 18  ASN 18  18  18  ASN ASN A . n 
A 1 19  GLN 19  19  19  GLN GLN A . n 
A 1 20  LEU 20  20  20  LEU LEU A . n 
A 1 21  PRO 21  21  21  PRO PRO A . n 
A 1 22  TRP 22  22  22  TRP TRP A . n 
A 1 23  HIS 23  23  23  HIS HIS A . n 
A 1 24  LEU 24  24  24  LEU LEU A . n 
A 1 25  PRO 25  25  25  PRO PRO A . n 
A 1 26  ASN 26  26  26  ASN ASN A . n 
A 1 27  ASP 27  27  27  ASP ASP A . n 
A 1 28  LEU 28  28  28  LEU LEU A . n 
A 1 29  LYS 29  29  29  LYS LYS A . n 
A 1 30  HIS 30  30  30  HIS HIS A . n 
A 1 31  VAL 31  31  31  VAL VAL A . n 
A 1 32  LYS 32  32  32  LYS LYS A . n 
A 1 33  LYS 33  33  33  LYS LYS A . n 
A 1 34  LEU 34  34  34  LEU LEU A . n 
A 1 35  SER 35  35  35  SER SER A . n 
A 1 36  THR 36  36  36  THR THR A . n 
A 1 37  GLY 37  37  37  GLY GLY A . n 
A 1 38  HIS 38  38  38  HIS HIS A . n 
A 1 39  THR 39  39  39  THR THR A . n 
A 1 40  LEU 40  40  40  LEU LEU A . n 
A 1 41  VAL 41  41  41  VAL VAL A . n 
A 1 42  MET 42  42  42  MET MET A . n 
A 1 43  GLY 43  43  43  GLY GLY A . n 
A 1 44  ARG 44  44  44  ARG ARG A . n 
A 1 45  LYS 45  45  45  LYS LYS A . n 
A 1 46  THR 46  46  46  THR THR A . n 
A 1 47  PHE 47  47  47  PHE PHE A . n 
A 1 48  GLU 48  48  48  GLU GLU A . n 
A 1 49  SER 49  49  49  SER SER A . n 
A 1 50  ILE 50  50  50  ILE ILE A . n 
A 1 51  GLY 51  51  51  GLY GLY A . n 
A 1 52  LYS 52  52  52  LYS LYS A . n 
A 1 53  PRO 53  53  53  PRO PRO A . n 
A 1 54  LEU 54  54  54  LEU LEU A . n 
A 1 55  PRO 55  55  55  PRO PRO A . n 
A 1 56  ASN 56  56  56  ASN ASN A . n 
A 1 57  ARG 57  57  57  ARG ARG A . n 
A 1 58  ARG 58  58  58  ARG ARG A . n 
A 1 59  ASN 59  59  59  ASN ASN A . n 
A 1 60  VAL 60  60  60  VAL VAL A . n 
A 1 61  VAL 61  61  61  VAL VAL A . n 
A 1 62  LEU 62  62  62  LEU LEU A . n 
A 1 63  THR 63  63  63  THR THR A . n 
A 1 64  SER 64  64  64  SER SER A . n 
A 1 65  ASP 65  65  65  ASP ASP A . n 
A 1 66  THR 66  66  66  THR THR A . n 
A 1 67  SER 67  67  67  SER SER A . n 
A 1 68  PHE 68  68  68  PHE PHE A . n 
A 1 69  ASN 69  69  69  ASN ASN A . n 
A 1 70  VAL 70  70  70  VAL VAL A . n 
A 1 71  GLU 71  71  71  GLU GLU A . n 
A 1 72  GLY 72  72  72  GLY GLY A . n 
A 1 73  VAL 73  73  73  VAL VAL A . n 
A 1 74  ASP 74  74  74  ASP ASP A . n 
A 1 75  VAL 75  75  75  VAL VAL A . n 
A 1 76  ILE 76  76  76  ILE ILE A . n 
A 1 77  HIS 77  77  77  HIS HIS A . n 
A 1 78  SER 78  78  78  SER SER A . n 
A 1 79  ILE 79  79  79  ILE ILE A . n 
A 1 80  GLU 80  80  80  GLU GLU A . n 
A 1 81  ASP 81  81  81  ASP ASP A . n 
A 1 82  ILE 82  82  82  ILE ILE A . n 
A 1 83  TYR 83  83  83  TYR TYR A . n 
A 1 84  GLN 84  84  84  GLN GLN A . n 
A 1 85  LEU 85  85  85  LEU LEU A . n 
A 1 86  PRO 86  86  86  PRO PRO A . n 
A 1 87  GLY 87  87  87  GLY GLY A . n 
A 1 88  HIS 88  88  88  HIS HIS A . n 
A 1 89  VAL 89  89  89  VAL VAL A . n 
A 1 90  PHE 90  90  90  PHE PHE A . n 
A 1 91  ILE 91  91  91  ILE ILE A . n 
A 1 92  PHE 92  92  92  PHE PHE A . n 
A 1 93  GLY 93  93  93  GLY GLY A . n 
A 1 94  GLY 94  94  94  GLY GLY A . n 
A 1 95  GLN 95  95  95  GLN GLN A . n 
A 1 96  THR 96  96  96  THR THR A . n 
A 1 97  LEU 97  97  97  LEU LEU A . n 
A 1 98  PHE 98  98  98  PHE PHE A . n 
A 1 99  GLU 99  99  99  GLU GLU A . n 
A 1 100 GLU 100 100 100 GLU GLU A . n 
A 1 101 MET 101 101 101 MET MET A . n 
A 1 102 ILE 102 102 102 ILE ILE A . n 
A 1 103 ASP 103 103 103 ASP ASP A . n 
A 1 104 LYS 104 104 104 LYS LYS A . n 
A 1 105 VAL 105 105 105 VAL VAL A . n 
A 1 106 ASP 106 106 106 ASP ASP A . n 
A 1 107 ASP 107 107 107 ASP ASP A . n 
A 1 108 MET 108 108 108 MET MET A . n 
A 1 109 TYR 109 109 109 TYR TYR A . n 
A 1 110 ILE 110 110 110 ILE ILE A . n 
A 1 111 THR 111 111 111 THR THR A . n 
A 1 112 VAL 112 112 112 VAL VAL A . n 
A 1 113 ILE 113 113 113 ILE ILE A . n 
A 1 114 GLU 114 114 114 GLU GLU A . n 
A 1 115 GLY 115 115 115 GLY GLY A . n 
A 1 116 LYS 116 116 116 LYS LYS A . n 
A 1 117 PHE 117 117 117 PHE PHE A . n 
A 1 118 ARG 118 118 118 ARG ARG A . n 
A 1 119 GLY 119 119 119 GLY GLY A . n 
A 1 120 ASP 120 120 120 ASP ASP A . n 
A 1 121 THR 121 121 121 THR THR A . n 
A 1 122 PHE 122 122 122 PHE PHE A . n 
A 1 123 PHE 123 123 123 PHE PHE A . n 
A 1 124 PRO 124 124 124 PRO PRO A . n 
A 1 125 PRO 125 125 125 PRO PRO A . n 
A 1 126 TYR 126 126 126 TYR TYR A . n 
A 1 127 THR 127 127 127 THR THR A . n 
A 1 128 PHE 128 128 128 PHE PHE A . n 
A 1 129 GLU 129 129 129 GLU GLU A . n 
A 1 130 ASP 130 130 130 ASP ASP A . n 
A 1 131 TRP 131 131 131 TRP TRP A . n 
A 1 132 GLU 132 132 132 GLU GLU A . n 
A 1 133 VAL 133 133 133 VAL VAL A . n 
A 1 134 ALA 134 134 134 ALA ALA A . n 
A 1 135 SER 135 135 135 SER SER A . n 
A 1 136 SER 136 136 136 SER SER A . n 
A 1 137 VAL 137 137 137 VAL VAL A . n 
A 1 138 GLU 138 138 138 GLU GLU A . n 
A 1 139 GLY 139 139 139 GLY GLY A . n 
A 1 140 LYS 140 140 140 LYS LYS A . n 
A 1 141 LEU 141 141 141 LEU LEU A . n 
A 1 142 ASP 142 142 142 ASP ASP A . n 
A 1 143 GLU 143 143 143 GLU GLU A . n 
A 1 144 LYS 144 144 144 LYS LYS A . n 
A 1 145 ASN 145 145 145 ASN ASN A . n 
A 1 146 THR 146 146 146 THR THR A . n 
A 1 147 ILE 147 147 147 ILE ILE A . n 
A 1 148 PRO 148 148 148 PRO PRO A . n 
A 1 149 HIS 149 149 149 HIS HIS A . n 
A 1 150 THR 150 150 150 THR THR A . n 
A 1 151 PHE 151 151 151 PHE PHE A . n 
A 1 152 LEU 152 152 152 LEU LEU A . n 
A 1 153 HIS 153 153 153 HIS HIS A . n 
A 1 154 LEU 154 154 154 LEU LEU A . n 
A 1 155 ILE 155 155 155 ILE ILE A . n 
A 1 156 ARG 156 156 156 ARG ARG A . n 
A 1 157 LYS 157 157 157 LYS LYS A . n 
A 1 158 LYS 158 158 158 LYS LYS A . n 
A 1 159 LEU 159 159 159 LEU LEU A . n 
A 1 160 VAL 160 160 160 VAL VAL A . n 
A 1 161 PRO 161 161 161 PRO PRO A . n 
A 1 162 ARG 162 162 162 ARG ARG A . n 
# 
loop_
_pdbx_nonpoly_scheme.asym_id 
_pdbx_nonpoly_scheme.entity_id 
_pdbx_nonpoly_scheme.mon_id 
_pdbx_nonpoly_scheme.ndb_seq_num 
_pdbx_nonpoly_scheme.pdb_seq_num 
_pdbx_nonpoly_scheme.auth_seq_num 
_pdbx_nonpoly_scheme.pdb_mon_id 
_pdbx_nonpoly_scheme.auth_mon_id 
_pdbx_nonpoly_scheme.pdb_strand_id 
_pdbx_nonpoly_scheme.pdb_ins_code 
B 2 R0Y 1   301 301 R0Y 004 A . 
C 3 OWM 1   302 302 OWM LIG A . 
D 4 GOL 1   303 501 GOL GOL A . 
E 5 NAP 1   304 1   NAP NAP A . 
F 6 HOH 1   401 24  HOH HOH A . 
F 6 HOH 2   402 1   HOH HOH A . 
F 6 HOH 3   403 73  HOH HOH A . 
F 6 HOH 4   404 75  HOH HOH A . 
F 6 HOH 5   405 111 HOH HOH A . 
F 6 HOH 6   406 69  HOH HOH A . 
F 6 HOH 7   407 49  HOH HOH A . 
F 6 HOH 8   408 38  HOH HOH A . 
F 6 HOH 9   409 11  HOH HOH A . 
F 6 HOH 10  410 71  HOH HOH A . 
F 6 HOH 11  411 26  HOH HOH A . 
F 6 HOH 12  412 46  HOH HOH A . 
F 6 HOH 13  413 81  HOH HOH A . 
F 6 HOH 14  414 68  HOH HOH A . 
F 6 HOH 15  415 25  HOH HOH A . 
F 6 HOH 16  416 95  HOH HOH A . 
F 6 HOH 17  417 84  HOH HOH A . 
F 6 HOH 18  418 64  HOH HOH A . 
F 6 HOH 19  419 33  HOH HOH A . 
F 6 HOH 20  420 7   HOH HOH A . 
F 6 HOH 21  421 88  HOH HOH A . 
F 6 HOH 22  422 91  HOH HOH A . 
F 6 HOH 23  423 28  HOH HOH A . 
F 6 HOH 24  424 44  HOH HOH A . 
F 6 HOH 25  425 14  HOH HOH A . 
F 6 HOH 26  426 5   HOH HOH A . 
F 6 HOH 27  427 93  HOH HOH A . 
F 6 HOH 28  428 99  HOH HOH A . 
F 6 HOH 29  429 138 HOH HOH A . 
F 6 HOH 30  430 41  HOH HOH A . 
F 6 HOH 31  431 18  HOH HOH A . 
F 6 HOH 32  432 6   HOH HOH A . 
F 6 HOH 33  433 94  HOH HOH A . 
F 6 HOH 34  434 3   HOH HOH A . 
F 6 HOH 35  435 29  HOH HOH A . 
F 6 HOH 36  436 59  HOH HOH A . 
F 6 HOH 37  437 30  HOH HOH A . 
F 6 HOH 38  438 34  HOH HOH A . 
F 6 HOH 39  439 124 HOH HOH A . 
F 6 HOH 40  440 2   HOH HOH A . 
F 6 HOH 41  441 22  HOH HOH A . 
F 6 HOH 42  442 67  HOH HOH A . 
F 6 HOH 43  443 98  HOH HOH A . 
F 6 HOH 44  444 47  HOH HOH A . 
F 6 HOH 45  445 15  HOH HOH A . 
F 6 HOH 46  446 55  HOH HOH A . 
F 6 HOH 47  447 32  HOH HOH A . 
F 6 HOH 48  448 35  HOH HOH A . 
F 6 HOH 49  449 90  HOH HOH A . 
F 6 HOH 50  450 113 HOH HOH A . 
F 6 HOH 51  451 20  HOH HOH A . 
F 6 HOH 52  452 103 HOH HOH A . 
F 6 HOH 53  453 4   HOH HOH A . 
F 6 HOH 54  454 39  HOH HOH A . 
F 6 HOH 55  455 43  HOH HOH A . 
F 6 HOH 56  456 128 HOH HOH A . 
F 6 HOH 57  457 80  HOH HOH A . 
F 6 HOH 58  458 50  HOH HOH A . 
F 6 HOH 59  459 21  HOH HOH A . 
F 6 HOH 60  460 139 HOH HOH A . 
F 6 HOH 61  461 10  HOH HOH A . 
F 6 HOH 62  462 114 HOH HOH A . 
F 6 HOH 63  463 57  HOH HOH A . 
F 6 HOH 64  464 120 HOH HOH A . 
F 6 HOH 65  465 17  HOH HOH A . 
F 6 HOH 66  466 36  HOH HOH A . 
F 6 HOH 67  467 83  HOH HOH A . 
F 6 HOH 68  468 54  HOH HOH A . 
F 6 HOH 69  469 16  HOH HOH A . 
F 6 HOH 70  470 12  HOH HOH A . 
F 6 HOH 71  471 27  HOH HOH A . 
F 6 HOH 72  472 135 HOH HOH A . 
F 6 HOH 73  473 92  HOH HOH A . 
F 6 HOH 74  474 40  HOH HOH A . 
F 6 HOH 75  475 89  HOH HOH A . 
F 6 HOH 76  476 130 HOH HOH A . 
F 6 HOH 77  477 52  HOH HOH A . 
F 6 HOH 78  478 66  HOH HOH A . 
F 6 HOH 79  479 141 HOH HOH A . 
F 6 HOH 80  480 72  HOH HOH A . 
F 6 HOH 81  481 62  HOH HOH A . 
F 6 HOH 82  482 48  HOH HOH A . 
F 6 HOH 83  483 82  HOH HOH A . 
F 6 HOH 84  484 31  HOH HOH A . 
F 6 HOH 85  485 102 HOH HOH A . 
F 6 HOH 86  486 107 HOH HOH A . 
F 6 HOH 87  487 51  HOH HOH A . 
F 6 HOH 88  488 100 HOH HOH A . 
F 6 HOH 89  489 133 HOH HOH A . 
F 6 HOH 90  490 116 HOH HOH A . 
F 6 HOH 91  491 112 HOH HOH A . 
F 6 HOH 92  492 125 HOH HOH A . 
F 6 HOH 93  493 42  HOH HOH A . 
F 6 HOH 94  494 45  HOH HOH A . 
F 6 HOH 95  495 63  HOH HOH A . 
F 6 HOH 96  496 134 HOH HOH A . 
F 6 HOH 97  497 123 HOH HOH A . 
F 6 HOH 98  498 121 HOH HOH A . 
F 6 HOH 99  499 129 HOH HOH A . 
F 6 HOH 100 500 79  HOH HOH A . 
F 6 HOH 101 501 118 HOH HOH A . 
F 6 HOH 102 502 140 HOH HOH A . 
F 6 HOH 103 503 87  HOH HOH A . 
F 6 HOH 104 504 9   HOH HOH A . 
F 6 HOH 105 505 137 HOH HOH A . 
F 6 HOH 106 506 131 HOH HOH A . 
F 6 HOH 107 507 104 HOH HOH A . 
F 6 HOH 108 508 86  HOH HOH A . 
F 6 HOH 109 509 115 HOH HOH A . 
F 6 HOH 110 510 117 HOH HOH A . 
F 6 HOH 111 511 23  HOH HOH A . 
F 6 HOH 112 512 85  HOH HOH A . 
F 6 HOH 113 513 65  HOH HOH A . 
F 6 HOH 114 514 60  HOH HOH A . 
F 6 HOH 115 515 61  HOH HOH A . 
F 6 HOH 116 516 122 HOH HOH A . 
F 6 HOH 117 517 53  HOH HOH A . 
F 6 HOH 118 518 96  HOH HOH A . 
F 6 HOH 119 519 101 HOH HOH A . 
F 6 HOH 120 520 132 HOH HOH A . 
F 6 HOH 121 521 119 HOH HOH A . 
F 6 HOH 122 522 126 HOH HOH A . 
F 6 HOH 123 523 77  HOH HOH A . 
F 6 HOH 124 524 110 HOH HOH A . 
F 6 HOH 125 525 58  HOH HOH A . 
F 6 HOH 126 526 136 HOH HOH A . 
F 6 HOH 127 527 70  HOH HOH A . 
F 6 HOH 128 528 76  HOH HOH A . 
# 
_pdbx_struct_assembly.id                   1 
_pdbx_struct_assembly.details              author_and_software_defined_assembly 
_pdbx_struct_assembly.method_details       PISA 
_pdbx_struct_assembly.oligomeric_details   monomeric 
_pdbx_struct_assembly.oligomeric_count     1 
# 
_pdbx_struct_assembly_gen.assembly_id       1 
_pdbx_struct_assembly_gen.oper_expression   1 
_pdbx_struct_assembly_gen.asym_id_list      A,B,C,D,E,F 
# 
_pdbx_struct_oper_list.id                   1 
_pdbx_struct_oper_list.type                 'identity operation' 
_pdbx_struct_oper_list.name                 1_555 
_pdbx_struct_oper_list.symmetry_operation   x,y,z 
_pdbx_struct_oper_list.matrix[1][1]         1.0000000000 
_pdbx_struct_oper_list.matrix[1][2]         0.0000000000 
_pdbx_struct_oper_list.matrix[1][3]         0.0000000000 
_pdbx_struct_oper_list.vector[1]            0.0000000000 
_pdbx_struct_oper_list.matrix[2][1]         0.0000000000 
_pdbx_struct_oper_list.matrix[2][2]         1.0000000000 
_pdbx_struct_oper_list.matrix[2][3]         0.0000000000 
_pdbx_struct_oper_list.vector[2]            0.0000000000 
_pdbx_struct_oper_list.matrix[3][1]         0.0000000000 
_pdbx_struct_oper_list.matrix[3][2]         0.0000000000 
_pdbx_struct_oper_list.matrix[3][3]         1.0000000000 
_pdbx_struct_oper_list.vector[3]            0.0000000000 
# 
loop_
_pdbx_audit_revision_history.ordinal 
_pdbx_audit_revision_history.data_content_type 
_pdbx_audit_revision_history.major_revision 
_pdbx_audit_revision_history.minor_revision 
_pdbx_audit_revision_history.revision_date 
1 'Structure model' 1 0 2020-06-17 
2 'Structure model' 1 1 2023-10-11 
# 
_pdbx_audit_revision_details.ordinal             1 
_pdbx_audit_revision_details.revision_ordinal    1 
_pdbx_audit_revision_details.data_content_type   'Structure model' 
_pdbx_audit_revision_details.provider            repository 
_pdbx_audit_revision_details.type                'Initial release' 
_pdbx_audit_revision_details.description         ? 
_pdbx_audit_revision_details.details             ? 
# 
loop_
_pdbx_audit_revision_group.ordinal 
_pdbx_audit_revision_group.revision_ordinal 
_pdbx_audit_revision_group.data_content_type 
_pdbx_audit_revision_group.group 
1 2 'Structure model' 'Data collection'        
2 2 'Structure model' 'Database references'    
3 2 'Structure model' 'Refinement description' 
# 
loop_
_pdbx_audit_revision_category.ordinal 
_pdbx_audit_revision_category.revision_ordinal 
_pdbx_audit_revision_category.data_content_type 
_pdbx_audit_revision_category.category 
1 2 'Structure model' chem_comp_atom                
2 2 'Structure model' chem_comp_bond                
3 2 'Structure model' database_2                    
4 2 'Structure model' pdbx_initial_refinement_model 
# 
loop_
_pdbx_audit_revision_item.ordinal 
_pdbx_audit_revision_item.revision_ordinal 
_pdbx_audit_revision_item.data_content_type 
_pdbx_audit_revision_item.item 
1 2 'Structure model' '_database_2.pdbx_DOI'                
2 2 'Structure model' '_database_2.pdbx_database_accession' 
# 
loop_
_space_group_symop.id 
_space_group_symop.operation_xyz 
1  x,y,z          
2  x-y,x,z+1/6    
3  y,-x+y,z+5/6   
4  -y,x-y,z+1/3   
5  -x+y,-x,z+2/3  
6  x-y,-y,-z      
7  -x,-x+y,-z+2/3 
8  -x,-y,z+1/2    
9  y,x,-z+1/3     
10 -y,-x,-z+5/6   
11 -x+y,y,-z+1/2  
12 x,x-y,-z+1/6   
# 
loop_
_software.citation_id 
_software.classification 
_software.compiler_name 
_software.compiler_version 
_software.contact_author 
_software.contact_author_email 
_software.date 
_software.description 
_software.dependencies 
_software.hardware 
_software.language 
_software.location 
_software.mods 
_software.name 
_software.os 
_software.os_version 
_software.type 
_software.version 
_software.pdbx_ordinal 
? refinement        ? ? ? ? ? ? ? ? ? ? ? PHENIX    ? ? ? 1.8.4_1496 1 
? 'data collection' ? ? ? ? ? ? ? ? ? ? ? HKL-3000  ? ? ? .          2 
? 'data reduction'  ? ? ? ? ? ? ? ? ? ? ? DENZO     ? ? ? .          3 
? 'data scaling'    ? ? ? ? ? ? ? ? ? ? ? SCALEPACK ? ? ? .          4 
? phasing           ? ? ? ? ? ? ? ? ? ? ? PHASER    ? ? ? .          5 
# 
_pdbx_entry_details.entry_id                 6PRB 
_pdbx_entry_details.nonpolymer_details       ? 
_pdbx_entry_details.sequence_details         ? 
_pdbx_entry_details.compound_details         ? 
_pdbx_entry_details.source_details           ? 
_pdbx_entry_details.has_ligand_of_interest   Y 
# 
_pdbx_validate_torsion.id              1 
_pdbx_validate_torsion.PDB_model_num   1 
_pdbx_validate_torsion.auth_comp_id    HIS 
_pdbx_validate_torsion.auth_asym_id    A 
_pdbx_validate_torsion.auth_seq_id     38 
_pdbx_validate_torsion.PDB_ins_code    ? 
_pdbx_validate_torsion.label_alt_id    ? 
_pdbx_validate_torsion.phi             -123.49 
_pdbx_validate_torsion.psi             -160.60 
# 
loop_
_chem_comp_atom.comp_id 
_chem_comp_atom.atom_id 
_chem_comp_atom.type_symbol 
_chem_comp_atom.pdbx_aromatic_flag 
_chem_comp_atom.pdbx_stereo_config 
_chem_comp_atom.pdbx_ordinal 
ALA N    N N N 1   
ALA CA   C N S 2   
ALA C    C N N 3   
ALA O    O N N 4   
ALA CB   C N N 5   
ALA OXT  O N N 6   
ALA H    H N N 7   
ALA H2   H N N 8   
ALA HA   H N N 9   
ALA HB1  H N N 10  
ALA HB2  H N N 11  
ALA HB3  H N N 12  
ALA HXT  H N N 13  
ARG N    N N N 14  
ARG CA   C N S 15  
ARG C    C N N 16  
ARG O    O N N 17  
ARG CB   C N N 18  
ARG CG   C N N 19  
ARG CD   C N N 20  
ARG NE   N N N 21  
ARG CZ   C N N 22  
ARG NH1  N N N 23  
ARG NH2  N N N 24  
ARG OXT  O N N 25  
ARG H    H N N 26  
ARG H2   H N N 27  
ARG HA   H N N 28  
ARG HB2  H N N 29  
ARG HB3  H N N 30  
ARG HG2  H N N 31  
ARG HG3  H N N 32  
ARG HD2  H N N 33  
ARG HD3  H N N 34  
ARG HE   H N N 35  
ARG HH11 H N N 36  
ARG HH12 H N N 37  
ARG HH21 H N N 38  
ARG HH22 H N N 39  
ARG HXT  H N N 40  
ASN N    N N N 41  
ASN CA   C N S 42  
ASN C    C N N 43  
ASN O    O N N 44  
ASN CB   C N N 45  
ASN CG   C N N 46  
ASN OD1  O N N 47  
ASN ND2  N N N 48  
ASN OXT  O N N 49  
ASN H    H N N 50  
ASN H2   H N N 51  
ASN HA   H N N 52  
ASN HB2  H N N 53  
ASN HB3  H N N 54  
ASN HD21 H N N 55  
ASN HD22 H N N 56  
ASN HXT  H N N 57  
ASP N    N N N 58  
ASP CA   C N S 59  
ASP C    C N N 60  
ASP O    O N N 61  
ASP CB   C N N 62  
ASP CG   C N N 63  
ASP OD1  O N N 64  
ASP OD2  O N N 65  
ASP OXT  O N N 66  
ASP H    H N N 67  
ASP H2   H N N 68  
ASP HA   H N N 69  
ASP HB2  H N N 70  
ASP HB3  H N N 71  
ASP HD2  H N N 72  
ASP HXT  H N N 73  
GLN N    N N N 74  
GLN CA   C N S 75  
GLN C    C N N 76  
GLN O    O N N 77  
GLN CB   C N N 78  
GLN CG   C N N 79  
GLN CD   C N N 80  
GLN OE1  O N N 81  
GLN NE2  N N N 82  
GLN OXT  O N N 83  
GLN H    H N N 84  
GLN H2   H N N 85  
GLN HA   H N N 86  
GLN HB2  H N N 87  
GLN HB3  H N N 88  
GLN HG2  H N N 89  
GLN HG3  H N N 90  
GLN HE21 H N N 91  
GLN HE22 H N N 92  
GLN HXT  H N N 93  
GLU N    N N N 94  
GLU CA   C N S 95  
GLU C    C N N 96  
GLU O    O N N 97  
GLU CB   C N N 98  
GLU CG   C N N 99  
GLU CD   C N N 100 
GLU OE1  O N N 101 
GLU OE2  O N N 102 
GLU OXT  O N N 103 
GLU H    H N N 104 
GLU H2   H N N 105 
GLU HA   H N N 106 
GLU HB2  H N N 107 
GLU HB3  H N N 108 
GLU HG2  H N N 109 
GLU HG3  H N N 110 
GLU HE2  H N N 111 
GLU HXT  H N N 112 
GLY N    N N N 113 
GLY CA   C N N 114 
GLY C    C N N 115 
GLY O    O N N 116 
GLY OXT  O N N 117 
GLY H    H N N 118 
GLY H2   H N N 119 
GLY HA2  H N N 120 
GLY HA3  H N N 121 
GLY HXT  H N N 122 
GOL C1   C N N 123 
GOL O1   O N N 124 
GOL C2   C N N 125 
GOL O2   O N N 126 
GOL C3   C N N 127 
GOL O3   O N N 128 
GOL H11  H N N 129 
GOL H12  H N N 130 
GOL HO1  H N N 131 
GOL H2   H N N 132 
GOL HO2  H N N 133 
GOL H31  H N N 134 
GOL H32  H N N 135 
GOL HO3  H N N 136 
HIS N    N N N 137 
HIS CA   C N S 138 
HIS C    C N N 139 
HIS O    O N N 140 
HIS CB   C N N 141 
HIS CG   C Y N 142 
HIS ND1  N Y N 143 
HIS CD2  C Y N 144 
HIS CE1  C Y N 145 
HIS NE2  N Y N 146 
HIS OXT  O N N 147 
HIS H    H N N 148 
HIS H2   H N N 149 
HIS HA   H N N 150 
HIS HB2  H N N 151 
HIS HB3  H N N 152 
HIS HD1  H N N 153 
HIS HD2  H N N 154 
HIS HE1  H N N 155 
HIS HE2  H N N 156 
HIS HXT  H N N 157 
HOH O    O N N 158 
HOH H1   H N N 159 
HOH H2   H N N 160 
ILE N    N N N 161 
ILE CA   C N S 162 
ILE C    C N N 163 
ILE O    O N N 164 
ILE CB   C N S 165 
ILE CG1  C N N 166 
ILE CG2  C N N 167 
ILE CD1  C N N 168 
ILE OXT  O N N 169 
ILE H    H N N 170 
ILE H2   H N N 171 
ILE HA   H N N 172 
ILE HB   H N N 173 
ILE HG12 H N N 174 
ILE HG13 H N N 175 
ILE HG21 H N N 176 
ILE HG22 H N N 177 
ILE HG23 H N N 178 
ILE HD11 H N N 179 
ILE HD12 H N N 180 
ILE HD13 H N N 181 
ILE HXT  H N N 182 
LEU N    N N N 183 
LEU CA   C N S 184 
LEU C    C N N 185 
LEU O    O N N 186 
LEU CB   C N N 187 
LEU CG   C N N 188 
LEU CD1  C N N 189 
LEU CD2  C N N 190 
LEU OXT  O N N 191 
LEU H    H N N 192 
LEU H2   H N N 193 
LEU HA   H N N 194 
LEU HB2  H N N 195 
LEU HB3  H N N 196 
LEU HG   H N N 197 
LEU HD11 H N N 198 
LEU HD12 H N N 199 
LEU HD13 H N N 200 
LEU HD21 H N N 201 
LEU HD22 H N N 202 
LEU HD23 H N N 203 
LEU HXT  H N N 204 
LYS N    N N N 205 
LYS CA   C N S 206 
LYS C    C N N 207 
LYS O    O N N 208 
LYS CB   C N N 209 
LYS CG   C N N 210 
LYS CD   C N N 211 
LYS CE   C N N 212 
LYS NZ   N N N 213 
LYS OXT  O N N 214 
LYS H    H N N 215 
LYS H2   H N N 216 
LYS HA   H N N 217 
LYS HB2  H N N 218 
LYS HB3  H N N 219 
LYS HG2  H N N 220 
LYS HG3  H N N 221 
LYS HD2  H N N 222 
LYS HD3  H N N 223 
LYS HE2  H N N 224 
LYS HE3  H N N 225 
LYS HZ1  H N N 226 
LYS HZ2  H N N 227 
LYS HZ3  H N N 228 
LYS HXT  H N N 229 
MET N    N N N 230 
MET CA   C N S 231 
MET C    C N N 232 
MET O    O N N 233 
MET CB   C N N 234 
MET CG   C N N 235 
MET SD   S N N 236 
MET CE   C N N 237 
MET OXT  O N N 238 
MET H    H N N 239 
MET H2   H N N 240 
MET HA   H N N 241 
MET HB2  H N N 242 
MET HB3  H N N 243 
MET HG2  H N N 244 
MET HG3  H N N 245 
MET HE1  H N N 246 
MET HE2  H N N 247 
MET HE3  H N N 248 
MET HXT  H N N 249 
NAP PA   P N R 250 
NAP O1A  O N N 251 
NAP O2A  O N N 252 
NAP O5B  O N N 253 
NAP C5B  C N N 254 
NAP C4B  C N R 255 
NAP O4B  O N N 256 
NAP C3B  C N R 257 
NAP O3B  O N N 258 
NAP C2B  C N R 259 
NAP O2B  O N N 260 
NAP C1B  C N R 261 
NAP N9A  N Y N 262 
NAP C8A  C Y N 263 
NAP N7A  N Y N 264 
NAP C5A  C Y N 265 
NAP C6A  C Y N 266 
NAP N6A  N N N 267 
NAP N1A  N Y N 268 
NAP C2A  C Y N 269 
NAP N3A  N Y N 270 
NAP C4A  C Y N 271 
NAP O3   O N N 272 
NAP PN   P N N 273 
NAP O1N  O N N 274 
NAP O2N  O N N 275 
NAP O5D  O N N 276 
NAP C5D  C N N 277 
NAP C4D  C N R 278 
NAP O4D  O N N 279 
NAP C3D  C N S 280 
NAP O3D  O N N 281 
NAP C2D  C N R 282 
NAP O2D  O N N 283 
NAP C1D  C N R 284 
NAP N1N  N Y N 285 
NAP C2N  C Y N 286 
NAP C3N  C Y N 287 
NAP C7N  C N N 288 
NAP O7N  O N N 289 
NAP N7N  N N N 290 
NAP C4N  C Y N 291 
NAP C5N  C Y N 292 
NAP C6N  C Y N 293 
NAP P2B  P N N 294 
NAP O1X  O N N 295 
NAP O2X  O N N 296 
NAP O3X  O N N 297 
NAP HOA2 H N N 298 
NAP H51A H N N 299 
NAP H52A H N N 300 
NAP H4B  H N N 301 
NAP H3B  H N N 302 
NAP HO3A H N N 303 
NAP H2B  H N N 304 
NAP H1B  H N N 305 
NAP H8A  H N N 306 
NAP H61A H N N 307 
NAP H62A H N N 308 
NAP H2A  H N N 309 
NAP H51N H N N 310 
NAP H52N H N N 311 
NAP H4D  H N N 312 
NAP H3D  H N N 313 
NAP HO3N H N N 314 
NAP H2D  H N N 315 
NAP HO2N H N N 316 
NAP H1D  H N N 317 
NAP H2N  H N N 318 
NAP H71N H N N 319 
NAP H72N H N N 320 
NAP H4N  H N N 321 
NAP H5N  H N N 322 
NAP H6N  H N N 323 
NAP HOP2 H N N 324 
NAP HOP3 H N N 325 
OWM C02  C Y N 326 
OWM C03  C Y N 327 
OWM C04  C Y N 328 
OWM C06  C Y N 329 
OWM C09  C N N 330 
OWM C10  C Y N 331 
OWM C11  C Y N 332 
OWM C12  C Y N 333 
OWM C14  C N N 334 
OWM C15  C Y N 335 
OWM C16  C Y N 336 
OWM C17  C N N 337 
OWM C18  C N N 338 
OWM C19  C N N 339 
OWM C22  C N N 340 
OWM C23  C Y N 341 
OWM C24  C Y N 342 
OWM C25  C N R 343 
OWM C29  C Y N 344 
OWM C30  C Y N 345 
OWM C32  C N N 346 
OWM C33  C Y N 347 
OWM C35  C N N 348 
OWM C36  C Y N 349 
OWM C38  C Y N 350 
OWM C40  C N N 351 
OWM N01  N N N 352 
OWM N05  N Y N 353 
OWM N07  N N N 354 
OWM N08  N Y N 355 
OWM N20  N N N 356 
OWM N21  N N N 357 
OWM O13  O N N 358 
OWM O31  O N N 359 
OWM O34  O N N 360 
OWM O37  O N N 361 
OWM O39  O N N 362 
OWM C26  C N N 363 
OWM C27  C N N 364 
OWM C28  C N N 365 
OWM H1   H N N 366 
OWM H2   H N N 367 
OWM H3   H N N 368 
OWM H4   H N N 369 
OWM H5   H N N 370 
OWM H6   H N N 371 
OWM H7   H N N 372 
OWM H8   H N N 373 
OWM H9   H N N 374 
OWM H10  H N N 375 
OWM H11  H N N 376 
OWM H12  H N N 377 
OWM H13  H N N 378 
OWM H14  H N N 379 
OWM H15  H N N 380 
OWM H16  H N N 381 
OWM H17  H N N 382 
OWM H18  H N N 383 
OWM H19  H N N 384 
OWM H20  H N N 385 
OWM H21  H N N 386 
OWM H22  H N N 387 
OWM H23  H N N 388 
OWM H24  H N N 389 
OWM H25  H N N 390 
OWM H26  H N N 391 
OWM H27  H N N 392 
OWM H28  H N N 393 
OWM H29  H N N 394 
OWM H30  H N N 395 
OWM H31  H N N 396 
OWM H32  H N N 397 
PHE N    N N N 398 
PHE CA   C N S 399 
PHE C    C N N 400 
PHE O    O N N 401 
PHE CB   C N N 402 
PHE CG   C Y N 403 
PHE CD1  C Y N 404 
PHE CD2  C Y N 405 
PHE CE1  C Y N 406 
PHE CE2  C Y N 407 
PHE CZ   C Y N 408 
PHE OXT  O N N 409 
PHE H    H N N 410 
PHE H2   H N N 411 
PHE HA   H N N 412 
PHE HB2  H N N 413 
PHE HB3  H N N 414 
PHE HD1  H N N 415 
PHE HD2  H N N 416 
PHE HE1  H N N 417 
PHE HE2  H N N 418 
PHE HZ   H N N 419 
PHE HXT  H N N 420 
PRO N    N N N 421 
PRO CA   C N S 422 
PRO C    C N N 423 
PRO O    O N N 424 
PRO CB   C N N 425 
PRO CG   C N N 426 
PRO CD   C N N 427 
PRO OXT  O N N 428 
PRO H    H N N 429 
PRO HA   H N N 430 
PRO HB2  H N N 431 
PRO HB3  H N N 432 
PRO HG2  H N N 433 
PRO HG3  H N N 434 
PRO HD2  H N N 435 
PRO HD3  H N N 436 
PRO HXT  H N N 437 
R0Y C02  C Y N 438 
R0Y C03  C Y N 439 
R0Y C04  C Y N 440 
R0Y C06  C Y N 441 
R0Y C09  C N N 442 
R0Y C10  C Y N 443 
R0Y C11  C Y N 444 
R0Y C12  C Y N 445 
R0Y C14  C N N 446 
R0Y C15  C Y N 447 
R0Y C16  C Y N 448 
R0Y C17  C N N 449 
R0Y C18  C N N 450 
R0Y C19  C N N 451 
R0Y C22  C N N 452 
R0Y C23  C Y N 453 
R0Y C24  C Y N 454 
R0Y C25  C N S 455 
R0Y C29  C Y N 456 
R0Y C30  C Y N 457 
R0Y C32  C N N 458 
R0Y C33  C Y N 459 
R0Y C35  C N N 460 
R0Y C36  C Y N 461 
R0Y C38  C Y N 462 
R0Y C40  C N N 463 
R0Y N01  N N N 464 
R0Y N05  N Y N 465 
R0Y N07  N N N 466 
R0Y N08  N Y N 467 
R0Y N20  N N N 468 
R0Y N21  N N N 469 
R0Y O13  O N N 470 
R0Y O31  O N N 471 
R0Y O34  O N N 472 
R0Y O37  O N N 473 
R0Y O39  O N N 474 
R0Y C26  C N N 475 
R0Y C27  C N N 476 
R0Y C28  C N N 477 
R0Y H1   H N N 478 
R0Y H2   H N N 479 
R0Y H3   H N N 480 
R0Y H4   H N N 481 
R0Y H5   H N N 482 
R0Y H6   H N N 483 
R0Y H7   H N N 484 
R0Y H8   H N N 485 
R0Y H9   H N N 486 
R0Y H10  H N N 487 
R0Y H12  H N N 488 
R0Y H13  H N N 489 
R0Y H14  H N N 490 
R0Y H15  H N N 491 
R0Y H16  H N N 492 
R0Y H17  H N N 493 
R0Y H18  H N N 494 
R0Y H19  H N N 495 
R0Y H20  H N N 496 
R0Y H21  H N N 497 
R0Y H22  H N N 498 
R0Y H23  H N N 499 
R0Y H24  H N N 500 
R0Y H25  H N N 501 
R0Y H26  H N N 502 
R0Y H27  H N N 503 
R0Y H28  H N N 504 
R0Y H30  H N N 505 
R0Y H31  H N N 506 
R0Y H32  H N N 507 
R0Y H33  H N N 508 
R0Y H34  H N N 509 
SER N    N N N 510 
SER CA   C N S 511 
SER C    C N N 512 
SER O    O N N 513 
SER CB   C N N 514 
SER OG   O N N 515 
SER OXT  O N N 516 
SER H    H N N 517 
SER H2   H N N 518 
SER HA   H N N 519 
SER HB2  H N N 520 
SER HB3  H N N 521 
SER HG   H N N 522 
SER HXT  H N N 523 
THR N    N N N 524 
THR CA   C N S 525 
THR C    C N N 526 
THR O    O N N 527 
THR CB   C N R 528 
THR OG1  O N N 529 
THR CG2  C N N 530 
THR OXT  O N N 531 
THR H    H N N 532 
THR H2   H N N 533 
THR HA   H N N 534 
THR HB   H N N 535 
THR HG1  H N N 536 
THR HG21 H N N 537 
THR HG22 H N N 538 
THR HG23 H N N 539 
THR HXT  H N N 540 
TRP N    N N N 541 
TRP CA   C N S 542 
TRP C    C N N 543 
TRP O    O N N 544 
TRP CB   C N N 545 
TRP CG   C Y N 546 
TRP CD1  C Y N 547 
TRP CD2  C Y N 548 
TRP NE1  N Y N 549 
TRP CE2  C Y N 550 
TRP CE3  C Y N 551 
TRP CZ2  C Y N 552 
TRP CZ3  C Y N 553 
TRP CH2  C Y N 554 
TRP OXT  O N N 555 
TRP H    H N N 556 
TRP H2   H N N 557 
TRP HA   H N N 558 
TRP HB2  H N N 559 
TRP HB3  H N N 560 
TRP HD1  H N N 561 
TRP HE1  H N N 562 
TRP HE3  H N N 563 
TRP HZ2  H N N 564 
TRP HZ3  H N N 565 
TRP HH2  H N N 566 
TRP HXT  H N N 567 
TYR N    N N N 568 
TYR CA   C N S 569 
TYR C    C N N 570 
TYR O    O N N 571 
TYR CB   C N N 572 
TYR CG   C Y N 573 
TYR CD1  C Y N 574 
TYR CD2  C Y N 575 
TYR CE1  C Y N 576 
TYR CE2  C Y N 577 
TYR CZ   C Y N 578 
TYR OH   O N N 579 
TYR OXT  O N N 580 
TYR H    H N N 581 
TYR H2   H N N 582 
TYR HA   H N N 583 
TYR HB2  H N N 584 
TYR HB3  H N N 585 
TYR HD1  H N N 586 
TYR HD2  H N N 587 
TYR HE1  H N N 588 
TYR HE2  H N N 589 
TYR HH   H N N 590 
TYR HXT  H N N 591 
VAL N    N N N 592 
VAL CA   C N S 593 
VAL C    C N N 594 
VAL O    O N N 595 
VAL CB   C N N 596 
VAL CG1  C N N 597 
VAL CG2  C N N 598 
VAL OXT  O N N 599 
VAL H    H N N 600 
VAL H2   H N N 601 
VAL HA   H N N 602 
VAL HB   H N N 603 
VAL HG11 H N N 604 
VAL HG12 H N N 605 
VAL HG13 H N N 606 
VAL HG21 H N N 607 
VAL HG22 H N N 608 
VAL HG23 H N N 609 
VAL HXT  H N N 610 
# 
loop_
_chem_comp_bond.comp_id 
_chem_comp_bond.atom_id_1 
_chem_comp_bond.atom_id_2 
_chem_comp_bond.value_order 
_chem_comp_bond.pdbx_aromatic_flag 
_chem_comp_bond.pdbx_stereo_config 
_chem_comp_bond.pdbx_ordinal 
ALA N   CA   sing N N 1   
ALA N   H    sing N N 2   
ALA N   H2   sing N N 3   
ALA CA  C    sing N N 4   
ALA CA  CB   sing N N 5   
ALA CA  HA   sing N N 6   
ALA C   O    doub N N 7   
ALA C   OXT  sing N N 8   
ALA CB  HB1  sing N N 9   
ALA CB  HB2  sing N N 10  
ALA CB  HB3  sing N N 11  
ALA OXT HXT  sing N N 12  
ARG N   CA   sing N N 13  
ARG N   H    sing N N 14  
ARG N   H2   sing N N 15  
ARG CA  C    sing N N 16  
ARG CA  CB   sing N N 17  
ARG CA  HA   sing N N 18  
ARG C   O    doub N N 19  
ARG C   OXT  sing N N 20  
ARG CB  CG   sing N N 21  
ARG CB  HB2  sing N N 22  
ARG CB  HB3  sing N N 23  
ARG CG  CD   sing N N 24  
ARG CG  HG2  sing N N 25  
ARG CG  HG3  sing N N 26  
ARG CD  NE   sing N N 27  
ARG CD  HD2  sing N N 28  
ARG CD  HD3  sing N N 29  
ARG NE  CZ   sing N N 30  
ARG NE  HE   sing N N 31  
ARG CZ  NH1  sing N N 32  
ARG CZ  NH2  doub N N 33  
ARG NH1 HH11 sing N N 34  
ARG NH1 HH12 sing N N 35  
ARG NH2 HH21 sing N N 36  
ARG NH2 HH22 sing N N 37  
ARG OXT HXT  sing N N 38  
ASN N   CA   sing N N 39  
ASN N   H    sing N N 40  
ASN N   H2   sing N N 41  
ASN CA  C    sing N N 42  
ASN CA  CB   sing N N 43  
ASN CA  HA   sing N N 44  
ASN C   O    doub N N 45  
ASN C   OXT  sing N N 46  
ASN CB  CG   sing N N 47  
ASN CB  HB2  sing N N 48  
ASN CB  HB3  sing N N 49  
ASN CG  OD1  doub N N 50  
ASN CG  ND2  sing N N 51  
ASN ND2 HD21 sing N N 52  
ASN ND2 HD22 sing N N 53  
ASN OXT HXT  sing N N 54  
ASP N   CA   sing N N 55  
ASP N   H    sing N N 56  
ASP N   H2   sing N N 57  
ASP CA  C    sing N N 58  
ASP CA  CB   sing N N 59  
ASP CA  HA   sing N N 60  
ASP C   O    doub N N 61  
ASP C   OXT  sing N N 62  
ASP CB  CG   sing N N 63  
ASP CB  HB2  sing N N 64  
ASP CB  HB3  sing N N 65  
ASP CG  OD1  doub N N 66  
ASP CG  OD2  sing N N 67  
ASP OD2 HD2  sing N N 68  
ASP OXT HXT  sing N N 69  
GLN N   CA   sing N N 70  
GLN N   H    sing N N 71  
GLN N   H2   sing N N 72  
GLN CA  C    sing N N 73  
GLN CA  CB   sing N N 74  
GLN CA  HA   sing N N 75  
GLN C   O    doub N N 76  
GLN C   OXT  sing N N 77  
GLN CB  CG   sing N N 78  
GLN CB  HB2  sing N N 79  
GLN CB  HB3  sing N N 80  
GLN CG  CD   sing N N 81  
GLN CG  HG2  sing N N 82  
GLN CG  HG3  sing N N 83  
GLN CD  OE1  doub N N 84  
GLN CD  NE2  sing N N 85  
GLN NE2 HE21 sing N N 86  
GLN NE2 HE22 sing N N 87  
GLN OXT HXT  sing N N 88  
GLU N   CA   sing N N 89  
GLU N   H    sing N N 90  
GLU N   H2   sing N N 91  
GLU CA  C    sing N N 92  
GLU CA  CB   sing N N 93  
GLU CA  HA   sing N N 94  
GLU C   O    doub N N 95  
GLU C   OXT  sing N N 96  
GLU CB  CG   sing N N 97  
GLU CB  HB2  sing N N 98  
GLU CB  HB3  sing N N 99  
GLU CG  CD   sing N N 100 
GLU CG  HG2  sing N N 101 
GLU CG  HG3  sing N N 102 
GLU CD  OE1  doub N N 103 
GLU CD  OE2  sing N N 104 
GLU OE2 HE2  sing N N 105 
GLU OXT HXT  sing N N 106 
GLY N   CA   sing N N 107 
GLY N   H    sing N N 108 
GLY N   H2   sing N N 109 
GLY CA  C    sing N N 110 
GLY CA  HA2  sing N N 111 
GLY CA  HA3  sing N N 112 
GLY C   O    doub N N 113 
GLY C   OXT  sing N N 114 
GLY OXT HXT  sing N N 115 
GOL C1  O1   sing N N 116 
GOL C1  C2   sing N N 117 
GOL C1  H11  sing N N 118 
GOL C1  H12  sing N N 119 
GOL O1  HO1  sing N N 120 
GOL C2  O2   sing N N 121 
GOL C2  C3   sing N N 122 
GOL C2  H2   sing N N 123 
GOL O2  HO2  sing N N 124 
GOL C3  O3   sing N N 125 
GOL C3  H31  sing N N 126 
GOL C3  H32  sing N N 127 
GOL O3  HO3  sing N N 128 
HIS N   CA   sing N N 129 
HIS N   H    sing N N 130 
HIS N   H2   sing N N 131 
HIS CA  C    sing N N 132 
HIS CA  CB   sing N N 133 
HIS CA  HA   sing N N 134 
HIS C   O    doub N N 135 
HIS C   OXT  sing N N 136 
HIS CB  CG   sing N N 137 
HIS CB  HB2  sing N N 138 
HIS CB  HB3  sing N N 139 
HIS CG  ND1  sing Y N 140 
HIS CG  CD2  doub Y N 141 
HIS ND1 CE1  doub Y N 142 
HIS ND1 HD1  sing N N 143 
HIS CD2 NE2  sing Y N 144 
HIS CD2 HD2  sing N N 145 
HIS CE1 NE2  sing Y N 146 
HIS CE1 HE1  sing N N 147 
HIS NE2 HE2  sing N N 148 
HIS OXT HXT  sing N N 149 
HOH O   H1   sing N N 150 
HOH O   H2   sing N N 151 
ILE N   CA   sing N N 152 
ILE N   H    sing N N 153 
ILE N   H2   sing N N 154 
ILE CA  C    sing N N 155 
ILE CA  CB   sing N N 156 
ILE CA  HA   sing N N 157 
ILE C   O    doub N N 158 
ILE C   OXT  sing N N 159 
ILE CB  CG1  sing N N 160 
ILE CB  CG2  sing N N 161 
ILE CB  HB   sing N N 162 
ILE CG1 CD1  sing N N 163 
ILE CG1 HG12 sing N N 164 
ILE CG1 HG13 sing N N 165 
ILE CG2 HG21 sing N N 166 
ILE CG2 HG22 sing N N 167 
ILE CG2 HG23 sing N N 168 
ILE CD1 HD11 sing N N 169 
ILE CD1 HD12 sing N N 170 
ILE CD1 HD13 sing N N 171 
ILE OXT HXT  sing N N 172 
LEU N   CA   sing N N 173 
LEU N   H    sing N N 174 
LEU N   H2   sing N N 175 
LEU CA  C    sing N N 176 
LEU CA  CB   sing N N 177 
LEU CA  HA   sing N N 178 
LEU C   O    doub N N 179 
LEU C   OXT  sing N N 180 
LEU CB  CG   sing N N 181 
LEU CB  HB2  sing N N 182 
LEU CB  HB3  sing N N 183 
LEU CG  CD1  sing N N 184 
LEU CG  CD2  sing N N 185 
LEU CG  HG   sing N N 186 
LEU CD1 HD11 sing N N 187 
LEU CD1 HD12 sing N N 188 
LEU CD1 HD13 sing N N 189 
LEU CD2 HD21 sing N N 190 
LEU CD2 HD22 sing N N 191 
LEU CD2 HD23 sing N N 192 
LEU OXT HXT  sing N N 193 
LYS N   CA   sing N N 194 
LYS N   H    sing N N 195 
LYS N   H2   sing N N 196 
LYS CA  C    sing N N 197 
LYS CA  CB   sing N N 198 
LYS CA  HA   sing N N 199 
LYS C   O    doub N N 200 
LYS C   OXT  sing N N 201 
LYS CB  CG   sing N N 202 
LYS CB  HB2  sing N N 203 
LYS CB  HB3  sing N N 204 
LYS CG  CD   sing N N 205 
LYS CG  HG2  sing N N 206 
LYS CG  HG3  sing N N 207 
LYS CD  CE   sing N N 208 
LYS CD  HD2  sing N N 209 
LYS CD  HD3  sing N N 210 
LYS CE  NZ   sing N N 211 
LYS CE  HE2  sing N N 212 
LYS CE  HE3  sing N N 213 
LYS NZ  HZ1  sing N N 214 
LYS NZ  HZ2  sing N N 215 
LYS NZ  HZ3  sing N N 216 
LYS OXT HXT  sing N N 217 
MET N   CA   sing N N 218 
MET N   H    sing N N 219 
MET N   H2   sing N N 220 
MET CA  C    sing N N 221 
MET CA  CB   sing N N 222 
MET CA  HA   sing N N 223 
MET C   O    doub N N 224 
MET C   OXT  sing N N 225 
MET CB  CG   sing N N 226 
MET CB  HB2  sing N N 227 
MET CB  HB3  sing N N 228 
MET CG  SD   sing N N 229 
MET CG  HG2  sing N N 230 
MET CG  HG3  sing N N 231 
MET SD  CE   sing N N 232 
MET CE  HE1  sing N N 233 
MET CE  HE2  sing N N 234 
MET CE  HE3  sing N N 235 
MET OXT HXT  sing N N 236 
NAP PA  O1A  doub N N 237 
NAP PA  O2A  sing N N 238 
NAP PA  O5B  sing N N 239 
NAP PA  O3   sing N N 240 
NAP O2A HOA2 sing N N 241 
NAP O5B C5B  sing N N 242 
NAP C5B C4B  sing N N 243 
NAP C5B H51A sing N N 244 
NAP C5B H52A sing N N 245 
NAP C4B O4B  sing N N 246 
NAP C4B C3B  sing N N 247 
NAP C4B H4B  sing N N 248 
NAP O4B C1B  sing N N 249 
NAP C3B O3B  sing N N 250 
NAP C3B C2B  sing N N 251 
NAP C3B H3B  sing N N 252 
NAP O3B HO3A sing N N 253 
NAP C2B O2B  sing N N 254 
NAP C2B C1B  sing N N 255 
NAP C2B H2B  sing N N 256 
NAP O2B P2B  sing N N 257 
NAP C1B N9A  sing N N 258 
NAP C1B H1B  sing N N 259 
NAP N9A C8A  sing Y N 260 
NAP N9A C4A  sing Y N 261 
NAP C8A N7A  doub Y N 262 
NAP C8A H8A  sing N N 263 
NAP N7A C5A  sing Y N 264 
NAP C5A C6A  sing Y N 265 
NAP C5A C4A  doub Y N 266 
NAP C6A N6A  sing N N 267 
NAP C6A N1A  doub Y N 268 
NAP N6A H61A sing N N 269 
NAP N6A H62A sing N N 270 
NAP N1A C2A  sing Y N 271 
NAP C2A N3A  doub Y N 272 
NAP C2A H2A  sing N N 273 
NAP N3A C4A  sing Y N 274 
NAP O3  PN   sing N N 275 
NAP PN  O1N  doub N N 276 
NAP PN  O2N  sing N N 277 
NAP PN  O5D  sing N N 278 
NAP O5D C5D  sing N N 279 
NAP C5D C4D  sing N N 280 
NAP C5D H51N sing N N 281 
NAP C5D H52N sing N N 282 
NAP C4D O4D  sing N N 283 
NAP C4D C3D  sing N N 284 
NAP C4D H4D  sing N N 285 
NAP O4D C1D  sing N N 286 
NAP C3D O3D  sing N N 287 
NAP C3D C2D  sing N N 288 
NAP C3D H3D  sing N N 289 
NAP O3D HO3N sing N N 290 
NAP C2D O2D  sing N N 291 
NAP C2D C1D  sing N N 292 
NAP C2D H2D  sing N N 293 
NAP O2D HO2N sing N N 294 
NAP C1D N1N  sing N N 295 
NAP C1D H1D  sing N N 296 
NAP N1N C2N  sing Y N 297 
NAP N1N C6N  doub Y N 298 
NAP C2N C3N  doub Y N 299 
NAP C2N H2N  sing N N 300 
NAP C3N C7N  sing N N 301 
NAP C3N C4N  sing Y N 302 
NAP C7N O7N  doub N N 303 
NAP C7N N7N  sing N N 304 
NAP N7N H71N sing N N 305 
NAP N7N H72N sing N N 306 
NAP C4N C5N  doub Y N 307 
NAP C4N H4N  sing N N 308 
NAP C5N C6N  sing Y N 309 
NAP C5N H5N  sing N N 310 
NAP C6N H6N  sing N N 311 
NAP P2B O1X  doub N N 312 
NAP P2B O2X  sing N N 313 
NAP P2B O3X  sing N N 314 
NAP O2X HOP2 sing N N 315 
NAP O3X HOP3 sing N N 316 
OWM C14 O13  sing N N 317 
OWM C40 O39  sing N N 318 
OWM O13 C12  sing N N 319 
OWM O39 C15  sing N N 320 
OWM C12 C15  doub Y N 321 
OWM C12 C11  sing Y N 322 
OWM C15 C16  sing Y N 323 
OWM C27 C28  sing N N 324 
OWM C27 C26  sing N N 325 
OWM C11 C10  doub Y N 326 
OWM C28 C26  sing N N 327 
OWM C16 C17  sing N N 328 
OWM C16 C38  doub Y N 329 
OWM C26 C25  sing N N 330 
OWM N21 C22  doub N N 331 
OWM N21 N20  sing N N 332 
OWM C10 C38  sing Y N 333 
OWM C10 C09  sing N N 334 
OWM C04 N05  doub Y N 335 
OWM C04 C03  sing Y N 336 
OWM C18 C17  doub N E 337 
OWM C18 C19  sing N N 338 
OWM N05 C06  sing Y N 339 
OWM C22 C23  sing N N 340 
OWM N20 C19  sing N N 341 
OWM N20 C25  sing N N 342 
OWM C19 O37  doub N N 343 
OWM C25 C24  sing N N 344 
OWM C09 C03  sing N N 345 
OWM C03 C02  doub Y N 346 
OWM C06 N07  sing N N 347 
OWM C06 N08  doub Y N 348 
OWM C23 C24  doub Y N 349 
OWM C23 C36  sing Y N 350 
OWM C24 C29  sing Y N 351 
OWM C02 N08  sing Y N 352 
OWM C02 N01  sing N N 353 
OWM C36 C33  doub Y N 354 
OWM C29 C30  doub Y N 355 
OWM C33 C30  sing Y N 356 
OWM C33 O34  sing N N 357 
OWM C35 O34  sing N N 358 
OWM C30 O31  sing N N 359 
OWM O31 C32  sing N N 360 
OWM C04 H1   sing N N 361 
OWM C09 H2   sing N N 362 
OWM C09 H3   sing N N 363 
OWM C11 H4   sing N N 364 
OWM C14 H5   sing N N 365 
OWM C14 H6   sing N N 366 
OWM C14 H7   sing N N 367 
OWM C17 H8   sing N N 368 
OWM C18 H9   sing N N 369 
OWM C22 H10  sing N N 370 
OWM C25 H11  sing N N 371 
OWM C29 H12  sing N N 372 
OWM C32 H13  sing N N 373 
OWM C32 H14  sing N N 374 
OWM C32 H15  sing N N 375 
OWM C35 H16  sing N N 376 
OWM C35 H17  sing N N 377 
OWM C35 H18  sing N N 378 
OWM C36 H19  sing N N 379 
OWM C38 H20  sing N N 380 
OWM C40 H21  sing N N 381 
OWM C40 H22  sing N N 382 
OWM C40 H23  sing N N 383 
OWM N01 H24  sing N N 384 
OWM N01 H25  sing N N 385 
OWM N07 H26  sing N N 386 
OWM N07 H27  sing N N 387 
OWM C26 H28  sing N N 388 
OWM C27 H29  sing N N 389 
OWM C27 H30  sing N N 390 
OWM C28 H31  sing N N 391 
OWM C28 H32  sing N N 392 
PHE N   CA   sing N N 393 
PHE N   H    sing N N 394 
PHE N   H2   sing N N 395 
PHE CA  C    sing N N 396 
PHE CA  CB   sing N N 397 
PHE CA  HA   sing N N 398 
PHE C   O    doub N N 399 
PHE C   OXT  sing N N 400 
PHE CB  CG   sing N N 401 
PHE CB  HB2  sing N N 402 
PHE CB  HB3  sing N N 403 
PHE CG  CD1  doub Y N 404 
PHE CG  CD2  sing Y N 405 
PHE CD1 CE1  sing Y N 406 
PHE CD1 HD1  sing N N 407 
PHE CD2 CE2  doub Y N 408 
PHE CD2 HD2  sing N N 409 
PHE CE1 CZ   doub Y N 410 
PHE CE1 HE1  sing N N 411 
PHE CE2 CZ   sing Y N 412 
PHE CE2 HE2  sing N N 413 
PHE CZ  HZ   sing N N 414 
PHE OXT HXT  sing N N 415 
PRO N   CA   sing N N 416 
PRO N   CD   sing N N 417 
PRO N   H    sing N N 418 
PRO CA  C    sing N N 419 
PRO CA  CB   sing N N 420 
PRO CA  HA   sing N N 421 
PRO C   O    doub N N 422 
PRO C   OXT  sing N N 423 
PRO CB  CG   sing N N 424 
PRO CB  HB2  sing N N 425 
PRO CB  HB3  sing N N 426 
PRO CG  CD   sing N N 427 
PRO CG  HG2  sing N N 428 
PRO CG  HG3  sing N N 429 
PRO CD  HD2  sing N N 430 
PRO CD  HD3  sing N N 431 
PRO OXT HXT  sing N N 432 
R0Y C40 O39  sing N N 433 
R0Y C14 O13  sing N N 434 
R0Y O13 C12  sing N N 435 
R0Y O39 C15  sing N N 436 
R0Y C12 C15  doub Y N 437 
R0Y C12 C11  sing Y N 438 
R0Y C15 C16  sing Y N 439 
R0Y C11 C10  doub Y N 440 
R0Y C16 C17  sing N N 441 
R0Y C16 C38  doub Y N 442 
R0Y N21 C22  doub N N 443 
R0Y N21 N20  sing N N 444 
R0Y C18 C17  doub N E 445 
R0Y C18 C19  sing N N 446 
R0Y C10 C38  sing Y N 447 
R0Y C10 C09  sing N N 448 
R0Y C04 N05  doub Y N 449 
R0Y C04 C03  sing Y N 450 
R0Y N05 C06  sing Y N 451 
R0Y C22 C23  sing N N 452 
R0Y N20 C19  sing N N 453 
R0Y N20 C25  sing N N 454 
R0Y C19 O37  doub N N 455 
R0Y C25 C24  sing N N 456 
R0Y C25 C26  sing N N 457 
R0Y C09 C03  sing N N 458 
R0Y C03 C02  doub Y N 459 
R0Y C06 N07  sing N N 460 
R0Y C06 N08  doub Y N 461 
R0Y C23 C24  doub Y N 462 
R0Y C23 C36  sing Y N 463 
R0Y C24 C29  sing Y N 464 
R0Y C36 C33  doub Y N 465 
R0Y C02 N08  sing Y N 466 
R0Y C02 N01  sing N N 467 
R0Y C26 C27  sing N N 468 
R0Y C26 C28  sing N N 469 
R0Y C27 C28  sing N N 470 
R0Y C29 C30  doub Y N 471 
R0Y C33 C30  sing Y N 472 
R0Y C33 O34  sing N N 473 
R0Y C30 O31  sing N N 474 
R0Y O34 C35  sing N N 475 
R0Y O31 C32  sing N N 476 
R0Y C04 H1   sing N N 477 
R0Y C09 H2   sing N N 478 
R0Y C09 H3   sing N N 479 
R0Y C11 H4   sing N N 480 
R0Y C14 H5   sing N N 481 
R0Y C14 H6   sing N N 482 
R0Y C14 H7   sing N N 483 
R0Y C17 H8   sing N N 484 
R0Y C18 H9   sing N N 485 
R0Y C22 H10  sing N N 486 
R0Y C25 H12  sing N N 487 
R0Y C29 H13  sing N N 488 
R0Y C32 H14  sing N N 489 
R0Y C32 H15  sing N N 490 
R0Y C32 H16  sing N N 491 
R0Y C35 H17  sing N N 492 
R0Y C35 H18  sing N N 493 
R0Y C35 H19  sing N N 494 
R0Y C36 H20  sing N N 495 
R0Y C38 H21  sing N N 496 
R0Y C40 H22  sing N N 497 
R0Y C40 H23  sing N N 498 
R0Y C40 H24  sing N N 499 
R0Y N01 H25  sing N N 500 
R0Y N01 H26  sing N N 501 
R0Y N07 H27  sing N N 502 
R0Y N07 H28  sing N N 503 
R0Y C26 H30  sing N N 504 
R0Y C27 H31  sing N N 505 
R0Y C27 H32  sing N N 506 
R0Y C28 H33  sing N N 507 
R0Y C28 H34  sing N N 508 
SER N   CA   sing N N 509 
SER N   H    sing N N 510 
SER N   H2   sing N N 511 
SER CA  C    sing N N 512 
SER CA  CB   sing N N 513 
SER CA  HA   sing N N 514 
SER C   O    doub N N 515 
SER C   OXT  sing N N 516 
SER CB  OG   sing N N 517 
SER CB  HB2  sing N N 518 
SER CB  HB3  sing N N 519 
SER OG  HG   sing N N 520 
SER OXT HXT  sing N N 521 
THR N   CA   sing N N 522 
THR N   H    sing N N 523 
THR N   H2   sing N N 524 
THR CA  C    sing N N 525 
THR CA  CB   sing N N 526 
THR CA  HA   sing N N 527 
THR C   O    doub N N 528 
THR C   OXT  sing N N 529 
THR CB  OG1  sing N N 530 
THR CB  CG2  sing N N 531 
THR CB  HB   sing N N 532 
THR OG1 HG1  sing N N 533 
THR CG2 HG21 sing N N 534 
THR CG2 HG22 sing N N 535 
THR CG2 HG23 sing N N 536 
THR OXT HXT  sing N N 537 
TRP N   CA   sing N N 538 
TRP N   H    sing N N 539 
TRP N   H2   sing N N 540 
TRP CA  C    sing N N 541 
TRP CA  CB   sing N N 542 
TRP CA  HA   sing N N 543 
TRP C   O    doub N N 544 
TRP C   OXT  sing N N 545 
TRP CB  CG   sing N N 546 
TRP CB  HB2  sing N N 547 
TRP CB  HB3  sing N N 548 
TRP CG  CD1  doub Y N 549 
TRP CG  CD2  sing Y N 550 
TRP CD1 NE1  sing Y N 551 
TRP CD1 HD1  sing N N 552 
TRP CD2 CE2  doub Y N 553 
TRP CD2 CE3  sing Y N 554 
TRP NE1 CE2  sing Y N 555 
TRP NE1 HE1  sing N N 556 
TRP CE2 CZ2  sing Y N 557 
TRP CE3 CZ3  doub Y N 558 
TRP CE3 HE3  sing N N 559 
TRP CZ2 CH2  doub Y N 560 
TRP CZ2 HZ2  sing N N 561 
TRP CZ3 CH2  sing Y N 562 
TRP CZ3 HZ3  sing N N 563 
TRP CH2 HH2  sing N N 564 
TRP OXT HXT  sing N N 565 
TYR N   CA   sing N N 566 
TYR N   H    sing N N 567 
TYR N   H2   sing N N 568 
TYR CA  C    sing N N 569 
TYR CA  CB   sing N N 570 
TYR CA  HA   sing N N 571 
TYR C   O    doub N N 572 
TYR C   OXT  sing N N 573 
TYR CB  CG   sing N N 574 
TYR CB  HB2  sing N N 575 
TYR CB  HB3  sing N N 576 
TYR CG  CD1  doub Y N 577 
TYR CG  CD2  sing Y N 578 
TYR CD1 CE1  sing Y N 579 
TYR CD1 HD1  sing N N 580 
TYR CD2 CE2  doub Y N 581 
TYR CD2 HD2  sing N N 582 
TYR CE1 CZ   doub Y N 583 
TYR CE1 HE1  sing N N 584 
TYR CE2 CZ   sing Y N 585 
TYR CE2 HE2  sing N N 586 
TYR CZ  OH   sing N N 587 
TYR OH  HH   sing N N 588 
TYR OXT HXT  sing N N 589 
VAL N   CA   sing N N 590 
VAL N   H    sing N N 591 
VAL N   H2   sing N N 592 
VAL CA  C    sing N N 593 
VAL CA  CB   sing N N 594 
VAL CA  HA   sing N N 595 
VAL C   O    doub N N 596 
VAL C   OXT  sing N N 597 
VAL CB  CG1  sing N N 598 
VAL CB  CG2  sing N N 599 
VAL CB  HB   sing N N 600 
VAL CG1 HG11 sing N N 601 
VAL CG1 HG12 sing N N 602 
VAL CG1 HG13 sing N N 603 
VAL CG2 HG21 sing N N 604 
VAL CG2 HG22 sing N N 605 
VAL CG2 HG23 sing N N 606 
VAL OXT HXT  sing N N 607 
# 
_pdbx_audit_support.funding_organization   
'National Institutes of Health/National Institute Of Allergy and Infectious Diseases (NIH/NIAID)' 
_pdbx_audit_support.country                'United States' 
_pdbx_audit_support.grant_number           R01-AI090685-01 
_pdbx_audit_support.ordinal                1 
# 
loop_
_pdbx_entity_nonpoly.entity_id 
_pdbx_entity_nonpoly.name 
_pdbx_entity_nonpoly.comp_id 
2 
;(2E)-1-[(1S)-1-cyclopropyl-6,7-dimethoxy-3,4-dihydrophthalazin-2(1H)-yl]-3-{5-[(2,4-diaminopyrimidin-5-yl)methyl]-2,3-dimethoxyphenyl}prop-2-en-1-one
;
R0Y 
3 
;(2E)-1-[(1R)-1-cyclopropyl-6,7-dimethoxyphthalazin-2(1H)-yl]-3-{5-[(2,4-diaminopyrimidin-5-yl)methyl]-2,3-dimethoxyphenyl}prop-2-en-1-one
;
OWM 
4 GLYCEROL GOL 
5 'NADP NICOTINAMIDE-ADENINE-DINUCLEOTIDE PHOSPHATE' NAP 
6 water HOH 
# 
_pdbx_initial_refinement_model.id               1 
_pdbx_initial_refinement_model.entity_id_list   ? 
_pdbx_initial_refinement_model.type             'experimental model' 
_pdbx_initial_refinement_model.source_name      PDB 
_pdbx_initial_refinement_model.accession_code   3M08 
_pdbx_initial_refinement_model.details          ? 
# 
_pdbx_struct_assembly_auth_evidence.id                     1 
_pdbx_struct_assembly_auth_evidence.assembly_id            1 
_pdbx_struct_assembly_auth_evidence.experimental_support   none 
_pdbx_struct_assembly_auth_evidence.details                ? 
# 
_space_group.name_H-M_alt     'P 61 2 2' 
_space_group.name_Hall        'P 61 2 (x,y,z+5/12)' 
_space_group.IT_number        178 
_space_group.crystal_system   hexagonal 
_space_group.id               1 
# 
